data_5CJY
# 
_entry.id   5CJY 
# 
_audit_conform.dict_name       mmcif_pdbx.dic 
_audit_conform.dict_version    5.379 
_audit_conform.dict_location   http://mmcif.pdb.org/dictionaries/ascii/mmcif_pdbx.dic 
# 
loop_
_database_2.database_id 
_database_2.database_code 
_database_2.pdbx_database_accession 
_database_2.pdbx_DOI 
PDB   5CJY         pdb_00005cjy 10.2210/pdb5cjy/pdb 
WWPDB D_1000211615 ?            ?                   
# 
_pdbx_database_status.status_code                     REL 
_pdbx_database_status.status_code_sf                  REL 
_pdbx_database_status.status_code_mr                  ? 
_pdbx_database_status.entry_id                        5CJY 
_pdbx_database_status.recvd_initial_deposition_date   2015-07-15 
_pdbx_database_status.SG_entry                        N 
_pdbx_database_status.deposit_site                    RCSB 
_pdbx_database_status.process_site                    RCSB 
_pdbx_database_status.status_code_cs                  ? 
_pdbx_database_status.methods_development_category    ? 
_pdbx_database_status.pdb_format_compatible           Y 
_pdbx_database_status.status_code_nmr_data            ? 
# 
_audit_author.name           'Sheng, J.' 
_audit_author.pdbx_ordinal   1 
# 
_citation.abstract                  ? 
_citation.abstract_id_CAS           ? 
_citation.book_id_ISBN              ? 
_citation.book_publisher            ? 
_citation.book_publisher_city       ? 
_citation.book_title                ? 
_citation.coordinate_linkage        ? 
_citation.country                   ? 
_citation.database_id_Medline       ? 
_citation.details                   ? 
_citation.id                        primary 
_citation.journal_abbrev            'To Be Published' 
_citation.journal_id_ASTM           ? 
_citation.journal_id_CSD            0353 
_citation.journal_id_ISSN           ? 
_citation.journal_full              ? 
_citation.journal_issue             ? 
_citation.journal_volume            ? 
_citation.language                  ? 
_citation.page_first                ? 
_citation.page_last                 ? 
_citation.title                     'Crystal structure of a B-form DNA duplex containing 5-hydroxylmethylcytidine' 
_citation.year                      ? 
_citation.database_id_CSD           ? 
_citation.pdbx_database_id_DOI      ? 
_citation.pdbx_database_id_PubMed   ? 
_citation.unpublished_flag          ? 
# 
_citation_author.citation_id        primary 
_citation_author.name               'Sheng, J.' 
_citation_author.ordinal            1 
_citation_author.identifier_ORCID   ? 
# 
_cell.angle_alpha                  90.00 
_cell.angle_alpha_esd              ? 
_cell.angle_beta                   90.00 
_cell.angle_beta_esd               ? 
_cell.angle_gamma                  90.00 
_cell.angle_gamma_esd              ? 
_cell.entry_id                     5CJY 
_cell.details                      ? 
_cell.formula_units_Z              ? 
_cell.length_a                     25.318 
_cell.length_a_esd                 ? 
_cell.length_b                     40.609 
_cell.length_b_esd                 ? 
_cell.length_c                     65.403 
_cell.length_c_esd                 ? 
_cell.volume                       ? 
_cell.volume_esd                   ? 
_cell.Z_PDB                        8 
_cell.reciprocal_angle_alpha       ? 
_cell.reciprocal_angle_beta        ? 
_cell.reciprocal_angle_gamma       ? 
_cell.reciprocal_angle_alpha_esd   ? 
_cell.reciprocal_angle_beta_esd    ? 
_cell.reciprocal_angle_gamma_esd   ? 
_cell.reciprocal_length_a          ? 
_cell.reciprocal_length_b          ? 
_cell.reciprocal_length_c          ? 
_cell.reciprocal_length_a_esd      ? 
_cell.reciprocal_length_b_esd      ? 
_cell.reciprocal_length_c_esd      ? 
_cell.pdbx_unique_axis             ? 
# 
_symmetry.entry_id                         5CJY 
_symmetry.cell_setting                     ? 
_symmetry.Int_Tables_number                19 
_symmetry.space_group_name_Hall            ? 
_symmetry.space_group_name_H-M             'P 21 21 21' 
_symmetry.pdbx_full_space_group_name_H-M   ? 
# 
loop_
_entity.id 
_entity.type 
_entity.src_method 
_entity.pdbx_description 
_entity.formula_weight 
_entity.pdbx_number_of_molecules 
_entity.pdbx_ec 
_entity.pdbx_mutation 
_entity.pdbx_fragment 
_entity.details 
1 polymer     syn 
;DNA (5'-D(*CP*GP*(5HC)P*GP*AP*AP*TP*TP*CP*GP*CP*G)-3')
;
3693.418 2  ? ? ? ? 
2 non-polymer syn 'MAGNESIUM ION'                                          24.305   1  ? ? ? ? 
3 water       nat water                                                    18.015   85 ? ? ? ? 
# 
_entity_poly.entity_id                      1 
_entity_poly.type                           polydeoxyribonucleotide 
_entity_poly.nstd_linkage                   no 
_entity_poly.nstd_monomer                   yes 
_entity_poly.pdbx_seq_one_letter_code       '(DC)(DG)(5HC)(DG)(DA)(DA)(DT)(DT)(DC)(DG)(DC)(DG)' 
_entity_poly.pdbx_seq_one_letter_code_can   CGXGAATTCGCG 
_entity_poly.pdbx_strand_id                 A,B 
_entity_poly.pdbx_target_identifier         ? 
# 
loop_
_entity_poly_seq.entity_id 
_entity_poly_seq.num 
_entity_poly_seq.mon_id 
_entity_poly_seq.hetero 
1 1  DC  n 
1 2  DG  n 
1 3  5HC n 
1 4  DG  n 
1 5  DA  n 
1 6  DA  n 
1 7  DT  n 
1 8  DT  n 
1 9  DC  n 
1 10 DG  n 
1 11 DC  n 
1 12 DG  n 
# 
_pdbx_entity_src_syn.entity_id              1 
_pdbx_entity_src_syn.pdbx_src_id            1 
_pdbx_entity_src_syn.pdbx_alt_source_flag   sample 
_pdbx_entity_src_syn.pdbx_beg_seq_num       1 
_pdbx_entity_src_syn.pdbx_end_seq_num       12 
_pdbx_entity_src_syn.organism_scientific    'synthetic construct' 
_pdbx_entity_src_syn.organism_common_name   ? 
_pdbx_entity_src_syn.ncbi_taxonomy_id       32630 
_pdbx_entity_src_syn.details                ? 
# 
_struct_ref.db_code                    5CJY 
_struct_ref.db_name                    PDB 
_struct_ref.details                    ? 
_struct_ref.entity_id                  1 
_struct_ref.id                         1 
_struct_ref.seq_align                  ? 
_struct_ref.seq_dif                    ? 
_struct_ref.pdbx_db_accession          5CJY 
_struct_ref.pdbx_db_isoform            ? 
_struct_ref.pdbx_seq_one_letter_code   ? 
_struct_ref.pdbx_align_begin           1 
_struct_ref.pdbx_align_end             ? 
# 
loop_
_struct_ref_seq.align_id 
_struct_ref_seq.ref_id 
_struct_ref_seq.pdbx_PDB_id_code 
_struct_ref_seq.pdbx_strand_id 
_struct_ref_seq.seq_align_beg 
_struct_ref_seq.pdbx_seq_align_beg_ins_code 
_struct_ref_seq.seq_align_end 
_struct_ref_seq.pdbx_seq_align_end_ins_code 
_struct_ref_seq.pdbx_db_accession 
_struct_ref_seq.db_align_beg 
_struct_ref_seq.pdbx_db_align_beg_ins_code 
_struct_ref_seq.db_align_end 
_struct_ref_seq.pdbx_db_align_end_ins_code 
_struct_ref_seq.pdbx_auth_seq_align_beg 
_struct_ref_seq.pdbx_auth_seq_align_end 
1 1 5CJY A 1 ? 12 ? 5CJY 1  ? 12 ? 1  12 
2 1 5CJY B 1 ? 12 ? 5CJY 13 ? 24 ? 13 24 
# 
loop_
_chem_comp.id 
_chem_comp.type 
_chem_comp.mon_nstd_flag 
_chem_comp.name 
_chem_comp.pdbx_synonyms 
_chem_comp.formula 
_chem_comp.formula_weight 
5HC 'DNA linking' n 
;2'-deoxy-5-(hydroxymethyl)cytidine 5'-(dihydrogen phosphate)
;
? 'C10 H16 N3 O8 P' 337.223 
DA  'DNA linking' y "2'-DEOXYADENOSINE-5'-MONOPHOSPHATE"                           ? 'C10 H14 N5 O6 P' 331.222 
DC  'DNA linking' y "2'-DEOXYCYTIDINE-5'-MONOPHOSPHATE"                            ? 'C9 H14 N3 O7 P'  307.197 
DG  'DNA linking' y "2'-DEOXYGUANOSINE-5'-MONOPHOSPHATE"                           ? 'C10 H14 N5 O7 P' 347.221 
DT  'DNA linking' y "THYMIDINE-5'-MONOPHOSPHATE"                                   ? 'C10 H15 N2 O8 P' 322.208 
HOH non-polymer   . WATER                                                          ? 'H2 O'            18.015  
MG  non-polymer   . 'MAGNESIUM ION'                                                ? 'Mg 2'            24.305  
# 
_exptl.absorpt_coefficient_mu     ? 
_exptl.absorpt_correction_T_max   ? 
_exptl.absorpt_correction_T_min   ? 
_exptl.absorpt_correction_type    ? 
_exptl.absorpt_process_details    ? 
_exptl.entry_id                   5CJY 
_exptl.crystals_number            ? 
_exptl.details                    ? 
_exptl.method                     'X-RAY DIFFRACTION' 
_exptl.method_details             ? 
# 
_exptl_crystal.colour                      ? 
_exptl_crystal.density_diffrn              ? 
_exptl_crystal.density_Matthews            2.33 
_exptl_crystal.density_method              ? 
_exptl_crystal.density_percent_sol         47.29 
_exptl_crystal.description                 ? 
_exptl_crystal.F_000                       ? 
_exptl_crystal.id                          1 
_exptl_crystal.preparation                 ? 
_exptl_crystal.size_max                    ? 
_exptl_crystal.size_mid                    ? 
_exptl_crystal.size_min                    ? 
_exptl_crystal.size_rad                    ? 
_exptl_crystal.colour_lustre               ? 
_exptl_crystal.colour_modifier             ? 
_exptl_crystal.colour_primary              ? 
_exptl_crystal.density_meas                ? 
_exptl_crystal.density_meas_esd            ? 
_exptl_crystal.density_meas_gt             ? 
_exptl_crystal.density_meas_lt             ? 
_exptl_crystal.density_meas_temp           ? 
_exptl_crystal.density_meas_temp_esd       ? 
_exptl_crystal.density_meas_temp_gt        ? 
_exptl_crystal.density_meas_temp_lt        ? 
_exptl_crystal.pdbx_crystal_image_url      ? 
_exptl_crystal.pdbx_crystal_image_format   ? 
_exptl_crystal.pdbx_mosaicity              ? 
_exptl_crystal.pdbx_mosaicity_esd          ? 
# 
_exptl_crystal_grow.apparatus       ? 
_exptl_crystal_grow.atmosphere      ? 
_exptl_crystal_grow.crystal_id      1 
_exptl_crystal_grow.details         ? 
_exptl_crystal_grow.method          'VAPOR DIFFUSION, HANGING DROP' 
_exptl_crystal_grow.method_ref      ? 
_exptl_crystal_grow.pH              7.0 
_exptl_crystal_grow.pressure        ? 
_exptl_crystal_grow.pressure_esd    ? 
_exptl_crystal_grow.seeding         ? 
_exptl_crystal_grow.seeding_ref     ? 
_exptl_crystal_grow.temp            298 
_exptl_crystal_grow.temp_details    ? 
_exptl_crystal_grow.temp_esd        ? 
_exptl_crystal_grow.time            ? 
_exptl_crystal_grow.pdbx_details    '10% MPD, 40 mM Na cacodylate pH 7.0, 12 mM spermine tetra-HCl, 12mM KCl and 80 mM NaCl' 
_exptl_crystal_grow.pdbx_pH_range   ? 
# 
_diffrn.ambient_environment    ? 
_diffrn.ambient_temp           99 
_diffrn.ambient_temp_details   ? 
_diffrn.ambient_temp_esd       ? 
_diffrn.crystal_id             1 
_diffrn.crystal_support        ? 
_diffrn.crystal_treatment      ? 
_diffrn.details                ? 
_diffrn.id                     1 
_diffrn.ambient_pressure       ? 
_diffrn.ambient_pressure_esd   ? 
_diffrn.ambient_pressure_gt    ? 
_diffrn.ambient_pressure_lt    ? 
_diffrn.ambient_temp_gt        ? 
_diffrn.ambient_temp_lt        ? 
# 
_diffrn_detector.details                      ? 
_diffrn_detector.detector                     CCD 
_diffrn_detector.diffrn_id                    1 
_diffrn_detector.type                         'ADSC QUANTUM 315' 
_diffrn_detector.area_resol_mean              ? 
_diffrn_detector.dtime                        ? 
_diffrn_detector.pdbx_frames_total            ? 
_diffrn_detector.pdbx_collection_time_total   ? 
_diffrn_detector.pdbx_collection_date         2010-07-19 
# 
_diffrn_radiation.collimation                      ? 
_diffrn_radiation.diffrn_id                        1 
_diffrn_radiation.filter_edge                      ? 
_diffrn_radiation.inhomogeneity                    ? 
_diffrn_radiation.monochromator                    Si 
_diffrn_radiation.polarisn_norm                    ? 
_diffrn_radiation.polarisn_ratio                   ? 
_diffrn_radiation.probe                            ? 
_diffrn_radiation.type                             ? 
_diffrn_radiation.xray_symbol                      ? 
_diffrn_radiation.wavelength_id                    1 
_diffrn_radiation.pdbx_monochromatic_or_laue_m_l   M 
_diffrn_radiation.pdbx_wavelength_list             ? 
_diffrn_radiation.pdbx_wavelength                  ? 
_diffrn_radiation.pdbx_diffrn_protocol             'SINGLE WAVELENGTH' 
_diffrn_radiation.pdbx_analyzer                    ? 
_diffrn_radiation.pdbx_scattering_type             x-ray 
# 
_diffrn_radiation_wavelength.id           1 
_diffrn_radiation_wavelength.wavelength   1.0 
_diffrn_radiation_wavelength.wt           1.0 
# 
_diffrn_source.current                     ? 
_diffrn_source.details                     ? 
_diffrn_source.diffrn_id                   1 
_diffrn_source.power                       ? 
_diffrn_source.size                        ? 
_diffrn_source.source                      SYNCHROTRON 
_diffrn_source.target                      ? 
_diffrn_source.type                        'ALS BEAMLINE 8.2.2' 
_diffrn_source.voltage                     ? 
_diffrn_source.take-off_angle              ? 
_diffrn_source.pdbx_wavelength_list        1.0 
_diffrn_source.pdbx_wavelength             ? 
_diffrn_source.pdbx_synchrotron_beamline   8.2.2 
_diffrn_source.pdbx_synchrotron_site       ALS 
# 
_reflns.B_iso_Wilson_estimate            ? 
_reflns.entry_id                         5CJY 
_reflns.data_reduction_details           ? 
_reflns.data_reduction_method            ? 
_reflns.d_resolution_high                1.55 
_reflns.d_resolution_low                 50 
_reflns.details                          ? 
_reflns.limit_h_max                      ? 
_reflns.limit_h_min                      ? 
_reflns.limit_k_max                      ? 
_reflns.limit_k_min                      ? 
_reflns.limit_l_max                      ? 
_reflns.limit_l_min                      ? 
_reflns.number_all                       ? 
_reflns.number_obs                       10064 
_reflns.observed_criterion               ? 
_reflns.observed_criterion_F_max         ? 
_reflns.observed_criterion_F_min         ? 
_reflns.observed_criterion_I_max         ? 
_reflns.observed_criterion_I_min         ? 
_reflns.observed_criterion_sigma_F       ? 
_reflns.observed_criterion_sigma_I       ? 
_reflns.percent_possible_obs             88.6 
_reflns.R_free_details                   ? 
_reflns.Rmerge_F_all                     ? 
_reflns.Rmerge_F_obs                     ? 
_reflns.Friedel_coverage                 ? 
_reflns.number_gt                        ? 
_reflns.threshold_expression             ? 
_reflns.pdbx_redundancy                  14.9 
_reflns.pdbx_Rmerge_I_obs                0.026 
_reflns.pdbx_Rmerge_I_all                ? 
_reflns.pdbx_Rsym_value                  ? 
_reflns.pdbx_netI_over_av_sigmaI         ? 
_reflns.pdbx_netI_over_sigmaI            59 
_reflns.pdbx_res_netI_over_av_sigmaI_2   ? 
_reflns.pdbx_res_netI_over_sigmaI_2      ? 
_reflns.pdbx_chi_squared                 ? 
_reflns.pdbx_scaling_rejects             ? 
_reflns.pdbx_d_res_high_opt              ? 
_reflns.pdbx_d_res_low_opt               ? 
_reflns.pdbx_d_res_opt_method            ? 
_reflns.phase_calculation_details        ? 
_reflns.pdbx_Rrim_I_all                  ? 
_reflns.pdbx_Rpim_I_all                  ? 
_reflns.pdbx_d_opt                       ? 
_reflns.pdbx_number_measured_all         ? 
_reflns.pdbx_diffrn_id                   1 
_reflns.pdbx_ordinal                     1 
_reflns.pdbx_CC_half                     ? 
_reflns.pdbx_R_split                     ? 
# 
_reflns_shell.d_res_high                  1.55 
_reflns_shell.d_res_low                   1.62 
_reflns_shell.meanI_over_sigI_all         ? 
_reflns_shell.meanI_over_sigI_obs         7.15 
_reflns_shell.number_measured_all         ? 
_reflns_shell.number_measured_obs         ? 
_reflns_shell.number_possible             ? 
_reflns_shell.number_unique_all           ? 
_reflns_shell.number_unique_obs           ? 
_reflns_shell.percent_possible_all        63.4 
_reflns_shell.percent_possible_obs        ? 
_reflns_shell.Rmerge_F_all                ? 
_reflns_shell.Rmerge_F_obs                ? 
_reflns_shell.Rmerge_I_all                ? 
_reflns_shell.Rmerge_I_obs                0.277 
_reflns_shell.meanI_over_sigI_gt          ? 
_reflns_shell.meanI_over_uI_all           ? 
_reflns_shell.meanI_over_uI_gt            ? 
_reflns_shell.number_measured_gt          ? 
_reflns_shell.number_unique_gt            ? 
_reflns_shell.percent_possible_gt         ? 
_reflns_shell.Rmerge_F_gt                 ? 
_reflns_shell.Rmerge_I_gt                 ? 
_reflns_shell.pdbx_redundancy             8.1 
_reflns_shell.pdbx_Rsym_value             ? 
_reflns_shell.pdbx_chi_squared            ? 
_reflns_shell.pdbx_netI_over_sigmaI_all   ? 
_reflns_shell.pdbx_netI_over_sigmaI_obs   ? 
_reflns_shell.pdbx_Rrim_I_all             ? 
_reflns_shell.pdbx_Rpim_I_all             ? 
_reflns_shell.pdbx_rejects                ? 
_reflns_shell.pdbx_ordinal                1 
_reflns_shell.pdbx_diffrn_id              1 
_reflns_shell.pdbx_CC_half                ? 
_reflns_shell.pdbx_R_split                ? 
# 
_refine.aniso_B[1][1]                            31.28 
_refine.aniso_B[1][2]                            0.00 
_refine.aniso_B[1][3]                            0.00 
_refine.aniso_B[2][2]                            -10.94 
_refine.aniso_B[2][3]                            -0.00 
_refine.aniso_B[3][3]                            -20.34 
_refine.B_iso_max                                ? 
_refine.B_iso_mean                               28.920 
_refine.B_iso_min                                ? 
_refine.correlation_coeff_Fo_to_Fc               0.967 
_refine.correlation_coeff_Fo_to_Fc_free          0.963 
_refine.details                                  'HYDROGENS HAVE BEEN ADDED IN THE RIDING POSITIONS' 
_refine.diff_density_max                         ? 
_refine.diff_density_max_esd                     ? 
_refine.diff_density_min                         ? 
_refine.diff_density_min_esd                     ? 
_refine.diff_density_rms                         ? 
_refine.diff_density_rms_esd                     ? 
_refine.entry_id                                 5CJY 
_refine.pdbx_refine_id                           'X-RAY DIFFRACTION' 
_refine.ls_abs_structure_details                 ? 
_refine.ls_abs_structure_Flack                   ? 
_refine.ls_abs_structure_Flack_esd               ? 
_refine.ls_abs_structure_Rogers                  ? 
_refine.ls_abs_structure_Rogers_esd              ? 
_refine.ls_d_res_high                            1.55 
_refine.ls_d_res_low                             34.50 
_refine.ls_extinction_coef                       ? 
_refine.ls_extinction_coef_esd                   ? 
_refine.ls_extinction_expression                 ? 
_refine.ls_extinction_method                     ? 
_refine.ls_goodness_of_fit_all                   ? 
_refine.ls_goodness_of_fit_all_esd               ? 
_refine.ls_goodness_of_fit_obs                   ? 
_refine.ls_goodness_of_fit_obs_esd               ? 
_refine.ls_hydrogen_treatment                    ? 
_refine.ls_matrix_type                           ? 
_refine.ls_number_constraints                    ? 
_refine.ls_number_parameters                     ? 
_refine.ls_number_reflns_all                     ? 
_refine.ls_number_reflns_obs                     9098 
_refine.ls_number_reflns_R_free                  447 
_refine.ls_number_reflns_R_work                  ? 
_refine.ls_number_restraints                     ? 
_refine.ls_percent_reflns_obs                    92.54 
_refine.ls_percent_reflns_R_free                 4.7 
_refine.ls_R_factor_all                          ? 
_refine.ls_R_factor_obs                          0.20479 
_refine.ls_R_factor_R_free                       0.25057 
_refine.ls_R_factor_R_free_error                 ? 
_refine.ls_R_factor_R_free_error_details         ? 
_refine.ls_R_factor_R_work                       0.20258 
_refine.ls_R_Fsqd_factor_obs                     ? 
_refine.ls_R_I_factor_obs                        ? 
_refine.ls_redundancy_reflns_all                 ? 
_refine.ls_redundancy_reflns_obs                 ? 
_refine.ls_restrained_S_all                      ? 
_refine.ls_restrained_S_obs                      ? 
_refine.ls_shift_over_esd_max                    ? 
_refine.ls_shift_over_esd_mean                   ? 
_refine.ls_structure_factor_coef                 ? 
_refine.ls_weighting_details                     ? 
_refine.ls_weighting_scheme                      ? 
_refine.ls_wR_factor_all                         ? 
_refine.ls_wR_factor_obs                         ? 
_refine.ls_wR_factor_R_free                      ? 
_refine.ls_wR_factor_R_work                      ? 
_refine.occupancy_max                            ? 
_refine.occupancy_min                            ? 
_refine.solvent_model_details                    MASK 
_refine.solvent_model_param_bsol                 ? 
_refine.solvent_model_param_ksol                 ? 
_refine.ls_R_factor_gt                           ? 
_refine.ls_goodness_of_fit_gt                    ? 
_refine.ls_goodness_of_fit_ref                   ? 
_refine.ls_shift_over_su_max                     ? 
_refine.ls_shift_over_su_max_lt                  ? 
_refine.ls_shift_over_su_mean                    ? 
_refine.ls_shift_over_su_mean_lt                 ? 
_refine.pdbx_ls_sigma_I                          ? 
_refine.pdbx_ls_sigma_F                          ? 
_refine.pdbx_ls_sigma_Fsqd                       ? 
_refine.pdbx_data_cutoff_high_absF               ? 
_refine.pdbx_data_cutoff_high_rms_absF           ? 
_refine.pdbx_data_cutoff_low_absF                ? 
_refine.pdbx_isotropic_thermal_model             ? 
_refine.pdbx_ls_cross_valid_method               THROUGHOUT 
_refine.pdbx_method_to_determine_struct          'MOLECULAR REPLACEMENT' 
_refine.pdbx_starting_model                      1BNA 
_refine.pdbx_stereochemistry_target_values       'MAXIMUM LIKELIHOOD' 
_refine.pdbx_R_Free_selection_details            RANDOM 
_refine.pdbx_stereochem_target_val_spec_case     ? 
_refine.pdbx_overall_ESU_R                       0.027 
_refine.pdbx_overall_ESU_R_Free                  0.022 
_refine.pdbx_solvent_vdw_probe_radii             1.20 
_refine.pdbx_solvent_ion_probe_radii             0.80 
_refine.pdbx_solvent_shrinkage_radii             0.80 
_refine.pdbx_real_space_R                        ? 
_refine.pdbx_density_correlation                 ? 
_refine.pdbx_pd_number_of_powder_patterns        ? 
_refine.pdbx_pd_number_of_points                 ? 
_refine.pdbx_pd_meas_number_of_points            ? 
_refine.pdbx_pd_proc_ls_prof_R_factor            ? 
_refine.pdbx_pd_proc_ls_prof_wR_factor           ? 
_refine.pdbx_pd_Marquardt_correlation_coeff      ? 
_refine.pdbx_pd_Fsqrd_R_factor                   ? 
_refine.pdbx_pd_ls_matrix_band_width             ? 
_refine.pdbx_overall_phase_error                 ? 
_refine.pdbx_overall_SU_R_free_Cruickshank_DPI   ? 
_refine.pdbx_overall_SU_R_free_Blow_DPI          ? 
_refine.pdbx_overall_SU_R_Blow_DPI               ? 
_refine.pdbx_TLS_residual_ADP_flag               ? 
_refine.pdbx_diffrn_id                           1 
_refine.overall_SU_B                             4.188 
_refine.overall_SU_ML                            0.068 
_refine.overall_SU_R_Cruickshank_DPI             ? 
_refine.overall_SU_R_free                        ? 
_refine.overall_FOM_free_R_set                   ? 
_refine.overall_FOM_work_R_set                   ? 
_refine.pdbx_average_fsc_overall                 ? 
_refine.pdbx_average_fsc_work                    ? 
_refine.pdbx_average_fsc_free                    ? 
# 
_refine_hist.pdbx_refine_id                   'X-RAY DIFFRACTION' 
_refine_hist.cycle_id                         1 
_refine_hist.pdbx_number_atoms_protein        0 
_refine_hist.pdbx_number_atoms_nucleic_acid   490 
_refine_hist.pdbx_number_atoms_ligand         1 
_refine_hist.number_atoms_solvent             85 
_refine_hist.number_atoms_total               576 
_refine_hist.d_res_high                       1.55 
_refine_hist.d_res_low                        34.50 
# 
loop_
_refine_ls_restr.pdbx_refine_id 
_refine_ls_restr.criterion 
_refine_ls_restr.dev_ideal 
_refine_ls_restr.dev_ideal_target 
_refine_ls_restr.number 
_refine_ls_restr.rejects 
_refine_ls_restr.type 
_refine_ls_restr.weight 
_refine_ls_restr.pdbx_restraint_function 
'X-RAY DIFFRACTION' ? 0.003  0.011 548 ? r_bond_refined_d             ? ? 
'X-RAY DIFFRACTION' ? 0.005  0.020 272 ? r_bond_other_d               ? ? 
'X-RAY DIFFRACTION' ? 1.098  1.173 840 ? r_angle_refined_deg          ? ? 
'X-RAY DIFFRACTION' ? 2.705  3.000 644 ? r_angle_other_deg            ? ? 
'X-RAY DIFFRACTION' ? ?      ?     ?   ? r_dihedral_angle_1_deg       ? ? 
'X-RAY DIFFRACTION' ? ?      ?     ?   ? r_dihedral_angle_2_deg       ? ? 
'X-RAY DIFFRACTION' ? ?      ?     ?   ? r_dihedral_angle_3_deg       ? ? 
'X-RAY DIFFRACTION' ? ?      ?     ?   ? r_dihedral_angle_4_deg       ? ? 
'X-RAY DIFFRACTION' ? 0.109  0.200 72  ? r_chiral_restr               ? ? 
'X-RAY DIFFRACTION' ? 0.010  0.020 290 ? r_gen_planes_refined         ? ? 
'X-RAY DIFFRACTION' ? 0.003  0.020 122 ? r_gen_planes_other           ? ? 
'X-RAY DIFFRACTION' ? ?      ?     ?   ? r_nbd_refined                ? ? 
'X-RAY DIFFRACTION' ? ?      ?     ?   ? r_nbd_other                  ? ? 
'X-RAY DIFFRACTION' ? ?      ?     ?   ? r_nbtor_refined              ? ? 
'X-RAY DIFFRACTION' ? ?      ?     ?   ? r_nbtor_other                ? ? 
'X-RAY DIFFRACTION' ? ?      ?     ?   ? r_xyhbond_nbd_refined        ? ? 
'X-RAY DIFFRACTION' ? ?      ?     ?   ? r_xyhbond_nbd_other          ? ? 
'X-RAY DIFFRACTION' ? ?      ?     ?   ? r_metal_ion_refined          ? ? 
'X-RAY DIFFRACTION' ? ?      ?     ?   ? r_metal_ion_other            ? ? 
'X-RAY DIFFRACTION' ? ?      ?     ?   ? r_symmetry_vdw_refined       ? ? 
'X-RAY DIFFRACTION' ? ?      ?     ?   ? r_symmetry_vdw_other         ? ? 
'X-RAY DIFFRACTION' ? ?      ?     ?   ? r_symmetry_hbond_refined     ? ? 
'X-RAY DIFFRACTION' ? ?      ?     ?   ? r_symmetry_hbond_other       ? ? 
'X-RAY DIFFRACTION' ? ?      ?     ?   ? r_symmetry_metal_ion_refined ? ? 
'X-RAY DIFFRACTION' ? ?      ?     ?   ? r_symmetry_metal_ion_other   ? ? 
'X-RAY DIFFRACTION' ? ?      ?     ?   ? r_mcbond_it                  ? ? 
'X-RAY DIFFRACTION' ? ?      ?     ?   ? r_mcbond_other               ? ? 
'X-RAY DIFFRACTION' ? ?      ?     ?   ? r_mcangle_it                 ? ? 
'X-RAY DIFFRACTION' ? ?      ?     ?   ? r_mcangle_other              ? ? 
'X-RAY DIFFRACTION' ? ?      ?     ?   ? r_scbond_it                  ? ? 
'X-RAY DIFFRACTION' ? ?      ?     ?   ? r_scbond_other               ? ? 
'X-RAY DIFFRACTION' ? ?      ?     ?   ? r_scangle_it                 ? ? 
'X-RAY DIFFRACTION' ? ?      ?     ?   ? r_scangle_other              ? ? 
'X-RAY DIFFRACTION' ? ?      ?     ?   ? r_long_range_B_refined       ? ? 
'X-RAY DIFFRACTION' ? ?      ?     ?   ? r_long_range_B_other         ? ? 
'X-RAY DIFFRACTION' ? 1.478  3.000 820 ? r_rigid_bond_restr           ? ? 
'X-RAY DIFFRACTION' ? 42.827 5.000 28  ? r_sphericity_free            ? ? 
'X-RAY DIFFRACTION' ? 18.514 5.000 820 ? r_sphericity_bonded          ? ? 
# 
loop_
_refine_ls_restr_ncs.pdbx_refine_id 
_refine_ls_restr_ncs.dom_id 
_refine_ls_restr_ncs.pdbx_ens_id 
_refine_ls_restr_ncs.pdbx_ordinal 
_refine_ls_restr_ncs.ncs_model_details 
_refine_ls_restr_ncs.rms_dev_position 
_refine_ls_restr_ncs.weight_position 
_refine_ls_restr_ncs.rms_dev_B_iso 
_refine_ls_restr_ncs.weight_B_iso 
_refine_ls_restr_ncs.pdbx_auth_asym_id 
_refine_ls_restr_ncs.pdbx_number 
_refine_ls_restr_ncs.pdbx_type 
_refine_ls_restr_ncs.pdbx_asym_id 
_refine_ls_restr_ncs.pdbx_rms 
_refine_ls_restr_ncs.pdbx_weight 
'X-RAY DIFFRACTION' 1 1 1 ? 0.12 0.05 ? ? A 717 'interatomic distance' ? ? ? 
'X-RAY DIFFRACTION' 2 1 2 ? 0.12 0.05 ? ? B 717 'interatomic distance' ? ? ? 
# 
_refine_ls_shell.pdbx_refine_id                   'X-RAY DIFFRACTION' 
_refine_ls_shell.d_res_high                       1.550 
_refine_ls_shell.d_res_low                        1.590 
_refine_ls_shell.number_reflns_all                ? 
_refine_ls_shell.number_reflns_obs                ? 
_refine_ls_shell.number_reflns_R_free             27 
_refine_ls_shell.number_reflns_R_work             433 
_refine_ls_shell.percent_reflns_obs               60.05 
_refine_ls_shell.percent_reflns_R_free            ? 
_refine_ls_shell.R_factor_all                     ? 
_refine_ls_shell.R_factor_obs                     ? 
_refine_ls_shell.R_factor_R_free                  0.270 
_refine_ls_shell.R_factor_R_free_error            ? 
_refine_ls_shell.R_factor_R_work                  0.212 
_refine_ls_shell.redundancy_reflns_all            ? 
_refine_ls_shell.redundancy_reflns_obs            ? 
_refine_ls_shell.wR_factor_all                    ? 
_refine_ls_shell.wR_factor_obs                    ? 
_refine_ls_shell.wR_factor_R_free                 ? 
_refine_ls_shell.wR_factor_R_work                 ? 
_refine_ls_shell.pdbx_total_number_of_bins_used   20 
_refine_ls_shell.pdbx_phase_error                 ? 
_refine_ls_shell.pdbx_fsc_work                    ? 
_refine_ls_shell.pdbx_fsc_free                    ? 
# 
loop_
_struct_ncs_dom.id 
_struct_ncs_dom.details 
_struct_ncs_dom.pdbx_ens_id 
1 A 1 
2 B 1 
# 
loop_
_struct_ncs_dom_lim.pdbx_ens_id 
_struct_ncs_dom_lim.dom_id 
_struct_ncs_dom_lim.pdbx_component_id 
_struct_ncs_dom_lim.beg_label_asym_id 
_struct_ncs_dom_lim.beg_label_comp_id 
_struct_ncs_dom_lim.beg_label_seq_id 
_struct_ncs_dom_lim.beg_label_alt_id 
_struct_ncs_dom_lim.end_label_asym_id 
_struct_ncs_dom_lim.end_label_comp_id 
_struct_ncs_dom_lim.end_label_seq_id 
_struct_ncs_dom_lim.end_label_alt_id 
_struct_ncs_dom_lim.beg_auth_asym_id 
_struct_ncs_dom_lim.beg_auth_comp_id 
_struct_ncs_dom_lim.beg_auth_seq_id 
_struct_ncs_dom_lim.end_auth_asym_id 
_struct_ncs_dom_lim.end_auth_comp_id 
_struct_ncs_dom_lim.end_auth_seq_id 
_struct_ncs_dom_lim.pdbx_refine_code 
_struct_ncs_dom_lim.selection_details 
1 1 0 A DC 1 . A DG 12 . A DC 1  A DG 12 0 ? 
1 2 0 B DC 1 . B DG 12 . B DC 13 B DG 24 0 ? 
# 
_struct_ncs_ens.id        1 
_struct_ncs_ens.details   ? 
# 
_struct.entry_id                     5CJY 
_struct.title                        'Crystal structure of a B-form DNA duplex containing 5-hydroxylmethylcytidine' 
_struct.pdbx_model_details           ? 
_struct.pdbx_formula_weight          ? 
_struct.pdbx_formula_weight_method   ? 
_struct.pdbx_model_type_details      ? 
_struct.pdbx_CASP_flag               ? 
# 
_struct_keywords.entry_id        5CJY 
_struct_keywords.text            'DNA duplex, B-form, 5-hydroxylmethylcytidine, DNA' 
_struct_keywords.pdbx_keywords   DNA 
# 
loop_
_struct_asym.id 
_struct_asym.pdbx_blank_PDB_chainid_flag 
_struct_asym.pdbx_modified 
_struct_asym.entity_id 
_struct_asym.details 
A N N 1 ? 
B N N 1 ? 
C N N 2 ? 
D N N 3 ? 
E N N 3 ? 
# 
loop_
_struct_conn.id 
_struct_conn.conn_type_id 
_struct_conn.pdbx_leaving_atom_flag 
_struct_conn.pdbx_PDB_id 
_struct_conn.ptnr1_label_asym_id 
_struct_conn.ptnr1_label_comp_id 
_struct_conn.ptnr1_label_seq_id 
_struct_conn.ptnr1_label_atom_id 
_struct_conn.pdbx_ptnr1_label_alt_id 
_struct_conn.pdbx_ptnr1_PDB_ins_code 
_struct_conn.pdbx_ptnr1_standard_comp_id 
_struct_conn.ptnr1_symmetry 
_struct_conn.ptnr2_label_asym_id 
_struct_conn.ptnr2_label_comp_id 
_struct_conn.ptnr2_label_seq_id 
_struct_conn.ptnr2_label_atom_id 
_struct_conn.pdbx_ptnr2_label_alt_id 
_struct_conn.pdbx_ptnr2_PDB_ins_code 
_struct_conn.ptnr1_auth_asym_id 
_struct_conn.ptnr1_auth_comp_id 
_struct_conn.ptnr1_auth_seq_id 
_struct_conn.ptnr2_auth_asym_id 
_struct_conn.ptnr2_auth_comp_id 
_struct_conn.ptnr2_auth_seq_id 
_struct_conn.ptnr2_symmetry 
_struct_conn.pdbx_ptnr3_label_atom_id 
_struct_conn.pdbx_ptnr3_label_seq_id 
_struct_conn.pdbx_ptnr3_label_comp_id 
_struct_conn.pdbx_ptnr3_label_asym_id 
_struct_conn.pdbx_ptnr3_label_alt_id 
_struct_conn.pdbx_ptnr3_PDB_ins_code 
_struct_conn.details 
_struct_conn.pdbx_dist_value 
_struct_conn.pdbx_value_order 
_struct_conn.pdbx_role 
covale1  covale both ? A DG  2  "O3'" ? ? ? 1_555 A 5HC 3  P  ? ? A DG  2   A 5HC 3   1_555 ? ? ? ? ? ? ?            1.601 ? ? 
covale2  covale both ? A 5HC 3  "O3'" ? ? ? 1_555 A DG  4  P  ? ? A 5HC 3   A DG  4   1_555 ? ? ? ? ? ? ?            1.593 ? ? 
covale3  covale both ? B DG  2  "O3'" ? ? ? 1_555 B 5HC 3  P  ? ? B DG  14  B 5HC 15  1_555 ? ? ? ? ? ? ?            1.609 ? ? 
covale4  covale both ? B 5HC 3  "O3'" ? ? ? 1_555 B DG  4  P  ? ? B 5HC 15  B DG  16  1_555 ? ? ? ? ? ? ?            1.597 ? ? 
metalc1  metalc ?    ? C MG  .  MG    ? ? ? 1_555 D HOH .  O  ? ? A MG  101 A HOH 211 1_555 ? ? ? ? ? ? ?            2.047 ? ? 
metalc2  metalc ?    ? C MG  .  MG    ? ? ? 1_555 D HOH .  O  ? ? A MG  101 A HOH 215 1_555 ? ? ? ? ? ? ?            2.228 ? ? 
metalc3  metalc ?    ? C MG  .  MG    ? ? ? 1_555 D HOH .  O  ? ? A MG  101 A HOH 238 1_555 ? ? ? ? ? ? ?            2.008 ? ? 
metalc4  metalc ?    ? C MG  .  MG    ? ? ? 1_555 E HOH .  O  ? ? A MG  101 B HOH 109 1_555 ? ? ? ? ? ? ?            2.059 ? ? 
metalc5  metalc ?    ? C MG  .  MG    ? ? ? 1_555 E HOH .  O  ? ? A MG  101 B HOH 143 1_555 ? ? ? ? ? ? ?            2.061 ? ? 
metalc6  metalc ?    ? C MG  .  MG    ? ? ? 1_555 E HOH .  O  ? ? A MG  101 B HOH 145 1_555 ? ? ? ? ? ? ?            2.124 ? ? 
hydrog1  hydrog ?    ? A DC  1  N3    ? ? ? 1_555 B DG  12 N1 ? ? A DC  1   B DG  24  1_555 ? ? ? ? ? ? WATSON-CRICK ?     ? ? 
hydrog2  hydrog ?    ? A DC  1  N4    ? ? ? 1_555 B DG  12 O6 ? ? A DC  1   B DG  24  1_555 ? ? ? ? ? ? WATSON-CRICK ?     ? ? 
hydrog3  hydrog ?    ? A DC  1  O2    ? ? ? 1_555 B DG  12 N2 ? ? A DC  1   B DG  24  1_555 ? ? ? ? ? ? WATSON-CRICK ?     ? ? 
hydrog4  hydrog ?    ? A DG  2  N1    ? ? ? 1_555 B DC  11 N3 ? ? A DG  2   B DC  23  1_555 ? ? ? ? ? ? WATSON-CRICK ?     ? ? 
hydrog5  hydrog ?    ? A DG  2  N2    ? ? ? 1_555 B DC  11 O2 ? ? A DG  2   B DC  23  1_555 ? ? ? ? ? ? WATSON-CRICK ?     ? ? 
hydrog6  hydrog ?    ? A DG  2  O6    ? ? ? 1_555 B DC  11 N4 ? ? A DG  2   B DC  23  1_555 ? ? ? ? ? ? WATSON-CRICK ?     ? ? 
hydrog7  hydrog ?    ? A 5HC 3  N3    ? ? ? 1_555 B DG  10 N1 ? ? A 5HC 3   B DG  22  1_555 ? ? ? ? ? ? WATSON-CRICK ?     ? ? 
hydrog8  hydrog ?    ? A 5HC 3  N4    ? ? ? 1_555 B DG  10 O6 ? ? A 5HC 3   B DG  22  1_555 ? ? ? ? ? ? WATSON-CRICK ?     ? ? 
hydrog9  hydrog ?    ? A 5HC 3  O2    ? ? ? 1_555 B DG  10 N2 ? ? A 5HC 3   B DG  22  1_555 ? ? ? ? ? ? WATSON-CRICK ?     ? ? 
hydrog10 hydrog ?    ? A DG  4  N1    ? ? ? 1_555 B DC  9  N3 ? ? A DG  4   B DC  21  1_555 ? ? ? ? ? ? WATSON-CRICK ?     ? ? 
hydrog11 hydrog ?    ? A DG  4  N2    ? ? ? 1_555 B DC  9  O2 ? ? A DG  4   B DC  21  1_555 ? ? ? ? ? ? WATSON-CRICK ?     ? ? 
hydrog12 hydrog ?    ? A DG  4  O6    ? ? ? 1_555 B DC  9  N4 ? ? A DG  4   B DC  21  1_555 ? ? ? ? ? ? WATSON-CRICK ?     ? ? 
hydrog13 hydrog ?    ? A DA  5  N1    ? ? ? 1_555 B DT  8  N3 ? ? A DA  5   B DT  20  1_555 ? ? ? ? ? ? WATSON-CRICK ?     ? ? 
hydrog14 hydrog ?    ? A DA  5  N6    ? ? ? 1_555 B DT  8  O4 ? ? A DA  5   B DT  20  1_555 ? ? ? ? ? ? WATSON-CRICK ?     ? ? 
hydrog15 hydrog ?    ? A DA  6  N1    ? ? ? 1_555 B DT  7  N3 ? ? A DA  6   B DT  19  1_555 ? ? ? ? ? ? WATSON-CRICK ?     ? ? 
hydrog16 hydrog ?    ? A DA  6  N6    ? ? ? 1_555 B DT  7  O4 ? ? A DA  6   B DT  19  1_555 ? ? ? ? ? ? WATSON-CRICK ?     ? ? 
hydrog17 hydrog ?    ? A DT  7  N3    ? ? ? 1_555 B DA  6  N1 ? ? A DT  7   B DA  18  1_555 ? ? ? ? ? ? WATSON-CRICK ?     ? ? 
hydrog18 hydrog ?    ? A DT  7  O4    ? ? ? 1_555 B DA  6  N6 ? ? A DT  7   B DA  18  1_555 ? ? ? ? ? ? WATSON-CRICK ?     ? ? 
hydrog19 hydrog ?    ? A DT  8  N3    ? ? ? 1_555 B DA  5  N1 ? ? A DT  8   B DA  17  1_555 ? ? ? ? ? ? WATSON-CRICK ?     ? ? 
hydrog20 hydrog ?    ? A DT  8  O4    ? ? ? 1_555 B DA  5  N6 ? ? A DT  8   B DA  17  1_555 ? ? ? ? ? ? WATSON-CRICK ?     ? ? 
hydrog21 hydrog ?    ? A DC  9  N3    ? ? ? 1_555 B DG  4  N1 ? ? A DC  9   B DG  16  1_555 ? ? ? ? ? ? WATSON-CRICK ?     ? ? 
hydrog22 hydrog ?    ? A DC  9  N4    ? ? ? 1_555 B DG  4  O6 ? ? A DC  9   B DG  16  1_555 ? ? ? ? ? ? WATSON-CRICK ?     ? ? 
hydrog23 hydrog ?    ? A DC  9  O2    ? ? ? 1_555 B DG  4  N2 ? ? A DC  9   B DG  16  1_555 ? ? ? ? ? ? WATSON-CRICK ?     ? ? 
hydrog24 hydrog ?    ? A DG  10 N1    ? ? ? 1_555 B 5HC 3  N3 ? ? A DG  10  B 5HC 15  1_555 ? ? ? ? ? ? WATSON-CRICK ?     ? ? 
hydrog25 hydrog ?    ? A DG  10 N2    ? ? ? 1_555 B 5HC 3  O2 ? ? A DG  10  B 5HC 15  1_555 ? ? ? ? ? ? WATSON-CRICK ?     ? ? 
hydrog26 hydrog ?    ? A DG  10 O6    ? ? ? 1_555 B 5HC 3  N4 ? ? A DG  10  B 5HC 15  1_555 ? ? ? ? ? ? WATSON-CRICK ?     ? ? 
hydrog27 hydrog ?    ? A DC  11 N3    ? ? ? 1_555 B DG  2  N1 ? ? A DC  11  B DG  14  1_555 ? ? ? ? ? ? WATSON-CRICK ?     ? ? 
hydrog28 hydrog ?    ? A DC  11 N4    ? ? ? 1_555 B DG  2  O6 ? ? A DC  11  B DG  14  1_555 ? ? ? ? ? ? WATSON-CRICK ?     ? ? 
hydrog29 hydrog ?    ? A DC  11 O2    ? ? ? 1_555 B DG  2  N2 ? ? A DC  11  B DG  14  1_555 ? ? ? ? ? ? WATSON-CRICK ?     ? ? 
hydrog30 hydrog ?    ? A DG  12 N1    ? ? ? 1_555 B DC  1  N3 ? ? A DG  12  B DC  13  1_555 ? ? ? ? ? ? WATSON-CRICK ?     ? ? 
hydrog31 hydrog ?    ? A DG  12 N2    ? ? ? 1_555 B DC  1  O2 ? ? A DG  12  B DC  13  1_555 ? ? ? ? ? ? WATSON-CRICK ?     ? ? 
hydrog32 hydrog ?    ? A DG  12 O6    ? ? ? 1_555 B DC  1  N4 ? ? A DG  12  B DC  13  1_555 ? ? ? ? ? ? WATSON-CRICK ?     ? ? 
# 
loop_
_struct_conn_type.id 
_struct_conn_type.criteria 
_struct_conn_type.reference 
covale ? ? 
metalc ? ? 
hydrog ? ? 
# 
loop_
_struct_site.id 
_struct_site.pdbx_evidence_code 
_struct_site.pdbx_auth_asym_id 
_struct_site.pdbx_auth_comp_id 
_struct_site.pdbx_auth_seq_id 
_struct_site.pdbx_auth_ins_code 
_struct_site.pdbx_num_residues 
_struct_site.details 
AC1 Software A MG  101 ? 6  'binding site for residue MG A 101'                   
AC2 Software B DG  14  ? 14 'binding site for Di-nucleotide DG B 14 and 5HC B 15' 
AC3 Software B 5HC 15  ? 12 'binding site for Di-nucleotide 5HC B 15 and DG B 16' 
# 
loop_
_struct_site_gen.id 
_struct_site_gen.site_id 
_struct_site_gen.pdbx_num_res 
_struct_site_gen.label_comp_id 
_struct_site_gen.label_asym_id 
_struct_site_gen.label_seq_id 
_struct_site_gen.pdbx_auth_ins_code 
_struct_site_gen.auth_comp_id 
_struct_site_gen.auth_asym_id 
_struct_site_gen.auth_seq_id 
_struct_site_gen.label_atom_id 
_struct_site_gen.label_alt_id 
_struct_site_gen.symmetry 
_struct_site_gen.details 
1  AC1 6  HOH D .  ? HOH A 211 . ? 1_555 ? 
2  AC1 6  HOH D .  ? HOH A 215 . ? 1_555 ? 
3  AC1 6  HOH D .  ? HOH A 238 . ? 1_555 ? 
4  AC1 6  HOH E .  ? HOH B 109 . ? 1_555 ? 
5  AC1 6  HOH E .  ? HOH B 143 . ? 1_555 ? 
6  AC1 6  HOH E .  ? HOH B 145 . ? 1_555 ? 
7  AC2 14 DC  A 1  ? DC  A 1   . ? 2_455 ? 
8  AC2 14 DG  A 2  ? DG  A 2   . ? 2_455 ? 
9  AC2 14 DG  A 10 ? DG  A 10  . ? 1_555 ? 
10 AC2 14 DC  A 11 ? DC  A 11  . ? 1_555 ? 
11 AC2 14 DG  A 12 ? DG  A 12  . ? 1_555 ? 
12 AC2 14 DC  B 1  ? DC  B 13  . ? 1_555 ? 
13 AC2 14 DG  B 4  ? DG  B 16  . ? 1_555 ? 
14 AC2 14 DG  B 12 ? DG  B 24  . ? 2_455 ? 
15 AC2 14 HOH E .  ? HOH B 102 . ? 1_555 ? 
16 AC2 14 HOH E .  ? HOH B 108 . ? 1_555 ? 
17 AC2 14 HOH E .  ? HOH B 116 . ? 1_555 ? 
18 AC2 14 HOH E .  ? HOH B 118 . ? 1_555 ? 
19 AC2 14 HOH E .  ? HOH B 121 . ? 1_555 ? 
20 AC2 14 HOH E .  ? HOH B 127 . ? 1_555 ? 
21 AC3 12 DC  A 9  ? DC  A 9   . ? 1_555 ? 
22 AC3 12 DG  A 10 ? DG  A 10  . ? 1_555 ? 
23 AC3 12 HOH D .  ? HOH A 202 . ? 1_555 ? 
24 AC3 12 DG  B 2  ? DG  B 14  . ? 1_555 ? 
25 AC3 12 DA  B 5  ? DA  B 17  . ? 1_555 ? 
26 AC3 12 DG  B 12 ? DG  B 24  . ? 2_455 ? 
27 AC3 12 HOH E .  ? HOH B 102 . ? 1_555 ? 
28 AC3 12 HOH E .  ? HOH B 108 . ? 1_555 ? 
29 AC3 12 HOH E .  ? HOH B 116 . ? 1_555 ? 
30 AC3 12 HOH E .  ? HOH B 122 . ? 1_555 ? 
31 AC3 12 HOH E .  ? HOH B 123 . ? 1_555 ? 
32 AC3 12 HOH E .  ? HOH B 127 . ? 1_555 ? 
# 
_atom_sites.entry_id                    5CJY 
_atom_sites.fract_transf_matrix[1][1]   -0.00681146 
_atom_sites.fract_transf_matrix[1][2]   0.00503839 
_atom_sites.fract_transf_matrix[1][3]   -0.03857863 
_atom_sites.fract_transf_matrix[2][1]   0.00853624 
_atom_sites.fract_transf_matrix[2][2]   0.02304917 
_atom_sites.fract_transf_matrix[2][3]   0.00150307 
_atom_sites.fract_transf_matrix[3][1]   0.01409747 
_atom_sites.fract_transf_matrix[3][2]   -0.00501595 
_atom_sites.fract_transf_matrix[3][3]   -0.00314414 
_atom_sites.fract_transf_vector[1]      -0.085003 
_atom_sites.fract_transf_vector[2]      0.022947 
_atom_sites.fract_transf_vector[3]      -0.128355 
# 
loop_
_atom_type.symbol 
C  
MG 
N  
O  
P  
# 
loop_
_atom_site.group_PDB 
_atom_site.id 
_atom_site.type_symbol 
_atom_site.label_atom_id 
_atom_site.label_alt_id 
_atom_site.label_comp_id 
_atom_site.label_asym_id 
_atom_site.label_entity_id 
_atom_site.label_seq_id 
_atom_site.pdbx_PDB_ins_code 
_atom_site.Cartn_x 
_atom_site.Cartn_y 
_atom_site.Cartn_z 
_atom_site.occupancy 
_atom_site.B_iso_or_equiv 
_atom_site.pdbx_formal_charge 
_atom_site.auth_seq_id 
_atom_site.auth_comp_id 
_atom_site.auth_asym_id 
_atom_site.auth_atom_id 
_atom_site.pdbx_PDB_model_num 
ATOM   1   O  "O5'" . DC  A 1 1  ? -8.089  17.076  9.406   1.00 42.17  ? 1   DC  A "O5'" 1 
ATOM   2   C  "C5'" . DC  A 1 1  ? -9.079  16.310  8.702   1.00 31.86  ? 1   DC  A "C5'" 1 
ATOM   3   C  "C4'" . DC  A 1 1  ? -9.243  14.963  9.367   1.00 33.52  ? 1   DC  A "C4'" 1 
ATOM   4   O  "O4'" . DC  A 1 1  ? -10.361 14.228  8.813   1.00 30.56  ? 1   DC  A "O4'" 1 
ATOM   5   C  "C3'" . DC  A 1 1  ? -8.043  14.030  9.263   1.00 35.32  ? 1   DC  A "C3'" 1 
ATOM   6   O  "O3'" . DC  A 1 1  ? -7.927  13.280  10.472  1.00 44.87  ? 1   DC  A "O3'" 1 
ATOM   7   C  "C2'" . DC  A 1 1  ? -8.418  13.125  8.108   1.00 33.54  ? 1   DC  A "C2'" 1 
ATOM   8   C  "C1'" . DC  A 1 1  ? -9.911  12.963  8.344   1.00 28.00  ? 1   DC  A "C1'" 1 
ATOM   9   N  N1    . DC  A 1 1  ? -10.717 12.607  7.164   1.00 25.11  ? 1   DC  A N1    1 
ATOM   10  C  C2    . DC  A 1 1  ? -11.692 11.608  7.285   1.00 24.93  ? 1   DC  A C2    1 
ATOM   11  O  O2    . DC  A 1 1  ? -11.841 11.043  8.380   1.00 28.20  ? 1   DC  A O2    1 
ATOM   12  N  N3    . DC  A 1 1  ? -12.448 11.289  6.208   1.00 25.10  ? 1   DC  A N3    1 
ATOM   13  C  C4    . DC  A 1 1  ? -12.244 11.909  5.043   1.00 28.97  ? 1   DC  A C4    1 
ATOM   14  N  N4    . DC  A 1 1  ? -13.002 11.554  4.004   1.00 31.24  ? 1   DC  A N4    1 
ATOM   15  C  C5    . DC  A 1 1  ? -11.264 12.932  4.895   1.00 31.73  ? 1   DC  A C5    1 
ATOM   16  C  C6    . DC  A 1 1  ? -10.530 13.247  5.971   1.00 28.54  ? 1   DC  A C6    1 
ATOM   17  P  P     . DG  A 1 2  ? -6.546  12.585  10.854  1.00 50.00  ? 2   DG  A P     1 
ATOM   18  O  OP1   . DG  A 1 2  ? -5.984  13.297  12.030  1.00 60.71  ? 2   DG  A OP1   1 
ATOM   19  O  OP2   . DG  A 1 2  ? -5.733  12.435  9.615   1.00 48.94  ? 2   DG  A OP2   1 
ATOM   20  O  "O5'" . DG  A 1 2  ? -6.998  11.130  11.313  1.00 41.23  ? 2   DG  A "O5'" 1 
ATOM   21  C  "C5'" . DG  A 1 2  ? -8.202  10.924  12.071  1.00 38.72  ? 2   DG  A "C5'" 1 
ATOM   22  C  "C4'" . DG  A 1 2  ? -8.573  9.460   12.054  1.00 32.68  ? 2   DG  A "C4'" 1 
ATOM   23  O  "O4'" . DG  A 1 2  ? -9.422  9.200   10.910  1.00 33.74  ? 2   DG  A "O4'" 1 
ATOM   24  C  "C3'" . DG  A 1 2  ? -7.378  8.513   11.931  1.00 32.51  ? 2   DG  A "C3'" 1 
ATOM   25  O  "O3'" . DG  A 1 2  ? -7.484  7.384   12.802  1.00 34.15  ? 2   DG  A "O3'" 1 
ATOM   26  C  "C2'" . DG  A 1 2  ? -7.396  8.103   10.472  1.00 30.65  ? 2   DG  A "C2'" 1 
ATOM   27  C  "C1'" . DG  A 1 2  ? -8.871  8.164   10.118  1.00 30.15  ? 2   DG  A "C1'" 1 
ATOM   28  N  N9    . DG  A 1 2  ? -9.128  8.494   8.722   1.00 28.54  ? 2   DG  A N9    1 
ATOM   29  C  C8    . DG  A 1 2  ? -8.491  9.446   7.965   1.00 27.12  ? 2   DG  A C8    1 
ATOM   30  N  N7    . DG  A 1 2  ? -8.936  9.510   6.740   1.00 24.21  ? 2   DG  A N7    1 
ATOM   31  C  C5    . DG  A 1 2  ? -9.918  8.530   6.680   1.00 22.35  ? 2   DG  A C5    1 
ATOM   32  C  C6    . DG  A 1 2  ? -10.755 8.133   5.606   1.00 22.32  ? 2   DG  A C6    1 
ATOM   33  O  O6    . DG  A 1 2  ? -10.783 8.566   4.446   1.00 25.27  ? 2   DG  A O6    1 
ATOM   34  N  N1    . DG  A 1 2  ? -11.614 7.104   5.981   1.00 21.50  ? 2   DG  A N1    1 
ATOM   35  C  C2    . DG  A 1 2  ? -11.666 6.535   7.231   1.00 20.63  ? 2   DG  A C2    1 
ATOM   36  N  N2    . DG  A 1 2  ? -12.566 5.555   7.399   1.00 22.99  ? 2   DG  A N2    1 
ATOM   37  N  N3    . DG  A 1 2  ? -10.898 6.905   8.243   1.00 25.25  ? 2   DG  A N3    1 
ATOM   38  C  C4    . DG  A 1 2  ? -10.051 7.897   7.897   1.00 23.45  ? 2   DG  A C4    1 
HETATM 39  P  P     . 5HC A 1 3  ? -6.286  6.326   12.896  1.00 35.84  ? 3   5HC A P     1 
HETATM 40  O  OP1   . 5HC A 1 3  ? -6.079  5.991   14.326  1.00 42.80  ? 3   5HC A OP1   1 
HETATM 41  O  OP2   . 5HC A 1 3  ? -5.148  6.822   12.079  1.00 42.25  ? 3   5HC A OP2   1 
HETATM 42  O  "O5'" . 5HC A 1 3  ? -6.876  5.045   12.163  1.00 31.94  ? 3   5HC A "O5'" 1 
HETATM 43  C  "C5'" . 5HC A 1 3  ? -8.132  4.472   12.560  1.00 28.63  ? 3   5HC A "C5'" 1 
HETATM 44  C  "C4'" . 5HC A 1 3  ? -8.671  3.634   11.428  1.00 24.06  ? 3   5HC A "C4'" 1 
HETATM 45  O  "O4'" . 5HC A 1 3  ? -8.947  4.496   10.310  1.00 24.25  ? 3   5HC A "O4'" 1 
HETATM 46  C  "C3'" . 5HC A 1 3  ? -7.699  2.585   10.899  1.00 25.34  ? 3   5HC A "C3'" 1 
HETATM 47  O  "O3'" . 5HC A 1 3  ? -7.930  1.337   11.554  1.00 29.23  ? 3   5HC A "O3'" 1 
HETATM 48  C  "C2'" . 5HC A 1 3  ? -8.006  2.513   9.412   1.00 25.44  ? 3   5HC A "C2'" 1 
HETATM 49  C  "C1'" . 5HC A 1 3  ? -8.841  3.752   9.108   1.00 23.47  ? 3   5HC A "C1'" 1 
HETATM 50  N  N1    . 5HC A 1 3  ? -8.260  4.630   8.084   1.00 25.24  ? 3   5HC A N1    1 
HETATM 51  C  C2    . 5HC A 1 3  ? -8.809  4.611   6.799   1.00 22.22  ? 3   5HC A C2    1 
HETATM 52  O  O2    . 5HC A 1 3  ? -9.764  3.852   6.569   1.00 21.61  ? 3   5HC A O2    1 
HETATM 53  N  N3    . 5HC A 1 3  ? -8.277  5.406   5.841   1.00 24.33  ? 3   5HC A N3    1 
HETATM 54  C  C4    . 5HC A 1 3  ? -7.246  6.204   6.132   1.00 24.79  ? 3   5HC A C4    1 
HETATM 55  N  N4    . 5HC A 1 3  ? -6.762  6.980   5.158   1.00 26.43  ? 3   5HC A N4    1 
HETATM 56  C  C5    . 5HC A 1 3  ? -6.665  6.239   7.433   1.00 29.08  ? 3   5HC A C5    1 
HETATM 57  C  C5M   . 5HC A 1 3  ? -5.484  7.111   7.785   1.00 34.58  ? 3   5HC A C5M   1 
HETATM 58  O  O5    . 5HC A 1 3  ? -4.367  6.734   6.982   1.00 39.22  ? 3   5HC A O5    1 
HETATM 59  C  C6    . 5HC A 1 3  ? -7.192  5.435   8.367   1.00 30.30  ? 3   5HC A C6    1 
ATOM   60  P  P     . DG  A 1 4  ? -6.969  0.098   11.271  1.00 31.21  ? 4   DG  A P     1 
ATOM   61  O  OP1   . DG  A 1 4  ? -7.074  -0.833  12.418  1.00 37.16  ? 4   DG  A OP1   1 
ATOM   62  O  OP2   . DG  A 1 4  ? -5.638  0.617   10.856  1.00 37.20  ? 4   DG  A OP2   1 
ATOM   63  O  "O5'" . DG  A 1 4  ? -7.604  -0.573  9.975   1.00 29.22  ? 4   DG  A "O5'" 1 
ATOM   64  C  "C5'" . DG  A 1 4  ? -8.908  -1.172  9.982   1.00 29.95  ? 4   DG  A "C5'" 1 
ATOM   65  C  "C4'" . DG  A 1 4  ? -9.188  -1.750  8.616   1.00 31.27  ? 4   DG  A "C4'" 1 
ATOM   66  O  "O4'" . DG  A 1 4  ? -9.074  -0.704  7.620   1.00 30.44  ? 4   DG  A "O4'" 1 
ATOM   67  C  "C3'" . DG  A 1 4  ? -8.214  -2.847  8.184   1.00 33.95  ? 4   DG  A "C3'" 1 
ATOM   68  O  "O3'" . DG  A 1 4  ? -8.933  -3.876  7.492   1.00 40.12  ? 4   DG  A "O3'" 1 
ATOM   69  C  "C2'" . DG  A 1 4  ? -7.206  -2.095  7.333   1.00 30.91  ? 4   DG  A "C2'" 1 
ATOM   70  C  "C1'" . DG  A 1 4  ? -8.064  -1.029  6.678   1.00 30.34  ? 4   DG  A "C1'" 1 
ATOM   71  N  N9    . DG  A 1 4  ? -7.360  0.203   6.330   1.00 27.21  ? 4   DG  A N9    1 
ATOM   72  C  C8    . DG  A 1 4  ? -6.380  0.836   7.055   1.00 28.85  ? 4   DG  A C8    1 
ATOM   73  N  N7    . DG  A 1 4  ? -5.939  1.922   6.481   1.00 27.60  ? 4   DG  A N7    1 
ATOM   74  C  C5    . DG  A 1 4  ? -6.671  2.011   5.304   1.00 26.99  ? 4   DG  A C5    1 
ATOM   75  C  C6    . DG  A 1 4  ? -6.636  2.983   4.269   1.00 27.93  ? 4   DG  A C6    1 
ATOM   76  O  O6    . DG  A 1 4  ? -5.926  3.993   4.181   1.00 29.45  ? 4   DG  A O6    1 
ATOM   77  N  N1    . DG  A 1 4  ? -7.547  2.686   3.259   1.00 25.72  ? 4   DG  A N1    1 
ATOM   78  C  C2    . DG  A 1 4  ? -8.385  1.598   3.246   1.00 28.09  ? 4   DG  A C2    1 
ATOM   79  N  N2    . DG  A 1 4  ? -9.193  1.482   2.183   1.00 25.65  ? 4   DG  A N2    1 
ATOM   80  N  N3    . DG  A 1 4  ? -8.423  0.683   4.202   1.00 28.15  ? 4   DG  A N3    1 
ATOM   81  C  C4    . DG  A 1 4  ? -7.553  0.958   5.198   1.00 27.95  ? 4   DG  A C4    1 
ATOM   82  P  P     . DA  A 1 5  ? -8.158  -5.058  6.729   1.00 42.89  ? 5   DA  A P     1 
ATOM   83  O  OP1   . DA  A 1 5  ? -8.891  -6.323  6.998   1.00 50.73  ? 5   DA  A OP1   1 
ATOM   84  O  OP2   . DA  A 1 5  ? -6.711  -4.969  7.056   1.00 48.61  ? 5   DA  A OP2   1 
ATOM   85  O  "O5'" . DA  A 1 5  ? -8.382  -4.690  5.200   1.00 35.38  ? 5   DA  A "O5'" 1 
ATOM   86  C  "C5'" . DA  A 1 5  ? -9.706  -4.405  4.733   1.00 31.82  ? 5   DA  A "C5'" 1 
ATOM   87  C  "C4'" . DA  A 1 5  ? -9.689  -4.149  3.246   1.00 33.07  ? 5   DA  A "C4'" 1 
ATOM   88  O  "O4'" . DA  A 1 5  ? -9.032  -2.886  2.986   1.00 35.27  ? 5   DA  A "O4'" 1 
ATOM   89  C  "C3'" . DA  A 1 5  ? -8.943  -5.191  2.416   1.00 33.38  ? 5   DA  A "C3'" 1 
ATOM   90  O  "O3'" . DA  A 1 5  ? -9.690  -5.392  1.210   1.00 33.69  ? 5   DA  A "O3'" 1 
ATOM   91  C  "C2'" . DA  A 1 5  ? -7.577  -4.559  2.213   1.00 31.03  ? 5   DA  A "C2'" 1 
ATOM   92  C  "C1'" . DA  A 1 5  ? -7.899  -3.073  2.150   1.00 30.01  ? 5   DA  A "C1'" 1 
ATOM   93  N  N9    . DA  A 1 5  ? -6.847  -2.176  2.631   1.00 28.62  ? 5   DA  A N9    1 
ATOM   94  C  C8    . DA  A 1 5  ? -6.158  -2.266  3.815   1.00 27.10  ? 5   DA  A C8    1 
ATOM   95  N  N7    . DA  A 1 5  ? -5.292  -1.300  3.999   1.00 27.69  ? 5   DA  A N7    1 
ATOM   96  C  C5    . DA  A 1 5  ? -5.424  -0.513  2.861   1.00 25.24  ? 5   DA  A C5    1 
ATOM   97  C  C6    . DA  A 1 5  ? -4.784  0.669   2.448   1.00 25.00  ? 5   DA  A C6    1 
ATOM   98  N  N6    . DA  A 1 5  ? -3.836  1.285   3.157   1.00 23.91  ? 5   DA  A N6    1 
ATOM   99  N  N1    . DA  A 1 5  ? -5.146  1.196   1.257   1.00 24.83  ? 5   DA  A N1    1 
ATOM   100 C  C2    . DA  A 1 5  ? -6.096  0.577   0.545   1.00 28.54  ? 5   DA  A C2    1 
ATOM   101 N  N3    . DA  A 1 5  ? -6.777  -0.531  0.831   1.00 26.81  ? 5   DA  A N3    1 
ATOM   102 C  C4    . DA  A 1 5  ? -6.386  -1.037  2.016   1.00 27.44  ? 5   DA  A C4    1 
ATOM   103 P  P     . DA  A 1 6  ? -9.185  -6.398  0.076   1.00 37.12  ? 6   DA  A P     1 
ATOM   104 O  OP1   . DA  A 1 6  ? -10.381 -6.947  -0.612  1.00 38.53  ? 6   DA  A OP1   1 
ATOM   105 O  OP2   . DA  A 1 6  ? -8.177  -7.319  0.665   1.00 39.21  ? 6   DA  A OP2   1 
ATOM   106 O  "O5'" . DA  A 1 6  ? -8.430  -5.436  -0.939  1.00 30.20  ? 6   DA  A "O5'" 1 
ATOM   107 C  "C5'" . DA  A 1 6  ? -9.142  -4.395  -1.618  1.00 29.06  ? 6   DA  A "C5'" 1 
ATOM   108 C  "C4'" . DA  A 1 6  ? -8.199  -3.668  -2.544  1.00 26.71  ? 6   DA  A "C4'" 1 
ATOM   109 O  "O4'" . DA  A 1 6  ? -7.256  -2.913  -1.754  1.00 25.35  ? 6   DA  A "O4'" 1 
ATOM   110 C  "C3'" . DA  A 1 6  ? -7.376  -4.581  -3.458  1.00 26.36  ? 6   DA  A "C3'" 1 
ATOM   111 O  "O3'" . DA  A 1 6  ? -7.655  -4.170  -4.804  1.00 28.76  ? 6   DA  A "O3'" 1 
ATOM   112 C  "C2'" . DA  A 1 6  ? -5.946  -4.418  -2.956  1.00 23.78  ? 6   DA  A "C2'" 1 
ATOM   113 C  "C1'" . DA  A 1 6  ? -5.960  -3.052  -2.290  1.00 23.53  ? 6   DA  A "C1'" 1 
ATOM   114 N  N9    . DA  A 1 6  ? -5.018  -2.845  -1.190  1.00 22.97  ? 6   DA  A N9    1 
ATOM   115 C  C8    . DA  A 1 6  ? -4.862  -3.609  -0.060  1.00 22.09  ? 6   DA  A C8    1 
ATOM   116 N  N7    . DA  A 1 6  ? -3.968  -3.140  0.776   1.00 22.99  ? 6   DA  A N7    1 
ATOM   117 C  C5    . DA  A 1 6  ? -3.530  -1.970  0.173   1.00 21.07  ? 6   DA  A C5    1 
ATOM   118 C  C6    . DA  A 1 6  ? -2.579  -1.007  0.556   1.00 21.16  ? 6   DA  A C6    1 
ATOM   119 N  N6    . DA  A 1 6  ? -1.882  -1.065  1.695   1.00 20.23  ? 6   DA  A N6    1 
ATOM   120 N  N1    . DA  A 1 6  ? -2.378  0.041   -0.273  1.00 20.87  ? 6   DA  A N1    1 
ATOM   121 C  C2    . DA  A 1 6  ? -3.077  0.097   -1.415  1.00 22.06  ? 6   DA  A C2    1 
ATOM   122 N  N3    . DA  A 1 6  ? -3.994  -0.746  -1.883  1.00 21.28  ? 6   DA  A N3    1 
ATOM   123 C  C4    . DA  A 1 6  ? -4.177  -1.769  -1.033  1.00 21.70  ? 6   DA  A C4    1 
ATOM   124 P  P     . DT  A 1 7  ? -6.961  -4.884  -6.059  1.00 27.81  ? 7   DT  A P     1 
ATOM   125 O  OP1   . DT  A 1 7  ? -7.844  -4.686  -7.243  1.00 33.91  ? 7   DT  A OP1   1 
ATOM   126 O  OP2   . DT  A 1 7  ? -6.534  -6.247  -5.667  1.00 31.15  ? 7   DT  A OP2   1 
ATOM   127 O  "O5'" . DT  A 1 7  ? -5.668  -3.986  -6.276  1.00 26.11  ? 7   DT  A "O5'" 1 
ATOM   128 C  "C5'" . DT  A 1 7  ? -5.812  -2.568  -6.437  1.00 24.45  ? 7   DT  A "C5'" 1 
ATOM   129 C  "C4'" . DT  A 1 7  ? -4.456  -1.905  -6.460  1.00 21.92  ? 7   DT  A "C4'" 1 
ATOM   130 O  "O4'" . DT  A 1 7  ? -3.873  -1.948  -5.140  1.00 22.21  ? 7   DT  A "O4'" 1 
ATOM   131 C  "C3'" . DT  A 1 7  ? -3.428  -2.538  -7.406  1.00 21.75  ? 7   DT  A "C3'" 1 
ATOM   132 O  "O3'" . DT  A 1 7  ? -3.184  -1.580  -8.440  1.00 26.55  ? 7   DT  A "O3'" 1 
ATOM   133 C  "C2'" . DT  A 1 7  ? -2.239  -2.868  -6.506  1.00 22.28  ? 7   DT  A "C2'" 1 
ATOM   134 C  "C1'" . DT  A 1 7  ? -2.472  -1.989  -5.288  1.00 21.35  ? 7   DT  A "C1'" 1 
ATOM   135 N  N1    . DT  A 1 7  ? -1.906  -2.467  -4.005  1.00 21.41  ? 7   DT  A N1    1 
ATOM   136 C  C2    . DT  A 1 7  ? -1.008  -1.665  -3.335  1.00 20.69  ? 7   DT  A C2    1 
ATOM   137 O  O2    . DT  A 1 7  ? -0.622  -0.592  -3.763  1.00 22.24  ? 7   DT  A O2    1 
ATOM   138 N  N3    . DT  A 1 7  ? -0.571  -2.175  -2.138  1.00 21.39  ? 7   DT  A N3    1 
ATOM   139 C  C4    . DT  A 1 7  ? -0.929  -3.378  -1.560  1.00 21.79  ? 7   DT  A C4    1 
ATOM   140 O  O4    . DT  A 1 7  ? -0.453  -3.699  -0.475  1.00 22.31  ? 7   DT  A O4    1 
ATOM   141 C  C5    . DT  A 1 7  ? -1.880  -4.163  -2.314  1.00 20.87  ? 7   DT  A C5    1 
ATOM   142 C  C7    . DT  A 1 7  ? -2.336  -5.479  -1.765  1.00 23.96  ? 7   DT  A C7    1 
ATOM   143 C  C6    . DT  A 1 7  ? -2.323  -3.669  -3.477  1.00 21.63  ? 7   DT  A C6    1 
ATOM   144 P  P     . DT  A 1 8  ? -2.139  -1.877  -9.614  1.00 27.85  ? 8   DT  A P     1 
ATOM   145 O  OP1   . DT  A 1 8  ? -2.557  -1.091  -10.812 1.00 31.22  ? 8   DT  A OP1   1 
ATOM   146 O  OP2   . DT  A 1 8  ? -1.959  -3.343  -9.723  1.00 31.69  ? 8   DT  A OP2   1 
ATOM   147 O  "O5'" . DT  A 1 8  ? -0.801  -1.224  -9.053  1.00 26.19  ? 8   DT  A "O5'" 1 
ATOM   148 C  "C5'" . DT  A 1 8  ? -0.783  0.159   -8.670  1.00 24.56  ? 8   DT  A "C5'" 1 
ATOM   149 C  "C4'" . DT  A 1 8  ? 0.554   0.511   -8.064  1.00 21.97  ? 8   DT  A "C4'" 1 
ATOM   150 O  "O4'" . DT  A 1 8  ? 0.690   -0.162  -6.793  1.00 22.80  ? 8   DT  A "O4'" 1 
ATOM   151 C  "C3'" . DT  A 1 8  ? 1.777   0.112   -8.899  1.00 25.15  ? 8   DT  A "C3'" 1 
ATOM   152 O  "O3'" . DT  A 1 8  ? 2.483   1.318   -9.213  1.00 29.29  ? 8   DT  A "O3'" 1 
ATOM   153 C  "C2'" . DT  A 1 8  ? 2.514   -0.901  -8.029  1.00 22.34  ? 8   DT  A "C2'" 1 
ATOM   154 C  "C1'" . DT  A 1 8  ? 2.035   -0.561  -6.630  1.00 21.78  ? 8   DT  A "C1'" 1 
ATOM   155 N  N1    . DT  A 1 8  ? 2.058   -1.655  -5.636  1.00 21.55  ? 8   DT  A N1    1 
ATOM   156 C  C2    . DT  A 1 8  ? 2.747   -1.469  -4.458  1.00 19.23  ? 8   DT  A C2    1 
ATOM   157 O  O2    . DT  A 1 8  ? 3.392   -0.462  -4.212  1.00 20.76  ? 8   DT  A O2    1 
ATOM   158 N  N3    . DT  A 1 8  ? 2.685   -2.529  -3.586  1.00 21.11  ? 8   DT  A N3    1 
ATOM   159 C  C4    . DT  A 1 8  ? 2.001   -3.716  -3.762  1.00 20.35  ? 8   DT  A C4    1 
ATOM   160 O  O4    . DT  A 1 8  ? 2.028   -4.571  -2.881  1.00 21.53  ? 8   DT  A O4    1 
ATOM   161 C  C5    . DT  A 1 8  ? 1.285   -3.836  -5.015  1.00 20.57  ? 8   DT  A C5    1 
ATOM   162 C  C7    . DT  A 1 8  ? 0.516   -5.088  -5.297  1.00 23.87  ? 8   DT  A C7    1 
ATOM   163 C  C6    . DT  A 1 8  ? 1.342   -2.808  -5.871  1.00 20.66  ? 8   DT  A C6    1 
ATOM   164 P  P     . DC  A 1 9  ? 3.924   1.281   -9.902  1.00 29.78  ? 9   DC  A P     1 
ATOM   165 O  OP1   . DC  A 1 9  ? 4.084   2.529   -10.692 1.00 35.75  ? 9   DC  A OP1   1 
ATOM   166 O  OP2   . DC  A 1 9  ? 4.104   -0.041  -10.559 1.00 31.91  ? 9   DC  A OP2   1 
ATOM   167 O  "O5'" . DC  A 1 9  ? 4.910   1.362   -8.657  1.00 28.77  ? 9   DC  A "O5'" 1 
ATOM   168 C  "C5'" . DC  A 1 9  ? 4.727   2.381   -7.662  1.00 25.42  ? 9   DC  A "C5'" 1 
ATOM   169 C  "C4'" . DC  A 1 9  ? 5.824   2.293   -6.631  1.00 24.66  ? 9   DC  A "C4'" 1 
ATOM   170 O  "O4'" . DC  A 1 9  ? 5.614   1.119   -5.820  1.00 24.18  ? 9   DC  A "O4'" 1 
ATOM   171 C  "C3'" . DC  A 1 9  ? 7.236   2.171   -7.207  1.00 27.63  ? 9   DC  A "C3'" 1 
ATOM   172 O  "O3'" . DC  A 1 9  ? 8.058   3.124   -6.529  1.00 31.28  ? 9   DC  A "O3'" 1 
ATOM   173 C  "C2'" . DC  A 1 9  ? 7.624   0.726   -6.936  1.00 25.07  ? 9   DC  A "C2'" 1 
ATOM   174 C  "C1'" . DC  A 1 9  ? 6.813   0.379   -5.704  1.00 23.70  ? 9   DC  A "C1'" 1 
ATOM   175 N  N1    . DC  A 1 9  ? 6.434   -1.032  -5.541  1.00 20.55  ? 9   DC  A N1    1 
ATOM   176 C  C2    . DC  A 1 9  ? 6.742   -1.689  -4.346  1.00 20.09  ? 9   DC  A C2    1 
ATOM   177 O  O2    . DC  A 1 9  ? 7.433   -1.100  -3.499  1.00 22.40  ? 9   DC  A O2    1 
ATOM   178 N  N3    . DC  A 1 9  ? 6.310   -2.959  -4.160  1.00 20.12  ? 9   DC  A N3    1 
ATOM   179 C  C4    . DC  A 1 9  ? 5.585   -3.562  -5.105  1.00 19.74  ? 9   DC  A C4    1 
ATOM   180 N  N4    . DC  A 1 9  ? 5.191   -4.820  -4.888  1.00 21.15  ? 9   DC  A N4    1 
ATOM   181 C  C5    . DC  A 1 9  ? 5.238   -2.906  -6.322  1.00 20.66  ? 9   DC  A C5    1 
ATOM   182 C  C6    . DC  A 1 9  ? 5.655   -1.645  -6.483  1.00 21.89  ? 9   DC  A C6    1 
ATOM   183 P  P     . DG  A 1 10 ? 9.446   3.603   -7.155  1.00 37.20  ? 10  DG  A P     1 
ATOM   184 O  OP1   . DG  A 1 10 ? 9.759   4.939   -6.589  1.00 42.50  ? 10  DG  A OP1   1 
ATOM   185 O  OP2   . DG  A 1 10 ? 9.403   3.413   -8.627  1.00 43.10  ? 10  DG  A OP2   1 
ATOM   186 O  "O5'" . DG  A 1 10 ? 10.490  2.584   -6.527  1.00 33.23  ? 10  DG  A "O5'" 1 
ATOM   187 C  "C5'" . DG  A 1 10 ? 10.684  2.539   -5.109  1.00 30.71  ? 10  DG  A "C5'" 1 
ATOM   188 C  "C4'" . DG  A 1 10 ? 11.483  1.308   -4.758  1.00 31.15  ? 10  DG  A "C4'" 1 
ATOM   189 O  "O4'" . DG  A 1 10 ? 10.624  0.145   -4.835  1.00 29.42  ? 10  DG  A "O4'" 1 
ATOM   190 C  "C3'" . DG  A 1 10 ? 12.652  1.022   -5.706  1.00 33.29  ? 10  DG  A "C3'" 1 
ATOM   191 O  "O3'" . DG  A 1 10 ? 13.751  0.490   -4.969  1.00 36.85  ? 10  DG  A "O3'" 1 
ATOM   192 C  "C2'" . DG  A 1 10 ? 12.136  -0.117  -6.563  1.00 29.89  ? 10  DG  A "C2'" 1 
ATOM   193 C  "C1'" . DG  A 1 10 ? 11.362  -0.858  -5.501  1.00 28.89  ? 10  DG  A "C1'" 1 
ATOM   194 N  N9    . DG  A 1 10 ? 10.447  -1.904  -5.939  1.00 26.37  ? 10  DG  A N9    1 
ATOM   195 C  C8    . DG  A 1 10 ? 9.817   -2.043  -7.153  1.00 27.03  ? 10  DG  A C8    1 
ATOM   196 N  N7    . DG  A 1 10 ? 9.086   -3.122  -7.228  1.00 23.62  ? 10  DG  A N7    1 
ATOM   197 C  C5    . DG  A 1 10 ? 9.255   -3.738  -5.996  1.00 22.14  ? 10  DG  A C5    1 
ATOM   198 C  C6    . DG  A 1 10 ? 8.709   -4.947  -5.483  1.00 21.38  ? 10  DG  A C6    1 
ATOM   199 O  O6    . DG  A 1 10 ? 7.953   -5.751  -6.042  1.00 20.37  ? 10  DG  A O6    1 
ATOM   200 N  N1    . DG  A 1 10 ? 9.149   -5.198  -4.186  1.00 20.15  ? 10  DG  A N1    1 
ATOM   201 C  C2    . DG  A 1 10 ? 9.989   -4.383  -3.467  1.00 22.98  ? 10  DG  A C2    1 
ATOM   202 N  N2    . DG  A 1 10 ? 10.292  -4.789  -2.225  1.00 22.41  ? 10  DG  A N2    1 
ATOM   203 N  N3    . DG  A 1 10 ? 10.491  -3.250  -3.926  1.00 23.35  ? 10  DG  A N3    1 
ATOM   204 C  C4    . DG  A 1 10 ? 10.093  -2.997  -5.191  1.00 24.23  ? 10  DG  A C4    1 
ATOM   205 P  P     . DC  A 1 11 ? 14.992  1.400   -4.598  1.00 42.06  ? 11  DC  A P     1 
ATOM   206 O  OP1   . DC  A 1 11 ? 14.501  2.782   -4.358  1.00 42.65  ? 11  DC  A OP1   1 
ATOM   207 O  OP2   . DC  A 1 11 ? 16.055  1.158   -5.607  1.00 44.01  ? 11  DC  A OP2   1 
ATOM   208 O  "O5'" . DC  A 1 11 ? 15.472  0.782   -3.210  1.00 36.69  ? 11  DC  A "O5'" 1 
ATOM   209 C  "C5'" . DC  A 1 11 ? 14.732  1.017   -1.994  1.00 38.81  ? 11  DC  A "C5'" 1 
ATOM   210 C  "C4'" . DC  A 1 11 ? 14.724  -0.218  -1.122  1.00 35.28  ? 11  DC  A "C4'" 1 
ATOM   211 O  "O4'" . DC  A 1 11 ? 13.940  -1.262  -1.745  1.00 35.21  ? 11  DC  A "O4'" 1 
ATOM   212 C  "C3'" . DC  A 1 11 ? 16.093  -0.835  -0.823  1.00 36.25  ? 11  DC  A "C3'" 1 
ATOM   213 O  "O3'" . DC  A 1 11 ? 16.128  -1.183  0.567   1.00 38.61  ? 11  DC  A "O3'" 1 
ATOM   214 C  "C2'" . DC  A 1 11 ? 16.143  -2.049  -1.739  1.00 33.43  ? 11  DC  A "C2'" 1 
ATOM   215 C  "C1'" . DC  A 1 11 ? 14.687  -2.463  -1.829  1.00 32.78  ? 11  DC  A "C1'" 1 
ATOM   216 N  N1    . DC  A 1 11 ? 14.282  -3.146  -3.069  1.00 31.50  ? 11  DC  A N1    1 
ATOM   217 C  C2    . DC  A 1 11 ? 13.685  -4.409  -2.989  1.00 29.18  ? 11  DC  A C2    1 
ATOM   218 O  O2    . DC  A 1 11 ? 13.567  -4.949  -1.878  1.00 28.18  ? 11  DC  A O2    1 
ATOM   219 N  N3    . DC  A 1 11 ? 13.273  -5.018  -4.127  1.00 26.41  ? 11  DC  A N3    1 
ATOM   220 C  C4    . DC  A 1 11 ? 13.417  -4.403  -5.303  1.00 27.38  ? 11  DC  A C4    1 
ATOM   221 N  N4    . DC  A 1 11 ? 12.995  -5.038  -6.400  1.00 29.47  ? 11  DC  A N4    1 
ATOM   222 C  C5    . DC  A 1 11 ? 14.006  -3.110  -5.409  1.00 29.81  ? 11  DC  A C5    1 
ATOM   223 C  C6    . DC  A 1 11 ? 14.410  -2.519  -4.277  1.00 31.64  ? 11  DC  A C6    1 
ATOM   224 P  P     . DG  A 1 12 ? 17.523  -1.337  1.353   1.00 40.89  ? 12  DG  A P     1 
ATOM   225 O  OP1   . DG  A 1 12 ? 17.249  -1.174  2.803   1.00 49.26  ? 12  DG  A OP1   1 
ATOM   226 O  OP2   . DG  A 1 12 ? 18.542  -0.474  0.697   1.00 45.25  ? 12  DG  A OP2   1 
ATOM   227 O  "O5'" . DG  A 1 12 ? 17.913  -2.859  1.091   1.00 39.16  ? 12  DG  A "O5'" 1 
ATOM   228 C  "C5'" . DG  A 1 12 ? 17.289  -3.929  1.829   1.00 33.78  ? 12  DG  A "C5'" 1 
ATOM   229 C  "C4'" . DG  A 1 12 ? 17.681  -5.263  1.237   1.00 28.37  ? 12  DG  A "C4'" 1 
ATOM   230 O  "O4'" . DG  A 1 12 ? 17.044  -5.423  -0.043  1.00 31.23  ? 12  DG  A "O4'" 1 
ATOM   231 C  "C3'" . DG  A 1 12 ? 19.177  -5.448  0.979   1.00 27.16  ? 12  DG  A "C3'" 1 
ATOM   232 O  "O3'" . DG  A 1 12 ? 19.754  -6.246  2.015   1.00 32.02  ? 12  DG  A "O3'" 1 
ATOM   233 C  "C2'" . DG  A 1 12 ? 19.254  -6.158  -0.368  1.00 26.81  ? 12  DG  A "C2'" 1 
ATOM   234 C  "C1'" . DG  A 1 12 ? 17.806  -6.338  -0.808  1.00 27.76  ? 12  DG  A "C1'" 1 
ATOM   235 N  N9    . DG  A 1 12 ? 17.518  -6.084  -2.219  1.00 26.83  ? 12  DG  A N9    1 
ATOM   236 C  C8    . DG  A 1 12 ? 17.895  -4.993  -2.965  1.00 26.88  ? 12  DG  A C8    1 
ATOM   237 N  N7    . DG  A 1 12 ? 17.454  -5.035  -4.194  1.00 27.58  ? 12  DG  A N7    1 
ATOM   238 C  C5    . DG  A 1 12 ? 16.732  -6.219  -4.259  1.00 24.49  ? 12  DG  A C5    1 
ATOM   239 C  C6    . DG  A 1 12 ? 16.017  -6.802  -5.338  1.00 27.13  ? 12  DG  A C6    1 
ATOM   240 O  O6    . DG  A 1 12 ? 15.884  -6.377  -6.493  1.00 27.78  ? 12  DG  A O6    1 
ATOM   241 N  N1    . DG  A 1 12 ? 15.433  -8.011  -4.971  1.00 27.50  ? 12  DG  A N1    1 
ATOM   242 C  C2    . DG  A 1 12 ? 15.510  -8.577  -3.722  1.00 26.66  ? 12  DG  A C2    1 
ATOM   243 N  N2    . DG  A 1 12 ? 14.875  -9.748  -3.559  1.00 25.37  ? 12  DG  A N2    1 
ATOM   244 N  N3    . DG  A 1 12 ? 16.166  -8.040  -2.707  1.00 25.35  ? 12  DG  A N3    1 
ATOM   245 C  C4    . DG  A 1 12 ? 16.749  -6.871  -3.044  1.00 25.98  ? 12  DG  A C4    1 
ATOM   246 O  "O5'" . DC  B 1 1  ? 12.483  -14.058 -11.105 1.00 49.41  ? 13  DC  B "O5'" 1 
ATOM   247 C  "C5'" . DC  B 1 1  ? 12.653  -15.092 -10.109 1.00 36.07  ? 13  DC  B "C5'" 1 
ATOM   248 C  "C4'" . DC  B 1 1  ? 12.324  -14.569 -8.727  1.00 31.64  ? 13  DC  B "C4'" 1 
ATOM   249 O  "O4'" . DC  B 1 1  ? 13.041  -13.427 -8.210  1.00 30.72  ? 13  DC  B "O4'" 1 
ATOM   250 C  "C3'" . DC  B 1 1  ? 10.861  -14.429 -8.297  1.00 38.55  ? 13  DC  B "C3'" 1 
ATOM   251 O  "O3'" . DC  B 1 1  ? 10.687  -15.112 -7.054  1.00 45.45  ? 13  DC  B "O3'" 1 
ATOM   252 C  "C2'" . DC  B 1 1  ? 10.731  -12.929 -8.089  1.00 38.16  ? 13  DC  B "C2'" 1 
ATOM   253 C  "C1'" . DC  B 1 1  ? 12.118  -12.564 -7.554  1.00 35.60  ? 13  DC  B "C1'" 1 
ATOM   254 N  N1    . DC  B 1 1  ? 12.558  -11.178 -7.787  1.00 35.11  ? 13  DC  B N1    1 
ATOM   255 C  C2    . DC  B 1 1  ? 13.203  -10.489 -6.753  1.00 33.45  ? 13  DC  B C2    1 
ATOM   256 O  O2    . DC  B 1 1  ? 13.363  -11.054 -5.661  1.00 32.04  ? 13  DC  B O2    1 
ATOM   257 N  N3    . DC  B 1 1  ? 13.619  -9.220  -6.965  1.00 33.71  ? 13  DC  B N3    1 
ATOM   258 C  C4    . DC  B 1 1  ? 13.428  -8.644  -8.155  1.00 39.55  ? 13  DC  B C4    1 
ATOM   259 N  N4    . DC  B 1 1  ? 13.857  -7.391  -8.320  1.00 37.66  ? 13  DC  B N4    1 
ATOM   260 C  C5    . DC  B 1 1  ? 12.787  -9.328  -9.229  1.00 42.03  ? 13  DC  B C5    1 
ATOM   261 C  C6    . DC  B 1 1  ? 12.377  -10.584 -9.005  1.00 40.42  ? 13  DC  B C6    1 
ATOM   262 P  P     . DG  B 1 2  ? 9.227   -15.507 -6.537  1.00 52.32  ? 14  DG  B P     1 
ATOM   263 O  OP1   . DG  B 1 2  ? 9.050   -16.968 -6.731  1.00 61.14  ? 14  DG  B OP1   1 
ATOM   264 O  OP2   . DG  B 1 2  ? 8.249   -14.558 -7.129  1.00 55.82  ? 14  DG  B OP2   1 
ATOM   265 O  "O5'" . DG  B 1 2  ? 9.322   -15.217 -4.978  1.00 40.60  ? 14  DG  B "O5'" 1 
ATOM   266 C  "C5'" . DG  B 1 2  ? 10.574  -15.364 -4.284  1.00 40.90  ? 14  DG  B "C5'" 1 
ATOM   267 C  "C4'" . DG  B 1 2  ? 10.576  -14.545 -3.015  1.00 33.37  ? 14  DG  B "C4'" 1 
ATOM   268 O  "O4'" . DG  B 1 2  ? 11.120  -13.232 -3.310  1.00 30.92  ? 14  DG  B "O4'" 1 
ATOM   269 C  "C3'" . DG  B 1 2  ? 9.189   -14.318 -2.408  1.00 32.93  ? 14  DG  B "C3'" 1 
ATOM   270 O  "O3'" . DG  B 1 2  ? 9.158   -14.532 -0.994  1.00 31.96  ? 14  DG  B "O3'" 1 
ATOM   271 C  "C2'" . DG  B 1 2  ? 8.859   -12.890 -2.791  1.00 31.00  ? 14  DG  B "C2'" 1 
ATOM   272 C  "C1'" . DG  B 1 2  ? 10.221  -12.227 -2.879  1.00 28.87  ? 14  DG  B "C1'" 1 
ATOM   273 N  N9    . DG  B 1 2  ? 10.269  -11.130 -3.842  1.00 25.88  ? 14  DG  B N9    1 
ATOM   274 C  C8    . DG  B 1 2  ? 9.678   -11.100 -5.083  1.00 27.42  ? 14  DG  B C8    1 
ATOM   275 N  N7    . DG  B 1 2  ? 9.871   -9.974  -5.714  1.00 24.56  ? 14  DG  B N7    1 
ATOM   276 C  C5    . DG  B 1 2  ? 10.632  -9.215  -4.838  1.00 23.33  ? 14  DG  B C5    1 
ATOM   277 C  C6    . DG  B 1 2  ? 11.147  -7.901  -4.972  1.00 23.42  ? 14  DG  B C6    1 
ATOM   278 O  O6    . DG  B 1 2  ? 11.034  -7.124  -5.928  1.00 24.76  ? 14  DG  B O6    1 
ATOM   279 N  N1    . DG  B 1 2  ? 11.855  -7.510  -3.841  1.00 21.65  ? 14  DG  B N1    1 
ATOM   280 C  C2    . DG  B 1 2  ? 12.055  -8.289  -2.727  1.00 22.43  ? 14  DG  B C2    1 
ATOM   281 N  N2    . DG  B 1 2  ? 12.774  -7.734  -1.739  1.00 26.10  ? 14  DG  B N2    1 
ATOM   282 N  N3    . DG  B 1 2  ? 11.579  -9.517  -2.587  1.00 24.37  ? 14  DG  B N3    1 
ATOM   283 C  C4    . DG  B 1 2  ? 10.880  -9.912  -3.673  1.00 25.33  ? 14  DG  B C4    1 
HETATM 284 P  P     . 5HC B 1 3  ? 7.785   -14.350 -0.176  1.00 30.32  ? 15  5HC B P     1 
HETATM 285 O  OP1   . 5HC B 1 3  ? 7.684   -15.451 0.805   1.00 37.50  ? 15  5HC B OP1   1 
HETATM 286 O  OP2   . 5HC B 1 3  ? 6.679   -14.110 -1.137  1.00 35.16  ? 15  5HC B OP2   1 
HETATM 287 O  "O5'" . 5HC B 1 3  ? 8.012   -12.978 0.597   1.00 27.75  ? 15  5HC B "O5'" 1 
HETATM 288 C  "C5'" . 5HC B 1 3  ? 9.182   -12.764 1.400   1.00 27.33  ? 15  5HC B "C5'" 1 
HETATM 289 C  "C4'" . 5HC B 1 3  ? 9.396   -11.281 1.574   1.00 24.29  ? 15  5HC B "C4'" 1 
HETATM 290 O  "O4'" . 5HC B 1 3  ? 9.588   -10.675 0.281   1.00 23.31  ? 15  5HC B "O4'" 1 
HETATM 291 C  "C3'" . 5HC B 1 3  ? 8.206   -10.550 2.186   1.00 25.66  ? 15  5HC B "C3'" 1 
HETATM 292 O  "O3'" . 5HC B 1 3  ? 8.385   -10.431 3.594   1.00 28.10  ? 15  5HC B "O3'" 1 
HETATM 293 C  "C2'" . 5HC B 1 3  ? 8.244   -9.181  1.533   1.00 26.77  ? 15  5HC B "C2'" 1 
HETATM 294 C  "C1'" . 5HC B 1 3  ? 9.156   -9.323  0.325   1.00 23.62  ? 15  5HC B "C1'" 1 
HETATM 295 N  N1    . 5HC B 1 3  ? 8.515   -9.017  -0.961  1.00 21.84  ? 15  5HC B N1    1 
HETATM 296 C  C2    . 5HC B 1 3  ? 8.796   -7.798  -1.585  1.00 20.15  ? 15  5HC B C2    1 
HETATM 297 O  O2    . 5HC B 1 3  ? 9.544   -6.994  -1.016  1.00 23.74  ? 15  5HC B O2    1 
HETATM 298 N  N3    . 5HC B 1 3  ? 8.247   -7.531  -2.792  1.00 20.70  ? 15  5HC B N3    1 
HETATM 299 C  C4    . 5HC B 1 3  ? 7.431   -8.418  -3.366  1.00 22.96  ? 15  5HC B C4    1 
HETATM 300 N  N4    . 5HC B 1 3  ? 6.904   -8.104  -4.551  1.00 23.86  ? 15  5HC B N4    1 
HETATM 301 C  C5    . 5HC B 1 3  ? 7.137   -9.674  -2.758  1.00 25.69  ? 15  5HC B C5    1 
HETATM 302 C  C5M   . 5HC B 1 3  ? 6.239   -10.706 -3.406  1.00 29.64  ? 15  5HC B C5M   1 
HETATM 303 O  O5    . 5HC B 1 3  ? 4.918   -10.173 -3.530  1.00 30.64  ? 15  5HC B O5    1 
HETATM 304 C  C6    . 5HC B 1 3  ? 7.697   -9.930  -1.568  1.00 24.62  ? 15  5HC B C6    1 
ATOM   305 P  P     . DG  B 1 4  ? 7.231   -9.818  4.513   1.00 26.85  ? 16  DG  B P     1 
ATOM   306 O  OP1   . DG  B 1 4  ? 7.322   -10.468 5.837   1.00 30.62  ? 16  DG  B OP1   1 
ATOM   307 O  OP2   . DG  B 1 4  ? 5.950   -9.852  3.757   1.00 29.53  ? 16  DG  B OP2   1 
ATOM   308 O  "O5'" . DG  B 1 4  ? 7.647   -8.291  4.651   1.00 24.82  ? 16  DG  B "O5'" 1 
ATOM   309 C  "C5'" . DG  B 1 4  ? 8.947   -7.909  5.112   1.00 26.40  ? 16  DG  B "C5'" 1 
ATOM   310 C  "C4'" . DG  B 1 4  ? 9.122   -6.424  4.912   1.00 24.33  ? 16  DG  B "C4'" 1 
ATOM   311 O  "O4'" . DG  B 1 4  ? 8.951   -6.135  3.502   1.00 23.47  ? 16  DG  B "O4'" 1 
ATOM   312 C  "C3'" . DG  B 1 4  ? 8.097   -5.558  5.644   1.00 24.27  ? 16  DG  B "C3'" 1 
ATOM   313 O  "O3'" . DG  B 1 4  ? 8.787   -4.399  6.126   1.00 26.70  ? 16  DG  B "O3'" 1 
ATOM   314 C  "C2'" . DG  B 1 4  ? 7.035   -5.312  4.585   1.00 22.55  ? 16  DG  B "C2'" 1 
ATOM   315 C  "C1'" . DG  B 1 4  ? 7.860   -5.246  3.313   1.00 22.11  ? 16  DG  B "C1'" 1 
ATOM   316 N  N9    . DG  B 1 4  ? 7.147   -5.634  2.098   1.00 21.37  ? 16  DG  B N9    1 
ATOM   317 C  C8    . DG  B 1 4  ? 6.243   -6.659  1.953   1.00 22.72  ? 16  DG  B C8    1 
ATOM   318 N  N7    . DG  B 1 4  ? 5.747   -6.739  0.749   1.00 21.61  ? 16  DG  B N7    1 
ATOM   319 C  C5    . DG  B 1 4  ? 6.344   -5.691  0.061   1.00 19.18  ? 16  DG  B C5    1 
ATOM   320 C  C6    . DG  B 1 4  ? 6.192   -5.271  -1.284  1.00 18.69  ? 16  DG  B C6    1 
ATOM   321 O  O6    . DG  B 1 4  ? 5.480   -5.760  -2.165  1.00 18.45  ? 16  DG  B O6    1 
ATOM   322 N  N1    . DG  B 1 4  ? 6.986   -4.164  -1.568  1.00 20.29  ? 16  DG  B N1    1 
ATOM   323 C  C2    . DG  B 1 4  ? 7.821   -3.541  -0.672  1.00 19.33  ? 16  DG  B C2    1 
ATOM   324 N  N2    . DG  B 1 4  ? 8.512   -2.491  -1.136  1.00 22.98  ? 16  DG  B N2    1 
ATOM   325 N  N3    . DG  B 1 4  ? 7.986   -3.935  0.579   1.00 20.67  ? 16  DG  B N3    1 
ATOM   326 C  C4    . DG  B 1 4  ? 7.209   -4.997  0.881   1.00 20.70  ? 16  DG  B C4    1 
ATOM   327 P  P     . DA  B 1 5  ? 8.013   -3.053  6.518   1.00 28.40  ? 17  DA  B P     1 
ATOM   328 O  OP1   . DA  B 1 5  ? 8.779   -2.393  7.603   1.00 30.86  ? 17  DA  B OP1   1 
ATOM   329 O  OP2   . DA  B 1 5  ? 6.577   -3.364  6.718   1.00 28.78  ? 17  DA  B OP2   1 
ATOM   330 O  "O5'" . DA  B 1 5  ? 8.129   -2.180  5.192   1.00 25.91  ? 17  DA  B "O5'" 1 
ATOM   331 C  "C5'" . DA  B 1 5  ? 9.406   -1.844  4.631   1.00 26.19  ? 17  DA  B "C5'" 1 
ATOM   332 C  "C4'" . DA  B 1 5  ? 9.259   -0.707  3.648   1.00 23.44  ? 17  DA  B "C4'" 1 
ATOM   333 O  "O4'" . DA  B 1 5  ? 8.489   -1.133  2.501   1.00 22.67  ? 17  DA  B "O4'" 1 
ATOM   334 C  "C3'" . DA  B 1 5  ? 8.548   0.533   4.181   1.00 27.90  ? 17  DA  B "C3'" 1 
ATOM   335 O  "O3'" . DA  B 1 5  ? 9.194   1.662   3.589   1.00 30.21  ? 17  DA  B "O3'" 1 
ATOM   336 C  "C2'" . DA  B 1 5  ? 7.108   0.327   3.739   1.00 25.65  ? 17  DA  B "C2'" 1 
ATOM   337 C  "C1'" . DA  B 1 5  ? 7.268   -0.407  2.416   1.00 21.50  ? 17  DA  B "C1'" 1 
ATOM   338 N  N9    . DA  B 1 5  ? 6.218   -1.367  2.091   1.00 21.10  ? 17  DA  B N9    1 
ATOM   339 C  C8    . DA  B 1 5  ? 5.701   -2.355  2.892   1.00 21.33  ? 17  DA  B C8    1 
ATOM   340 N  N7    . DA  B 1 5  ? 4.800   -3.097  2.298   1.00 20.87  ? 17  DA  B N7    1 
ATOM   341 C  C5    . DA  B 1 5  ? 4.744   -2.586  1.008   1.00 20.50  ? 17  DA  B C5    1 
ATOM   342 C  C6    . DA  B 1 5  ? 3.993   -2.955  -0.121  1.00 18.58  ? 17  DA  B C6    1 
ATOM   343 N  N6    . DA  B 1 5  ? 3.108   -3.953  -0.129  1.00 20.43  ? 17  DA  B N6    1 
ATOM   344 N  N1    . DA  B 1 5  ? 4.165   -2.234  -1.252  1.00 18.56  ? 17  DA  B N1    1 
ATOM   345 C  C2    . DA  B 1 5  ? 5.053   -1.228  -1.242  1.00 19.71  ? 17  DA  B C2    1 
ATOM   346 N  N3    . DA  B 1 5  ? 5.821   -0.793  -0.245  1.00 19.77  ? 17  DA  B N3    1 
ATOM   347 C  C4    . DA  B 1 5  ? 5.621   -1.527  0.864   1.00 19.17  ? 17  DA  B C4    1 
ATOM   348 P  P     . DA  B 1 6  ? 8.706   3.145   3.912   1.00 34.78  ? 18  DA  B P     1 
ATOM   349 O  OP1   . DA  B 1 6  ? 9.877   4.043   3.759   1.00 38.11  ? 18  DA  B OP1   1 
ATOM   350 O  OP2   . DA  B 1 6  ? 7.955   3.121   5.192   1.00 37.44  ? 18  DA  B OP2   1 
ATOM   351 O  "O5'" . DA  B 1 6  ? 7.703   3.441   2.716   1.00 30.29  ? 18  DA  B "O5'" 1 
ATOM   352 C  "C5'" . DA  B 1 6  ? 8.197   3.488   1.371   1.00 26.47  ? 18  DA  B "C5'" 1 
ATOM   353 C  "C4'" . DA  B 1 6  ? 7.055   3.761   0.424   1.00 25.77  ? 18  DA  B "C4'" 1 
ATOM   354 O  "O4'" . DA  B 1 6  ? 6.175   2.617   0.396   1.00 25.62  ? 18  DA  B "O4'" 1 
ATOM   355 C  "C3'" . DA  B 1 6  ? 6.182   4.966   0.794   1.00 29.09  ? 18  DA  B "C3'" 1 
ATOM   356 O  "O3'" . DA  B 1 6  ? 6.261   5.900   -0.292  1.00 34.59  ? 18  DA  B "O3'" 1 
ATOM   357 C  "C2'" . DA  B 1 6  ? 4.804   4.371   1.062   1.00 27.69  ? 18  DA  B "C2'" 1 
ATOM   358 C  "C1'" . DA  B 1 6  ? 4.835   3.057   0.306   1.00 25.67  ? 18  DA  B "C1'" 1 
ATOM   359 N  N9    . DA  B 1 6  ? 3.990   1.983   0.825   1.00 22.89  ? 18  DA  B N9    1 
ATOM   360 C  C8    . DA  B 1 6  ? 3.991   1.469   2.098   1.00 22.16  ? 18  DA  B C8    1 
ATOM   361 N  N7    . DA  B 1 6  ? 3.175   0.456   2.259   1.00 22.35  ? 18  DA  B N7    1 
ATOM   362 C  C5    . DA  B 1 6  ? 2.617   0.273   1.001   1.00 19.99  ? 18  DA  B C5    1 
ATOM   363 C  C6    . DA  B 1 6  ? 1.668   -0.642  0.509   1.00 19.80  ? 18  DA  B C6    1 
ATOM   364 N  N6    . DA  B 1 6  ? 1.099   -1.592  1.254   1.00 20.48  ? 18  DA  B N6    1 
ATOM   365 N  N1    . DA  B 1 6  ? 1.317   -0.545  -0.793  1.00 19.90  ? 18  DA  B N1    1 
ATOM   366 C  C2    . DA  B 1 6  ? 1.896   0.400   -1.545  1.00 21.97  ? 18  DA  B C2    1 
ATOM   367 N  N3    . DA  B 1 6  ? 2.795   1.321   -1.195  1.00 20.79  ? 18  DA  B N3    1 
ATOM   368 C  C4    . DA  B 1 6  ? 3.116   1.201   0.105   1.00 21.89  ? 18  DA  B C4    1 
ATOM   369 P  P     . DT  B 1 7  ? 5.403   7.256   -0.282  1.00 37.48  ? 19  DT  B P     1 
ATOM   370 O  OP1   . DT  B 1 7  ? 6.175   8.292   -1.008  1.00 44.42  ? 19  DT  B OP1   1 
ATOM   371 O  OP2   . DT  B 1 7  ? 4.946   7.513   1.109   1.00 38.77  ? 19  DT  B OP2   1 
ATOM   372 O  "O5'" . DT  B 1 7  ? 4.120   6.853   -1.131  1.00 31.50  ? 19  DT  B "O5'" 1 
ATOM   373 C  "C5'" . DT  B 1 7  ? 4.253   6.175   -2.391  1.00 30.68  ? 19  DT  B "C5'" 1 
ATOM   374 C  "C4'" . DT  B 1 7  ? 2.904   5.701   -2.872  1.00 27.63  ? 19  DT  B "C4'" 1 
ATOM   375 O  "O4'" . DT  B 1 7  ? 2.439   4.602   -2.058  1.00 27.00  ? 19  DT  B "O4'" 1 
ATOM   376 C  "C3'" . DT  B 1 7  ? 1.798   6.761   -2.835  1.00 28.78  ? 19  DT  B "C3'" 1 
ATOM   377 O  "O3'" . DT  B 1 7  ? 1.382   6.976   -4.188  1.00 33.81  ? 19  DT  B "O3'" 1 
ATOM   378 C  "C2'" . DT  B 1 7  ? 0.728   6.161   -1.934  1.00 28.08  ? 19  DT  B "C2'" 1 
ATOM   379 C  "C1'" . DT  B 1 7  ? 1.031   4.679   -1.976  1.00 26.10  ? 19  DT  B "C1'" 1 
ATOM   380 N  N1    . DT  B 1 7  ? 0.603   3.887   -0.803  1.00 25.07  ? 19  DT  B N1    1 
ATOM   381 C  C2    . DT  B 1 7  ? -0.264  2.833   -1.000  1.00 23.89  ? 19  DT  B C2    1 
ATOM   382 O  O2    . DT  B 1 7  ? -0.733  2.549   -2.091  1.00 25.44  ? 19  DT  B O2    1 
ATOM   383 N  N3    . DT  B 1 7  ? -0.574  2.126   0.135   1.00 22.76  ? 19  DT  B N3    1 
ATOM   384 C  C4    . DT  B 1 7  ? -0.107  2.356   1.415   1.00 23.32  ? 19  DT  B C4    1 
ATOM   385 O  O4    . DT  B 1 7  ? -0.468  1.626   2.335   1.00 23.57  ? 19  DT  B O4    1 
ATOM   386 C  C5    . DT  B 1 7  ? 0.810   3.467   1.547   1.00 22.67  ? 19  DT  B C5    1 
ATOM   387 C  C7    . DT  B 1 7  ? 1.368   3.794   2.896   1.00 20.66  ? 19  DT  B C7    1 
ATOM   388 C  C6    . DT  B 1 7  ? 1.122   4.162   0.444   1.00 24.09  ? 19  DT  B C6    1 
ATOM   389 P  P     . DT  B 1 8  ? 0.246   8.045   -4.549  1.00 37.30  ? 20  DT  B P     1 
ATOM   390 O  OP1   . DT  B 1 8  ? 0.573   8.628   -5.873  1.00 42.59  ? 20  DT  B OP1   1 
ATOM   391 O  OP2   . DT  B 1 8  ? 0.051   8.937   -3.374  1.00 40.18  ? 20  DT  B OP2   1 
ATOM   392 O  "O5'" . DT  B 1 8  ? -1.051  7.133   -4.682  1.00 33.18  ? 20  DT  B "O5'" 1 
ATOM   393 C  "C5'" . DT  B 1 8  ? -1.042  5.960   -5.508  1.00 34.61  ? 20  DT  B "C5'" 1 
ATOM   394 C  "C4'" . DT  B 1 8  ? -2.319  5.179   -5.310  1.00 29.51  ? 20  DT  B "C4'" 1 
ATOM   395 O  "O4'" . DT  B 1 8  ? -2.342  4.576   -3.998  1.00 27.10  ? 20  DT  B "O4'" 1 
ATOM   396 C  "C3'" . DT  B 1 8  ? -3.606  6.001   -5.427  1.00 29.67  ? 20  DT  B "C3'" 1 
ATOM   397 O  "O3'" . DT  B 1 8  ? -4.385  5.357   -6.440  1.00 33.63  ? 20  DT  B "O3'" 1 
ATOM   398 C  "C2'" . DT  B 1 8  ? -4.205  5.961   -4.027  1.00 27.45  ? 20  DT  B "C2'" 1 
ATOM   399 C  "C1'" . DT  B 1 8  ? -3.651  4.667   -3.468  1.00 25.00  ? 20  DT  B "C1'" 1 
ATOM   400 N  N1    . DT  B 1 8  ? -3.540  4.562   -1.994  1.00 24.93  ? 20  DT  B N1    1 
ATOM   401 C  C2    . DT  B 1 8  ? -4.121  3.479   -1.370  1.00 25.70  ? 20  DT  B C2    1 
ATOM   402 O  O2    . DT  B 1 8  ? -4.790  2.649   -1.963  1.00 28.88  ? 20  DT  B O2    1 
ATOM   403 N  N3    . DT  B 1 8  ? -3.913  3.419   -0.015  1.00 25.25  ? 20  DT  B N3    1 
ATOM   404 C  C4    . DT  B 1 8  ? -3.184  4.303   0.758   1.00 26.02  ? 20  DT  B C4    1 
ATOM   405 O  O4    . DT  B 1 8  ? -3.077  4.113   1.966   1.00 29.63  ? 20  DT  B O4    1 
ATOM   406 C  C5    . DT  B 1 8  ? -2.582  5.402   0.035   1.00 26.36  ? 20  DT  B C5    1 
ATOM   407 C  C7    . DT  B 1 8  ? -1.773  6.409   0.789   1.00 27.22  ? 20  DT  B C7    1 
ATOM   408 C  C6    . DT  B 1 8  ? -2.775  5.465   -1.289  1.00 25.81  ? 20  DT  B C6    1 
ATOM   409 P  P     . DC  B 1 9  ? -5.741  6.003   -6.984  1.00 37.17  ? 21  DC  B P     1 
ATOM   410 O  OP1   . DC  B 1 9  ? -5.988  5.448   -8.340  1.00 40.86  ? 21  DC  B OP1   1 
ATOM   411 O  OP2   . DC  B 1 9  ? -5.674  7.475   -6.793  1.00 42.45  ? 21  DC  B OP2   1 
ATOM   412 O  "O5'" . DC  B 1 9  ? -6.831  5.401   -5.996  1.00 32.95  ? 21  DC  B "O5'" 1 
ATOM   413 C  "C5'" . DC  B 1 9  ? -7.081  3.989   -5.982  1.00 29.99  ? 21  DC  B "C5'" 1 
ATOM   414 C  "C4'" . DC  B 1 9  ? -8.080  3.635   -4.907  1.00 27.05  ? 21  DC  B "C4'" 1 
ATOM   415 O  "O4'" . DC  B 1 9  ? -7.469  3.741   -3.608  1.00 29.99  ? 21  DC  B "O4'" 1 
ATOM   416 C  "C3'" . DC  B 1 9  ? -9.334  4.513   -4.859  1.00 31.49  ? 21  DC  B "C3'" 1 
ATOM   417 O  "O3'" . DC  B 1 9  ? -10.430 3.697   -5.277  1.00 35.39  ? 21  DC  B "O3'" 1 
ATOM   418 C  "C2'" . DC  B 1 9  ? -9.409  5.002   -3.415  1.00 31.01  ? 21  DC  B "C2'" 1 
ATOM   419 C  "C1'" . DC  B 1 9  ? -8.488  4.045   -2.678  1.00 31.12  ? 21  DC  B "C1'" 1 
ATOM   420 N  N1    . DC  B 1 9  ? -7.834  4.557   -1.463  1.00 28.77  ? 21  DC  B N1    1 
ATOM   421 C  C2    . DC  B 1 9  ? -7.968  3.844   -0.262  1.00 28.48  ? 21  DC  B C2    1 
ATOM   422 O  O2    . DC  B 1 9  ? -8.687  2.833   -0.236  1.00 26.70  ? 21  DC  B O2    1 
ATOM   423 N  N3    . DC  B 1 9  ? -7.338  4.295   0.847   1.00 27.47  ? 21  DC  B N3    1 
ATOM   424 C  C4    . DC  B 1 9  ? -6.570  5.386   0.781   1.00 26.03  ? 21  DC  B C4    1 
ATOM   425 N  N4    . DC  B 1 9  ? -5.956  5.784   1.895   1.00 25.23  ? 21  DC  B N4    1 
ATOM   426 C  C5    . DC  B 1 9  ? -6.396  6.114   -0.433  1.00 26.53  ? 21  DC  B C5    1 
ATOM   427 C  C6    . DC  B 1 9  ? -7.036  5.664   -1.521  1.00 28.20  ? 21  DC  B C6    1 
ATOM   428 P  P     . DG  B 1 10 ? -11.821 4.363   -5.674  1.00 40.00  ? 22  DG  B P     1 
ATOM   429 O  OP1   . DG  B 1 10 ? -12.466 3.504   -6.696  1.00 44.46  ? 22  DG  B OP1   1 
ATOM   430 O  OP2   . DG  B 1 10 ? -11.585 5.804   -5.963  1.00 38.52  ? 22  DG  B OP2   1 
ATOM   431 O  "O5'" . DG  B 1 10 ? -12.641 4.274   -4.313  1.00 36.00  ? 22  DG  B "O5'" 1 
ATOM   432 C  "C5'" . DG  B 1 10 ? -12.767 3.030   -3.604  1.00 32.43  ? 22  DG  B "C5'" 1 
ATOM   433 C  "C4'" . DG  B 1 10 ? -13.331 3.294   -2.228  1.00 31.49  ? 22  DG  B "C4'" 1 
ATOM   434 O  "O4'" . DG  B 1 10 ? -12.285 3.781   -1.350  1.00 32.43  ? 22  DG  B "O4'" 1 
ATOM   435 C  "C3'" . DG  B 1 10 ? -14.434 4.359   -2.188  1.00 34.69  ? 22  DG  B "C3'" 1 
ATOM   436 O  "O3'" . DG  B 1 10 ? -15.455 3.949   -1.274  1.00 36.54  ? 22  DG  B "O3'" 1 
ATOM   437 C  "C2'" . DG  B 1 10 ? -13.705 5.584   -1.669  1.00 30.37  ? 22  DG  B "C2'" 1 
ATOM   438 C  "C1'" . DG  B 1 10 ? -12.799 4.910   -0.666  1.00 30.22  ? 22  DG  B "C1'" 1 
ATOM   439 N  N9    . DG  B 1 10 ? -11.680 5.674   -0.128  1.00 28.22  ? 22  DG  B N9    1 
ATOM   440 C  C8    . DG  B 1 10 ? -11.001 6.720   -0.706  1.00 30.83  ? 22  DG  B C8    1 
ATOM   441 N  N7    . DG  B 1 10 ? -10.057 7.200   0.057   1.00 27.47  ? 22  DG  B N7    1 
ATOM   442 C  C5    . DG  B 1 10 ? -10.119 6.425   1.209   1.00 25.69  ? 22  DG  B C5    1 
ATOM   443 C  C6    . DG  B 1 10 ? -9.339  6.474   2.395   1.00 23.73  ? 22  DG  B C6    1 
ATOM   444 O  O6    . DG  B 1 10 ? -8.405  7.232   2.672   1.00 25.63  ? 22  DG  B O6    1 
ATOM   445 N  N1    . DG  B 1 10 ? -9.742  5.506   3.310   1.00 23.92  ? 22  DG  B N1    1 
ATOM   446 C  C2    . DG  B 1 10 ? -10.766 4.611   3.116   1.00 22.40  ? 22  DG  B C2    1 
ATOM   447 N  N2    . DG  B 1 10 ? -11.013 3.759   4.119   1.00 22.43  ? 22  DG  B N2    1 
ATOM   448 N  N3    . DG  B 1 10 ? -11.502 4.561   2.019   1.00 25.20  ? 22  DG  B N3    1 
ATOM   449 C  C4    . DG  B 1 10 ? -11.122 5.486   1.113   1.00 25.48  ? 22  DG  B C4    1 
ATOM   450 P  P     . DC  B 1 11 ? -16.963 4.434   -1.480  1.00 39.30  ? 23  DC  B P     1 
ATOM   451 O  OP1   . DC  B 1 11 ? -17.557 3.629   -2.575  1.00 41.14  ? 23  DC  B OP1   1 
ATOM   452 O  OP2   . DC  B 1 11 ? -16.960 5.918   -1.567  1.00 39.65  ? 23  DC  B OP2   1 
ATOM   453 O  "O5'" . DC  B 1 11 ? -17.640 4.025   -0.099  1.00 35.01  ? 23  DC  B "O5'" 1 
ATOM   454 C  "C5'" . DC  B 1 11 ? -17.609 2.660   0.354   1.00 31.73  ? 23  DC  B "C5'" 1 
ATOM   455 C  "C4'" . DC  B 1 11 ? -17.189 2.594   1.804   1.00 27.75  ? 23  DC  B "C4'" 1 
ATOM   456 O  "O4'" . DC  B 1 11 ? -15.830 3.052   1.948   1.00 26.57  ? 23  DC  B "O4'" 1 
ATOM   457 C  "C3'" . DC  B 1 11 ? -17.993 3.473   2.749   1.00 27.12  ? 23  DC  B "C3'" 1 
ATOM   458 O  "O3'" . DC  B 1 11 ? -19.149 2.770   3.197   1.00 31.19  ? 23  DC  B "O3'" 1 
ATOM   459 C  "C2'" . DC  B 1 11 ? -17.030 3.713   3.892   1.00 25.86  ? 23  DC  B "C2'" 1 
ATOM   460 C  "C1'" . DC  B 1 11 ? -15.659 3.649   3.232   1.00 26.17  ? 23  DC  B "C1'" 1 
ATOM   461 N  N1    . DC  B 1 11 ? -14.991 4.944   3.044   1.00 24.71  ? 23  DC  B N1    1 
ATOM   462 C  C2    . DC  B 1 11 ? -14.144 5.410   4.051   1.00 24.91  ? 23  DC  B C2    1 
ATOM   463 O  O2    . DC  B 1 11 ? -14.031 4.748   5.093   1.00 26.64  ? 23  DC  B O2    1 
ATOM   464 N  N3    . DC  B 1 11 ? -13.486 6.579   3.875   1.00 23.68  ? 23  DC  B N3    1 
ATOM   465 C  C4    . DC  B 1 11 ? -13.643 7.267   2.740   1.00 22.61  ? 23  DC  B C4    1 
ATOM   466 N  N4    . DC  B 1 11 ? -12.978 8.417   2.611   1.00 26.30  ? 23  DC  B N4    1 
ATOM   467 C  C5    . DC  B 1 11 ? -14.506 6.819   1.701   1.00 26.41  ? 23  DC  B C5    1 
ATOM   468 C  C6    . DC  B 1 11 ? -15.147 5.659   1.887   1.00 24.84  ? 23  DC  B C6    1 
ATOM   469 P  P     . DG  B 1 12 ? -20.382 3.563   3.825   1.00 30.50  ? 24  DG  B P     1 
ATOM   470 O  OP1   . DG  B 1 12 ? -21.541 2.640   3.850   1.00 35.14  ? 24  DG  B OP1   1 
ATOM   471 O  OP2   . DG  B 1 12 ? -20.503 4.877   3.136   1.00 32.69  ? 24  DG  B OP2   1 
ATOM   472 O  "O5'" . DG  B 1 12 ? -19.905 3.888   5.309   1.00 28.40  ? 24  DG  B "O5'" 1 
ATOM   473 C  "C5'" . DG  B 1 12 ? -19.576 2.854   6.251   1.00 23.37  ? 24  DG  B "C5'" 1 
ATOM   474 C  "C4'" . DG  B 1 12 ? -18.873 3.468   7.438   1.00 22.05  ? 24  DG  B "C4'" 1 
ATOM   475 O  "O4'" . DG  B 1 12 ? -17.603 4.011   7.021   1.00 21.74  ? 24  DG  B "O4'" 1 
ATOM   476 C  "C3'" . DG  B 1 12 ? -19.617 4.637   8.073   1.00 23.24  ? 24  DG  B "C3'" 1 
ATOM   477 O  "O3'" . DG  B 1 12 ? -20.504 4.194   9.101   1.00 24.32  ? 24  DG  B "O3'" 1 
ATOM   478 C  "C2'" . DG  B 1 12 ? -18.507 5.500   8.638   1.00 23.07  ? 24  DG  B "C2'" 1 
ATOM   479 C  "C1'" . DG  B 1 12 ? -17.314 5.208   7.739   1.00 22.18  ? 24  DG  B "C1'" 1 
ATOM   480 N  N9    . DG  B 1 12 ? -17.056 6.256   6.763   1.00 23.23  ? 24  DG  B N9    1 
ATOM   481 C  C8    . DG  B 1 12 ? -17.720 6.470   5.580   1.00 24.57  ? 24  DG  B C8    1 
ATOM   482 N  N7    . DG  B 1 12 ? -17.248 7.481   4.903   1.00 24.64  ? 24  DG  B N7    1 
ATOM   483 C  C5    . DG  B 1 12 ? -16.210 7.963   5.686   1.00 23.03  ? 24  DG  B C5    1 
ATOM   484 C  C6    . DG  B 1 12 ? -15.330 9.053   5.472   1.00 24.80  ? 24  DG  B C6    1 
ATOM   485 O  O6    . DG  B 1 12 ? -15.285 9.829   4.512   1.00 25.50  ? 24  DG  B O6    1 
ATOM   486 N  N1    . DG  B 1 12 ? -14.431 9.198   6.524   1.00 22.87  ? 24  DG  B N1    1 
ATOM   487 C  C2    . DG  B 1 12 ? -14.391 8.404   7.644   1.00 22.63  ? 24  DG  B C2    1 
ATOM   488 N  N2    . DG  B 1 12 ? -13.452 8.705   8.553   1.00 23.86  ? 24  DG  B N2    1 
ATOM   489 N  N3    . DG  B 1 12 ? -15.205 7.383   7.854   1.00 23.98  ? 24  DG  B N3    1 
ATOM   490 C  C4    . DG  B 1 12 ? -16.085 7.225   6.844   1.00 23.62  ? 24  DG  B C4    1 
HETATM 491 MG MG    . MG  C 2 .  ? -7.528  11.430  2.740   0.32 16.88  ? 101 MG  A MG    1 
HETATM 492 O  O     . HOH D 3 .  ? 22.337  -5.894  1.571   1.00 46.89  ? 201 HOH A O     1 
HETATM 493 O  O     . HOH D 3 .  ? 11.259  -1.378  -1.992  1.00 28.28  ? 202 HOH A O     1 
HETATM 494 O  O     . HOH D 3 .  ? -0.377  -5.373  -8.879  1.00 56.09  ? 203 HOH A O     1 
HETATM 495 O  O     . HOH D 3 .  ? 6.336   -1.448  -9.835  1.00 44.63  ? 204 HOH A O     1 
HETATM 496 O  O     . HOH D 3 .  ? 1.244   -7.189  -2.443  1.00 32.36  ? 205 HOH A O     1 
HETATM 497 O  O     . HOH D 3 .  ? -3.265  -4.684  2.990   1.00 38.60  ? 206 HOH A O     1 
HETATM 498 O  O     . HOH D 3 .  ? -0.593  -5.810  1.365   1.00 33.57  ? 207 HOH A O     1 
HETATM 499 O  O     . HOH D 3 .  ? 3.803   2.291   -3.731  1.00 23.41  ? 208 HOH A O     1 
HETATM 500 O  O     . HOH D 3 .  ? 7.467   1.090   -1.698  1.00 24.36  ? 209 HOH A O     1 
HETATM 501 O  O     . HOH D 3 .  ? 7.414   -3.905  -9.413  1.00 41.19  ? 210 HOH A O     1 
HETATM 502 O  O     . HOH D 3 .  ? -9.377  10.585  2.983   1.00 33.76  ? 211 HOH A O     1 
HETATM 503 O  O     . HOH D 3 .  ? 3.742   -6.057  -7.088  1.00 28.84  ? 212 HOH A O     1 
HETATM 504 O  O     . HOH D 3 .  ? -5.413  -6.945  -0.193  1.00 34.53  ? 213 HOH A O     1 
HETATM 505 O  O     . HOH D 3 .  ? -11.519 11.992  1.516   1.00 41.57  ? 214 HOH A O     1 
HETATM 506 O  O     . HOH D 3 .  ? -7.176  10.944  4.885   1.00 35.90  ? 215 HOH A O     1 
HETATM 507 O  O     . HOH D 3 .  ? 13.726  4.535   -2.086  1.00 68.13  ? 216 HOH A O     1 
HETATM 508 O  O     . HOH D 3 .  ? 20.058  -4.206  4.157   1.00 56.95  ? 217 HOH A O     1 
HETATM 509 O  O     . HOH D 3 .  ? 16.098  -1.172  -7.464  1.00 56.81  ? 218 HOH A O     1 
HETATM 510 O  O     . HOH D 3 .  ? 18.135  -2.621  -5.818  1.00 56.41  ? 219 HOH A O     1 
HETATM 511 O  O     . HOH D 3 .  ? -1.623  -2.745  4.154   1.00 39.78  ? 220 HOH A O     1 
HETATM 512 O  O     . HOH D 3 .  ? -3.574  -6.455  -5.253  1.00 31.93  ? 221 HOH A O     1 
HETATM 513 O  O     . HOH D 3 .  ? -4.826  9.260   4.940   1.00 51.38  ? 222 HOH A O     1 
HETATM 514 O  O     . HOH D 3 .  ? -9.335  -0.101  -0.745  1.00 59.79  ? 223 HOH A O     1 
HETATM 515 O  O     . HOH D 3 .  ? -3.949  4.650   10.298  1.00 63.10  ? 224 HOH A O     1 
HETATM 516 O  O     . HOH D 3 .  ? 9.338   0.503   -9.578  1.00 44.37  ? 225 HOH A O     1 
HETATM 517 O  O     . HOH D 3 .  ? 12.880  -3.264  -8.920  1.00 40.42  ? 226 HOH A O     1 
HETATM 518 O  O     . HOH D 3 .  ? 19.789  -7.387  4.992   1.00 133.35 ? 227 HOH A O     1 
HETATM 519 O  O     . HOH D 3 .  ? -5.400  12.442  6.369   1.00 38.65  ? 228 HOH A O     1 
HETATM 520 O  O     . HOH D 3 .  ? 7.693   5.417   -3.962  1.00 41.22  ? 229 HOH A O     1 
HETATM 521 O  O     . HOH D 3 .  ? 20.105  -2.507  -1.566  1.00 51.37  ? 230 HOH A O     1 
HETATM 522 O  O     . HOH D 3 .  ? -7.976  -0.202  -3.731  1.00 44.33  ? 231 HOH A O     1 
HETATM 523 O  O     . HOH D 3 .  ? -3.387  1.621   -5.950  1.00 32.76  ? 232 HOH A O     1 
HETATM 524 O  O     . HOH D 3 .  ? 10.205  0.970   -1.098  1.00 31.63  ? 233 HOH A O     1 
HETATM 525 O  O     . HOH D 3 .  ? 21.809  -3.312  0.594   1.00 44.53  ? 234 HOH A O     1 
HETATM 526 O  O     . HOH D 3 .  ? 5.427   6.322   -5.834  1.00 48.18  ? 235 HOH A O     1 
HETATM 527 O  O     . HOH D 3 .  ? 2.324   -4.332  -8.922  1.00 39.38  ? 236 HOH A O     1 
HETATM 528 O  O     . HOH D 3 .  ? -1.664  -6.927  -7.138  1.00 35.17  ? 237 HOH A O     1 
HETATM 529 O  O     . HOH D 3 .  ? -8.224  13.263  3.173   1.00 34.13  ? 238 HOH A O     1 
HETATM 530 O  O     . HOH D 3 .  ? -10.155 14.866  1.738   1.00 36.86  ? 239 HOH A O     1 
HETATM 531 O  O     . HOH D 3 .  ? -0.825  -8.582  -4.040  1.00 44.51  ? 240 HOH A O     1 
HETATM 532 O  O     . HOH E 3 .  ? -23.228 1.062   5.178   1.00 62.96  ? 101 HOH B O     1 
HETATM 533 O  O     . HOH E 3 .  ? 10.086  -16.606 1.277   1.00 41.93  ? 102 HOH B O     1 
HETATM 534 O  O     . HOH E 3 .  ? -0.749  1.945   -4.739  1.00 25.29  ? 103 HOH B O     1 
HETATM 535 O  O     . HOH E 3 .  ? -11.753 0.929   -6.197  1.00 49.31  ? 104 HOH B O     1 
HETATM 536 O  O     . HOH E 3 .  ? -5.255  0.748   -3.851  1.00 27.77  ? 105 HOH B O     1 
HETATM 537 O  O     . HOH E 3 .  ? 9.686   0.177   7.707   1.00 42.13  ? 106 HOH B O     1 
HETATM 538 O  O     . HOH E 3 .  ? 3.163   -4.837  3.629   1.00 36.20  ? 107 HOH B O     1 
HETATM 539 O  O     . HOH E 3 .  ? 3.924   -8.041  -1.917  1.00 36.04  ? 108 HOH B O     1 
HETATM 540 O  O     . HOH E 3 .  ? -6.962  9.550   2.119   1.00 34.33  ? 109 HOH B O     1 
HETATM 541 O  O     . HOH E 3 .  ? -21.339 1.565   9.523   1.00 34.34  ? 110 HOH B O     1 
HETATM 542 O  O     . HOH E 3 .  ? -18.701 7.228   2.534   1.00 39.54  ? 111 HOH B O     1 
HETATM 543 O  O     . HOH E 3 .  ? 5.065   -1.025  6.401   1.00 37.03  ? 112 HOH B O     1 
HETATM 544 O  O     . HOH E 3 .  ? -1.974  5.396   4.247   1.00 41.74  ? 113 HOH B O     1 
HETATM 545 O  O     . HOH E 3 .  ? 1.211   -2.684  3.880   1.00 39.09  ? 114 HOH B O     1 
HETATM 546 O  O     . HOH E 3 .  ? -8.502  9.414   -0.828  1.00 39.42  ? 115 HOH B O     1 
HETATM 547 O  O     . HOH E 3 .  ? 5.511   -14.619 -3.709  1.00 44.65  ? 116 HOH B O     1 
HETATM 548 O  O     . HOH E 3 .  ? 2.796   -0.525  4.954   1.00 36.26  ? 117 HOH B O     1 
HETATM 549 O  O     . HOH E 3 .  ? 9.865   -7.196  -8.581  1.00 47.26  ? 118 HOH B O     1 
HETATM 550 O  O     . HOH E 3 .  ? -15.331 4.006   -6.613  1.00 42.57  ? 119 HOH B O     1 
HETATM 551 O  O     . HOH E 3 .  ? -0.873  1.282   5.196   1.00 46.77  ? 120 HOH B O     1 
HETATM 552 O  O     . HOH E 3 .  ? 8.188   -9.459  -8.037  1.00 43.18  ? 121 HOH B O     1 
HETATM 553 O  O     . HOH E 3 .  ? 9.862   -11.381 6.950   1.00 55.48  ? 122 HOH B O     1 
HETATM 554 O  O     . HOH E 3 .  ? 6.543   -8.469  7.937   1.00 62.73  ? 123 HOH B O     1 
HETATM 555 O  O     . HOH E 3 .  ? -7.122  8.283   -4.281  1.00 44.27  ? 124 HOH B O     1 
HETATM 556 O  O     . HOH E 3 .  ? 4.687   6.241   3.849   1.00 52.54  ? 125 HOH B O     1 
HETATM 557 O  O     . HOH E 3 .  ? -13.109 9.763   -0.137  1.00 38.58  ? 126 HOH B O     1 
HETATM 558 O  O     . HOH E 3 .  ? 5.489   -9.782  -6.732  1.00 43.72  ? 127 HOH B O     1 
HETATM 559 O  O     . HOH E 3 .  ? 1.835   7.214   1.471   1.00 37.54  ? 128 HOH B O     1 
HETATM 560 O  O     . HOH E 3 .  ? 4.725   -12.087 0.281   1.00 43.48  ? 129 HOH B O     1 
HETATM 561 O  O     . HOH E 3 .  ? 4.845   3.428   4.716   1.00 38.58  ? 130 HOH B O     1 
HETATM 562 O  O     . HOH E 3 .  ? -4.389  8.549   1.597   1.00 33.59  ? 131 HOH B O     1 
HETATM 563 O  O     . HOH E 3 .  ? 16.207  -9.400  -9.672  1.00 79.80  ? 132 HOH B O     1 
HETATM 564 O  O     . HOH E 3 .  ? 6.345   3.199   -3.034  1.00 28.38  ? 133 HOH B O     1 
HETATM 565 O  O     . HOH E 3 .  ? -13.647 3.692   -9.988  1.00 58.46  ? 134 HOH B O     1 
HETATM 566 O  O     . HOH E 3 .  ? 0.502   9.376   0.137   1.00 50.18  ? 135 HOH B O     1 
HETATM 567 O  O     . HOH E 3 .  ? 1.683   3.156   -5.405  1.00 32.57  ? 136 HOH B O     1 
HETATM 568 O  O     . HOH E 3 .  ? 2.097   4.911   -7.448  1.00 52.18  ? 137 HOH B O     1 
HETATM 569 O  O     . HOH E 3 .  ? 10.374  -15.451 4.008   1.00 48.41  ? 138 HOH B O     1 
HETATM 570 O  O     . HOH E 3 .  ? -21.055 8.976   2.105   1.00 70.66  ? 139 HOH B O     1 
HETATM 571 O  O     . HOH E 3 .  ? 11.516  2.157   7.747   1.00 39.81  ? 140 HOH B O     1 
HETATM 572 O  O     . HOH E 3 .  ? 5.724   10.000  -5.146  1.00 46.90  ? 141 HOH B O     1 
HETATM 573 O  O     . HOH E 3 .  ? 11.333  3.381   -0.676  1.00 46.72  ? 142 HOH B O     1 
HETATM 574 O  O     . HOH E 3 .  ? -7.992  11.838  0.773   1.00 39.75  ? 143 HOH B O     1 
HETATM 575 O  O     . HOH E 3 .  ? 0.835   -8.564  -6.526  1.00 53.79  ? 144 HOH B O     1 
HETATM 576 O  O     . HOH E 3 .  ? -5.548  12.150  2.471   1.00 39.23  ? 145 HOH B O     1 
# 
loop_
_atom_site_anisotrop.id 
_atom_site_anisotrop.type_symbol 
_atom_site_anisotrop.pdbx_label_atom_id 
_atom_site_anisotrop.pdbx_label_alt_id 
_atom_site_anisotrop.pdbx_label_comp_id 
_atom_site_anisotrop.pdbx_label_asym_id 
_atom_site_anisotrop.pdbx_label_seq_id 
_atom_site_anisotrop.pdbx_PDB_ins_code 
_atom_site_anisotrop.U[1][1] 
_atom_site_anisotrop.U[2][2] 
_atom_site_anisotrop.U[3][3] 
_atom_site_anisotrop.U[1][2] 
_atom_site_anisotrop.U[1][3] 
_atom_site_anisotrop.U[2][3] 
_atom_site_anisotrop.pdbx_auth_seq_id 
_atom_site_anisotrop.pdbx_auth_comp_id 
_atom_site_anisotrop.pdbx_auth_asym_id 
_atom_site_anisotrop.pdbx_auth_atom_id 
1   O  "O5'" . DC  A 1  ? 0.5688 0.5663 0.4672 -0.0717 -0.1145 -0.0090 1   DC  A "O5'" 
2   C  "C5'" . DC  A 1  ? 0.4199 0.4215 0.3692 -0.0129 -0.0491 0.0584  1   DC  A "C5'" 
3   C  "C4'" . DC  A 1  ? 0.4504 0.4307 0.3923 -0.0368 -0.0430 0.0682  1   DC  A "C4'" 
4   O  "O4'" . DC  A 1  ? 0.4499 0.3941 0.3169 -0.0088 -0.0379 0.0521  1   DC  A "O4'" 
5   C  "C3'" . DC  A 1  ? 0.4511 0.4627 0.4280 -0.0285 -0.0640 0.0749  1   DC  A "C3'" 
6   O  "O3'" . DC  A 1  ? 0.5723 0.5578 0.5745 -0.0418 -0.1500 0.2031  1   DC  A "O3'" 
7   C  "C2'" . DC  A 1  ? 0.4117 0.4360 0.4264 -0.0233 -0.0171 0.0612  1   DC  A "C2'" 
8   C  "C1'" . DC  A 1  ? 0.3932 0.4096 0.2610 -0.0303 -0.0349 0.0292  1   DC  A "C1'" 
9   N  N1    . DC  A 1  ? 0.3850 0.3717 0.1971 -0.0298 0.0044  0.0355  1   DC  A N1    
10  C  C2    . DC  A 1  ? 0.3973 0.3684 0.1811 -0.0372 0.0213  -0.0260 1   DC  A C2    
11  O  O2    . DC  A 1  ? 0.4204 0.3808 0.2699 -0.0405 0.0257  0.0515  1   DC  A O2    
12  N  N3    . DC  A 1  ? 0.4177 0.3708 0.1650 -0.0579 0.0149  0.0018  1   DC  A N3    
13  C  C4    . DC  A 1  ? 0.4839 0.3676 0.2491 -0.0431 0.0302  0.0748  1   DC  A C4    
14  N  N4    . DC  A 1  ? 0.4743 0.4309 0.2818 -0.0468 0.0128  0.0603  1   DC  A N4    
15  C  C5    . DC  A 1  ? 0.4665 0.4090 0.3299 -0.0639 -0.0030 0.0214  1   DC  A C5    
16  C  C6    . DC  A 1  ? 0.4743 0.3877 0.2221 -0.0453 0.0547  0.0438  1   DC  A C6    
17  P  P     . DG  A 2  ? 0.6341 0.6711 0.5944 -0.0335 -0.2782 0.2143  2   DG  A P     
18  O  OP1   . DG  A 2  ? 0.6181 0.9830 0.7054 -0.0427 -0.3346 0.1129  2   DG  A OP1   
19  O  OP2   . DG  A 2  ? 0.4273 0.7258 0.7061 -0.0280 -0.1779 0.3542  2   DG  A OP2   
20  O  "O5'" . DG  A 2  ? 0.4150 0.6792 0.4720 -0.0805 -0.1400 0.1348  2   DG  A "O5'" 
21  C  "C5'" . DG  A 2  ? 0.4914 0.5495 0.4302 -0.0572 -0.0845 0.0466  2   DG  A "C5'" 
22  C  "C4'" . DG  A 2  ? 0.4241 0.5229 0.2947 -0.0165 -0.0854 0.0175  2   DG  A "C4'" 
23  O  "O4'" . DG  A 2  ? 0.4468 0.5989 0.2361 0.0275  -0.0497 -0.0142 2   DG  A "O4'" 
24  C  "C3'" . DG  A 2  ? 0.4343 0.4893 0.3115 -0.0293 -0.0084 0.0261  2   DG  A "C3'" 
25  O  "O3'" . DG  A 2  ? 0.4391 0.5123 0.3461 0.0506  -0.0949 0.0772  2   DG  A "O3'" 
26  C  "C2'" . DG  A 2  ? 0.4463 0.4211 0.2970 0.0252  -0.0922 0.0470  2   DG  A "C2'" 
27  C  "C1'" . DG  A 2  ? 0.4533 0.4836 0.2085 -0.0243 -0.1111 -0.0036 2   DG  A "C1'" 
28  N  N9    . DG  A 2  ? 0.5026 0.4009 0.1807 -0.0320 -0.0614 -0.0188 2   DG  A N9    
29  C  C8    . DG  A 2  ? 0.4937 0.3876 0.1492 0.0031  -0.0726 -0.0014 2   DG  A C8    
30  N  N7    . DG  A 2  ? 0.4415 0.3083 0.1701 0.0661  -0.0792 0.0669  2   DG  A N7    
31  C  C5    . DG  A 2  ? 0.4172 0.3166 0.1153 0.0743  -0.0585 0.0441  2   DG  A C5    
32  C  C6    . DG  A 2  ? 0.4076 0.3364 0.1039 0.0699  -0.0336 0.0157  2   DG  A C6    
33  O  O6    . DG  A 2  ? 0.4207 0.4397 0.0996 0.0812  -0.0267 0.0340  2   DG  A O6    
34  N  N1    . DG  A 2  ? 0.4117 0.3292 0.0759 0.0847  -0.0158 0.0179  2   DG  A N1    
35  C  C2    . DG  A 2  ? 0.3676 0.3405 0.0756 0.0610  -0.0389 0.0193  2   DG  A C2    
36  N  N2    . DG  A 2  ? 0.3666 0.3554 0.1514 0.0520  -0.0594 0.0056  2   DG  A N2    
37  N  N3    . DG  A 2  ? 0.4222 0.3704 0.1666 0.0187  -0.0993 0.0035  2   DG  A N3    
38  C  C4    . DG  A 2  ? 0.4579 0.3495 0.0836 0.0377  -0.0623 0.0197  2   DG  A C4    
39  P  P     . 5HC A 3  ? 0.4391 0.4653 0.4573 0.0219  -0.1054 0.0607  3   5HC A P     
40  O  OP1   . 5HC A 3  ? 0.5795 0.6197 0.4269 0.0293  -0.1335 -0.0181 3   5HC A OP1   
41  O  OP2   . 5HC A 3  ? 0.4644 0.5474 0.5932 0.0149  -0.0464 0.0514  3   5HC A OP2   
42  O  "O5'" . 5HC A 3  ? 0.4260 0.5058 0.2815 0.0402  -0.0192 0.0165  3   5HC A "O5'" 
43  C  "C5'" . 5HC A 3  ? 0.4389 0.4442 0.2045 0.0417  -0.0025 -0.0234 3   5HC A "C5'" 
44  C  "C4'" . 5HC A 3  ? 0.3623 0.3875 0.1642 0.0411  -0.0362 0.0556  3   5HC A "C4'" 
45  O  "O4'" . 5HC A 3  ? 0.4312 0.4032 0.0870 0.0635  -0.0475 0.0086  3   5HC A "O4'" 
46  C  "C3'" . 5HC A 3  ? 0.4068 0.3843 0.1717 0.0363  -0.0362 0.0042  3   5HC A "C3'" 
47  O  "O3'" . 5HC A 3  ? 0.4782 0.4438 0.1885 0.0337  0.0087  0.0492  3   5HC A "O3'" 
48  C  "C2'" . 5HC A 3  ? 0.4466 0.3625 0.1575 0.0502  -0.0086 0.0033  3   5HC A "C2'" 
49  C  "C1'" . 5HC A 3  ? 0.3986 0.3790 0.1140 0.0488  -0.0143 0.0027  3   5HC A "C1'" 
50  N  N1    . 5HC A 3  ? 0.4543 0.4162 0.0884 0.0479  -0.0602 0.0460  3   5HC A N1    
51  C  C2    . 5HC A 3  ? 0.3464 0.3628 0.1349 0.0835  -0.0894 -0.0146 3   5HC A C2    
52  O  O2    . 5HC A 3  ? 0.3824 0.3465 0.0922 0.0681  -0.0459 -0.0044 3   5HC A O2    
53  N  N3    . 5HC A 3  ? 0.4147 0.3662 0.1433 0.0642  -0.0589 -0.0184 3   5HC A N3    
54  C  C4    . 5HC A 3  ? 0.4244 0.3704 0.1470 0.0390  -0.0332 -0.0062 3   5HC A C4    
55  N  N4    . 5HC A 3  ? 0.4265 0.3517 0.2260 0.0370  -0.0349 0.0341  3   5HC A N4    
56  C  C5    . 5HC A 3  ? 0.4669 0.4493 0.1884 0.0388  -0.0910 0.0246  3   5HC A C5    
57  C  C5M   . 5HC A 3  ? 0.4665 0.4732 0.3741 0.0157  -0.0795 0.0213  3   5HC A C5M   
58  O  O5    . 5HC A 3  ? 0.5172 0.6252 0.3477 0.0134  -0.0571 0.0055  3   5HC A O5    
59  C  C6    . 5HC A 3  ? 0.4823 0.4287 0.2400 0.0181  -0.0271 0.0003  3   5HC A C6    
60  P  P     . DG  A 4  ? 0.5048 0.4402 0.2406 0.0734  -0.1152 0.0550  4   DG  A P     
61  O  OP1   . DG  A 4  ? 0.6671 0.4866 0.2580 0.0539  -0.0697 0.0824  4   DG  A OP1   
62  O  OP2   . DG  A 4  ? 0.4528 0.5655 0.3948 0.0241  -0.1688 -0.0215 4   DG  A OP2   
63  O  "O5'" . DG  A 4  ? 0.4572 0.4611 0.1918 0.0580  -0.0231 0.0292  4   DG  A "O5'" 
64  C  "C5'" . DG  A 4  ? 0.4499 0.4585 0.2297 0.0599  0.0083  0.0437  4   DG  A "C5'" 
65  C  "C4'" . DG  A 4  ? 0.4335 0.4675 0.2870 0.0314  -0.0561 0.0260  4   DG  A "C4'" 
66  O  "O4'" . DG  A 4  ? 0.4575 0.4503 0.2486 0.0997  -0.0181 0.0050  4   DG  A "O4'" 
67  C  "C3'" . DG  A 4  ? 0.4806 0.4931 0.3160 0.0403  -0.0218 -0.0044 4   DG  A "C3'" 
68  O  "O3'" . DG  A 4  ? 0.6006 0.5079 0.4157 0.0475  -0.0962 -0.0382 4   DG  A "O3'" 
69  C  "C2'" . DG  A 4  ? 0.4725 0.4789 0.2231 0.0731  -0.0628 0.0421  4   DG  A "C2'" 
70  C  "C1'" . DG  A 4  ? 0.3983 0.4632 0.2910 0.0794  -0.0217 0.0250  4   DG  A "C1'" 
71  N  N9    . DG  A 4  ? 0.4387 0.4292 0.1656 0.0905  -0.0468 -0.0049 4   DG  A N9    
72  C  C8    . DG  A 4  ? 0.4189 0.4430 0.2340 0.0794  -0.0098 -0.0576 4   DG  A C8    
73  N  N7    . DG  A 4  ? 0.4580 0.4745 0.1160 0.1139  -0.0512 -0.0186 4   DG  A N7    
74  C  C5    . DG  A 4  ? 0.3779 0.4728 0.1745 0.1019  -0.0780 -0.0687 4   DG  A C5    
75  C  C6    . DG  A 4  ? 0.3604 0.4664 0.2341 0.0802  -0.0617 -0.0581 4   DG  A C6    
76  O  O6    . DG  A 4  ? 0.3790 0.5054 0.2344 0.0611  -0.0906 -0.0697 4   DG  A O6    
77  N  N1    . DG  A 4  ? 0.3368 0.4596 0.1808 0.0924  -0.0431 -0.0147 4   DG  A N1    
78  C  C2    . DG  A 4  ? 0.3946 0.4454 0.2271 0.0770  -0.0580 -0.0251 4   DG  A C2    
79  N  N2    . DG  A 4  ? 0.3631 0.4374 0.1740 0.0451  -0.0195 0.0088  4   DG  A N2    
80  N  N3    . DG  A 4  ? 0.4120 0.5105 0.1468 0.1067  -0.0079 -0.0337 4   DG  A N3    
81  C  C4    . DG  A 4  ? 0.4387 0.4304 0.1927 0.1107  -0.0532 -0.0023 4   DG  A C4    
82  P  P     . DA  A 5  ? 0.7290 0.4647 0.4358 0.0981  -0.1043 -0.0103 5   DA  A P     
83  O  OP1   . DA  A 5  ? 0.7657 0.5753 0.5864 0.0303  0.0325  0.0043  5   DA  A OP1   
84  O  OP2   . DA  A 5  ? 0.7450 0.5362 0.5657 0.1143  -0.1898 -0.0427 5   DA  A OP2   
85  O  "O5'" . DA  A 5  ? 0.5038 0.4339 0.4062 0.0414  -0.0061 0.0122  5   DA  A "O5'" 
86  C  "C5'" . DA  A 5  ? 0.4510 0.4307 0.3272 0.0152  0.0605  0.0567  5   DA  A "C5'" 
87  C  "C4'" . DA  A 5  ? 0.4663 0.4753 0.3149 0.0191  0.0347  0.0313  5   DA  A "C4'" 
88  O  "O4'" . DA  A 5  ? 0.4554 0.4718 0.4130 0.0212  0.1267  -0.0317 5   DA  A "O4'" 
89  C  "C3'" . DA  A 5  ? 0.4526 0.4597 0.3560 -0.0065 0.0388  0.0106  5   DA  A "C3'" 
90  O  "O3'" . DA  A 5  ? 0.4869 0.4955 0.2977 -0.0169 0.0791  -0.0113 5   DA  A "O3'" 
91  C  "C2'" . DA  A 5  ? 0.4395 0.4238 0.3156 0.0064  0.0323  -0.0019 5   DA  A "C2'" 
92  C  "C1'" . DA  A 5  ? 0.3924 0.4219 0.3258 0.0116  0.0662  0.0028  5   DA  A "C1'" 
93  N  N9    . DA  A 5  ? 0.3961 0.4098 0.2815 0.0275  0.0540  0.0142  5   DA  A N9    
94  C  C8    . DA  A 5  ? 0.4483 0.3580 0.2234 0.0395  0.0798  0.0244  5   DA  A C8    
95  N  N7    . DA  A 5  ? 0.4309 0.3760 0.2448 0.0563  0.0446  0.0621  5   DA  A N7    
96  C  C5    . DA  A 5  ? 0.3854 0.3501 0.2234 0.0582  0.0492  0.0407  5   DA  A C5    
97  C  C6    . DA  A 5  ? 0.3742 0.3694 0.2064 0.0351  0.0056  0.0409  5   DA  A C6    
98  N  N6    . DA  A 5  ? 0.3399 0.3445 0.2237 0.0419  0.0209  0.0384  5   DA  A N6    
99  N  N1    . DA  A 5  ? 0.3854 0.3768 0.1811 0.0845  0.0012  0.0038  5   DA  A N1    
100 C  C2    . DA  A 5  ? 0.4074 0.3847 0.2919 0.0191  0.0082  0.0004  5   DA  A C2    
101 N  N3    . DA  A 5  ? 0.3867 0.3640 0.2680 0.0643  0.0212  0.0256  5   DA  A N3    
102 C  C4    . DA  A 5  ? 0.3914 0.4093 0.2418 0.0412  0.0433  0.0328  5   DA  A C4    
103 P  P     . DA  A 6  ? 0.5730 0.5139 0.3234 -0.0168 0.0805  -0.0360 6   DA  A P     
104 O  OP1   . DA  A 6  ? 0.5639 0.5723 0.3275 -0.0648 0.1287  -0.0287 6   DA  A OP1   
105 O  OP2   . DA  A 6  ? 0.6341 0.5816 0.2739 0.0584  0.1590  0.0240  6   DA  A OP2   
106 O  "O5'" . DA  A 6  ? 0.4127 0.4493 0.2854 0.0099  -0.0067 -0.0413 6   DA  A "O5'" 
107 C  "C5'" . DA  A 6  ? 0.3991 0.4011 0.3039 -0.0300 0.0103  -0.0303 6   DA  A "C5'" 
108 C  "C4'" . DA  A 6  ? 0.3253 0.3772 0.3122 -0.0251 -0.0295 -0.0278 6   DA  A "C4'" 
109 O  "O4'" . DA  A 6  ? 0.3171 0.4097 0.2362 -0.0113 -0.0277 -0.0229 6   DA  A "O4'" 
110 C  "C3'" . DA  A 6  ? 0.3440 0.3964 0.2612 -0.0276 -0.0303 -0.0329 6   DA  A "C3'" 
111 O  "O3'" . DA  A 6  ? 0.3522 0.4693 0.2711 -0.0217 -0.0184 -0.0025 6   DA  A "O3'" 
112 C  "C2'" . DA  A 6  ? 0.3403 0.3643 0.1988 -0.0028 -0.0292 -0.0405 6   DA  A "C2'" 
113 C  "C1'" . DA  A 6  ? 0.3125 0.3433 0.2382 0.0007  -0.0380 -0.0258 6   DA  A "C1'" 
114 N  N9    . DA  A 6  ? 0.3213 0.3499 0.2015 0.0343  -0.0315 -0.0217 6   DA  A N9    
115 C  C8    . DA  A 6  ? 0.3111 0.3050 0.2229 0.0055  0.0016  -0.0106 6   DA  A C8    
116 N  N7    . DA  A 6  ? 0.3201 0.3422 0.2109 0.0185  -0.0020 -0.0316 6   DA  A N7    
117 C  C5    . DA  A 6  ? 0.3068 0.3490 0.1448 0.0469  -0.0205 -0.0170 6   DA  A C5    
118 C  C6    . DA  A 6  ? 0.3011 0.3416 0.1612 0.0500  -0.0544 0.0062  6   DA  A C6    
119 N  N6    . DA  A 6  ? 0.3094 0.3279 0.1312 0.0223  -0.0409 -0.0207 6   DA  A N6    
120 N  N1    . DA  A 6  ? 0.3266 0.3138 0.1523 0.0460  -0.0253 -0.0270 6   DA  A N1    
121 C  C2    . DA  A 6  ? 0.3385 0.3072 0.1922 0.0312  -0.0512 0.0203  6   DA  A C2    
122 N  N3    . DA  A 6  ? 0.3277 0.3552 0.1253 0.0419  -0.0698 -0.0083 6   DA  A N3    
123 C  C4    . DA  A 6  ? 0.2962 0.3509 0.1771 0.0333  -0.0446 -0.0027 6   DA  A C4    
124 P  P     . DT  A 7  ? 0.3979 0.4977 0.1611 -0.0419 -0.0592 0.0194  7   DT  A P     
125 O  OP1   . DT  A 7  ? 0.4369 0.5967 0.2547 -0.0272 -0.1314 0.0080  7   DT  A OP1   
126 O  OP2   . DT  A 7  ? 0.4908 0.4738 0.2189 -0.0374 -0.0034 0.0299  7   DT  A OP2   
127 O  "O5'" . DT  A 7  ? 0.3776 0.3968 0.2173 0.0051  -0.0063 0.0247  7   DT  A "O5'" 
128 C  "C5'" . DT  A 7  ? 0.3340 0.3729 0.2221 -0.0035 -0.0209 -0.0181 7   DT  A "C5'" 
129 C  "C4'" . DT  A 7  ? 0.3031 0.3589 0.1708 0.0310  -0.0808 0.0362  7   DT  A "C4'" 
130 O  "O4'" . DT  A 7  ? 0.3045 0.3619 0.1774 0.0261  -0.0932 0.0444  7   DT  A "O4'" 
131 C  "C3'" . DT  A 7  ? 0.3038 0.3385 0.1841 -0.0135 -0.0678 -0.0072 7   DT  A "C3'" 
132 O  "O3'" . DT  A 7  ? 0.3631 0.4238 0.2219 -0.0306 -0.0480 0.0266  7   DT  A "O3'" 
133 C  "C2'" . DT  A 7  ? 0.3049 0.3583 0.1830 -0.0339 -0.0669 0.0293  7   DT  A "C2'" 
134 C  "C1'" . DT  A 7  ? 0.3048 0.3146 0.1917 0.0041  -0.0835 0.0411  7   DT  A "C1'" 
135 N  N1    . DT  A 7  ? 0.3229 0.3312 0.1592 0.0139  -0.0586 0.0343  7   DT  A N1    
136 C  C2    . DT  A 7  ? 0.3332 0.3104 0.1423 0.0403  -0.0558 0.0007  7   DT  A C2    
137 O  O2    . DT  A 7  ? 0.3568 0.3494 0.1386 0.0227  -0.0900 0.0380  7   DT  A O2    
138 N  N3    . DT  A 7  ? 0.3250 0.3136 0.1740 0.0042  -0.1050 0.0065  7   DT  A N3    
139 C  C4    . DT  A 7  ? 0.3013 0.3047 0.2218 0.0125  -0.0791 -0.0012 7   DT  A C4    
140 O  O4    . DT  A 7  ? 0.3145 0.3367 0.1961 0.0391  -0.0399 0.0053  7   DT  A O4    
141 C  C5    . DT  A 7  ? 0.2857 0.3180 0.1892 0.0098  -0.0458 -0.0220 7   DT  A C5    
142 C  C7    . DT  A 7  ? 0.3308 0.3351 0.2444 -0.0075 -0.0047 -0.0192 7   DT  A C7    
143 C  C6    . DT  A 7  ? 0.2938 0.3180 0.2098 0.0161  -0.0276 0.0187  7   DT  A C6    
144 P  P     . DT  A 8  ? 0.3891 0.5014 0.1674 -0.0241 -0.0699 0.0222  8   DT  A P     
145 O  OP1   . DT  A 8  ? 0.4855 0.4915 0.2089 -0.0212 -0.0840 0.0329  8   DT  A OP1   
146 O  OP2   . DT  A 8  ? 0.4614 0.4718 0.2705 -0.0479 -0.0271 0.0095  8   DT  A OP2   
147 O  "O5'" . DT  A 8  ? 0.4132 0.4461 0.1355 -0.0356 -0.0730 0.0262  8   DT  A "O5'" 
148 C  "C5'" . DT  A 8  ? 0.3218 0.4389 0.1724 0.0000  -0.0635 0.0205  8   DT  A "C5'" 
149 C  "C4'" . DT  A 8  ? 0.3333 0.3406 0.1607 0.0058  -0.0854 0.0628  8   DT  A "C4'" 
150 O  "O4'" . DT  A 8  ? 0.3548 0.3564 0.1549 0.0390  -0.0611 0.0667  8   DT  A "O4'" 
151 C  "C3'" . DT  A 8  ? 0.3518 0.4096 0.1940 0.0156  -0.0686 0.0486  8   DT  A "C3'" 
152 O  "O3'" . DT  A 8  ? 0.4278 0.4489 0.2360 -0.0159 -0.0653 0.0851  8   DT  A "O3'" 
153 C  "C2'" . DT  A 8  ? 0.3392 0.3466 0.1629 -0.0070 -0.0449 0.0337  8   DT  A "C2'" 
154 C  "C1'" . DT  A 8  ? 0.3223 0.3347 0.1705 0.0028  -0.0464 0.0174  8   DT  A "C1'" 
155 N  N1    . DT  A 8  ? 0.3106 0.3237 0.1845 0.0247  -0.0676 0.0206  8   DT  A N1    
156 C  C2    . DT  A 8  ? 0.3060 0.2698 0.1548 0.0396  -0.0427 0.0131  8   DT  A C2    
157 O  O2    . DT  A 8  ? 0.3046 0.3108 0.1734 0.0169  -0.0250 0.0299  8   DT  A O2    
158 N  N3    . DT  A 8  ? 0.3647 0.2839 0.1533 0.0173  -0.0513 0.0178  8   DT  A N3    
159 C  C4    . DT  A 8  ? 0.3081 0.2860 0.1789 0.0425  -0.0911 0.0129  8   DT  A C4    
160 O  O4    . DT  A 8  ? 0.3319 0.2993 0.1868 0.0186  -0.0883 0.0140  8   DT  A O4    
161 C  C5    . DT  A 8  ? 0.3042 0.3107 0.1666 0.0279  -0.0738 -0.0129 8   DT  A C5    
162 C  C7    . DT  A 8  ? 0.3355 0.3017 0.2694 0.0390  -0.0429 -0.0291 8   DT  A C7    
163 C  C6    . DT  A 8  ? 0.2825 0.3295 0.1728 0.0262  -0.0594 0.0080  8   DT  A C6    
164 P  P     . DC  A 9  ? 0.4375 0.4711 0.2230 -0.0343 -0.0478 0.1046  9   DC  A P     
165 O  OP1   . DC  A 9  ? 0.5250 0.4695 0.3637 -0.0251 -0.0567 0.1524  9   DC  A OP1   
166 O  OP2   . DC  A 9  ? 0.4723 0.4838 0.2563 -0.0493 -0.0885 0.0710  9   DC  A OP2   
167 O  "O5'" . DC  A 9  ? 0.3812 0.4491 0.2627 -0.0229 -0.0425 0.0707  9   DC  A "O5'" 
168 C  "C5'" . DC  A 9  ? 0.3066 0.3607 0.2984 0.0251  -0.0460 0.0881  9   DC  A "C5'" 
169 C  "C4'" . DC  A 9  ? 0.3312 0.3232 0.2826 0.0089  -0.0512 0.0741  9   DC  A "C4'" 
170 O  "O4'" . DC  A 9  ? 0.3495 0.3281 0.2409 -0.0058 -0.0357 0.0520  9   DC  A "O4'" 
171 C  "C3'" . DC  A 9  ? 0.3460 0.3627 0.3411 0.0172  -0.0239 0.1238  9   DC  A "C3'" 
172 O  "O3'" . DC  A 9  ? 0.4203 0.3588 0.4093 0.0143  -0.0703 0.1370  9   DC  A "O3'" 
173 C  "C2'" . DC  A 9  ? 0.3405 0.3199 0.2921 -0.0195 -0.0013 0.0465  9   DC  A "C2'" 
174 C  "C1'" . DC  A 9  ? 0.3188 0.3149 0.2664 -0.0263 -0.0168 0.0326  9   DC  A "C1'" 
175 N  N1    . DC  A 9  ? 0.3143 0.3101 0.1562 -0.0120 -0.0346 0.0707  9   DC  A N1    
176 C  C2    . DC  A 9  ? 0.3236 0.3186 0.1209 -0.0126 -0.0546 0.0312  9   DC  A C2    
177 O  O2    . DC  A 9  ? 0.3612 0.3292 0.1605 -0.0229 -0.0674 0.0038  9   DC  A O2    
178 N  N3    . DC  A 9  ? 0.2983 0.3170 0.1489 -0.0261 -0.0536 0.0064  9   DC  A N3    
179 C  C4    . DC  A 9  ? 0.2972 0.3169 0.1360 0.0066  -0.0693 0.0157  9   DC  A C4    
180 N  N4    . DC  A 9  ? 0.2944 0.3267 0.1826 -0.0110 -0.0271 0.0084  9   DC  A N4    
181 C  C5    . DC  A 9  ? 0.3189 0.3312 0.1349 0.0052  -0.0180 0.0503  9   DC  A C5    
182 C  C6    . DC  A 9  ? 0.2794 0.3388 0.2134 -0.0176 -0.0249 0.0199  9   DC  A C6    
183 P  P     . DG  A 10 ? 0.4412 0.4291 0.5429 -0.0348 -0.0767 0.2094  10  DG  A P     
184 O  OP1   . DG  A 10 ? 0.5191 0.4527 0.6430 0.0005  -0.0866 0.1365  10  DG  A OP1   
185 O  OP2   . DG  A 10 ? 0.5368 0.5866 0.5141 -0.0159 -0.1078 0.2160  10  DG  A OP2   
186 O  "O5'" . DG  A 10 ? 0.4428 0.3937 0.4260 -0.0503 -0.0843 0.1684  10  DG  A "O5'" 
187 C  "C5'" . DG  A 10 ? 0.4006 0.3497 0.4162 -0.0235 -0.0413 0.0967  10  DG  A "C5'" 
188 C  "C4'" . DG  A 10 ? 0.4095 0.3530 0.4210 -0.0202 -0.0649 0.0974  10  DG  A "C4'" 
189 O  "O4'" . DG  A 10 ? 0.3838 0.3602 0.3737 -0.0189 -0.0428 0.0847  10  DG  A "O4'" 
190 C  "C3'" . DG  A 10 ? 0.3798 0.3796 0.5053 -0.0063 -0.0602 0.0828  10  DG  A "C3'" 
191 O  "O3'" . DG  A 10 ? 0.4243 0.4298 0.5459 -0.0075 -0.1052 0.1380  10  DG  A "O3'" 
192 C  "C2'" . DG  A 10 ? 0.3751 0.3424 0.4181 -0.0234 0.0123  0.1199  10  DG  A "C2'" 
193 C  "C1'" . DG  A 10 ? 0.3516 0.3786 0.3674 -0.0358 0.0082  0.0916  10  DG  A "C1'" 
194 N  N9    . DG  A 10 ? 0.3636 0.3462 0.2918 -0.0229 0.0086  0.0857  10  DG  A N9    
195 C  C8    . DG  A 10 ? 0.3640 0.3713 0.2915 -0.0211 0.0121  0.0850  10  DG  A C8    
196 N  N7    . DG  A 10 ? 0.3457 0.3470 0.2044 0.0092  -0.0066 0.1030  10  DG  A N7    
197 C  C5    . DG  A 10 ? 0.3257 0.3166 0.1986 0.0377  -0.0341 0.0845  10  DG  A C5    
198 C  C6    . DG  A 10 ? 0.3094 0.3129 0.1899 0.0167  -0.0665 0.0567  10  DG  A C6    
199 O  O6    . DG  A 10 ? 0.3612 0.3251 0.0874 -0.0056 -0.0591 0.0741  10  DG  A O6    
200 N  N1    . DG  A 10 ? 0.2976 0.3036 0.1641 0.0145  -0.0409 0.0442  10  DG  A N1    
201 C  C2    . DG  A 10 ? 0.3032 0.3187 0.2511 -0.0207 -0.0257 0.0257  10  DG  A C2    
202 N  N2    . DG  A 10 ? 0.2945 0.3069 0.2498 -0.0103 -0.0102 0.0325  10  DG  A N2    
203 N  N3    . DG  A 10 ? 0.3009 0.3062 0.2799 0.0168  -0.0504 0.0558  10  DG  A N3    
204 C  C4    . DG  A 10 ? 0.3445 0.3103 0.2658 -0.0062 -0.0211 0.0731  10  DG  A C4    
205 P  P     . DC  A 11 ? 0.4518 0.4728 0.6732 -0.0563 -0.0855 0.1661  11  DC  A P     
206 O  OP1   . DC  A 11 ? 0.4235 0.4965 0.7004 -0.0429 -0.1924 0.1212  11  DC  A OP1   
207 O  OP2   . DC  A 11 ? 0.4828 0.5217 0.6675 -0.0517 -0.0486 0.2165  11  DC  A OP2   
208 O  "O5'" . DC  A 11 ? 0.3737 0.4535 0.5667 -0.0554 -0.0977 0.0618  11  DC  A "O5'" 
209 C  "C5'" . DC  A 11 ? 0.4192 0.4303 0.6251 -0.0584 -0.0415 0.0188  11  DC  A "C5'" 
210 C  "C4'" . DC  A 11 ? 0.3824 0.4672 0.4908 -0.0270 -0.0622 0.0030  11  DC  A "C4'" 
211 O  "O4'" . DC  A 11 ? 0.3925 0.4342 0.5107 0.0057  -0.0737 -0.0105 11  DC  A "O4'" 
212 C  "C3'" . DC  A 11 ? 0.3941 0.4415 0.5415 -0.0343 -0.0898 0.0058  11  DC  A "C3'" 
213 O  "O3'" . DC  A 11 ? 0.4519 0.4790 0.5358 -0.0350 -0.1139 0.0006  11  DC  A "O3'" 
214 C  "C2'" . DC  A 11 ? 0.3548 0.4648 0.4505 0.0043  -0.0498 0.0169  11  DC  A "C2'" 
215 C  "C1'" . DC  A 11 ? 0.3637 0.4289 0.4526 -0.0184 -0.0391 0.0027  11  DC  A "C1'" 
216 N  N1    . DC  A 11 ? 0.4230 0.3796 0.3942 -0.0110 -0.0330 0.0528  11  DC  A N1    
217 C  C2    . DC  A 11 ? 0.4026 0.3583 0.3477 0.0166  -0.0197 0.0792  11  DC  A C2    
218 O  O2    . DC  A 11 ? 0.3416 0.4020 0.3270 -0.0009 -0.0467 0.0704  11  DC  A O2    
219 N  N3    . DC  A 11 ? 0.3429 0.2873 0.3731 -0.0189 -0.0533 0.1121  11  DC  A N3    
220 C  C4    . DC  A 11 ? 0.3928 0.3355 0.3117 0.0387  0.0274  0.0511  11  DC  A C4    
221 N  N4    . DC  A 11 ? 0.4114 0.3483 0.3601 -0.0061 -0.0024 0.0448  11  DC  A N4    
222 C  C5    . DC  A 11 ? 0.3945 0.3457 0.3923 0.0254  0.0201  0.0603  11  DC  A C5    
223 C  C6    . DC  A 11 ? 0.4142 0.3981 0.3895 -0.0098 0.0402  0.0508  11  DC  A C6    
224 P  P     . DG  A 12 ? 0.5403 0.4791 0.5343 -0.0296 -0.1895 0.0992  12  DG  A P     
225 O  OP1   . DG  A 12 ? 0.7011 0.5825 0.5880 -0.0288 -0.1081 0.0240  12  DG  A OP1   
226 O  OP2   . DG  A 12 ? 0.4755 0.6202 0.6234 -0.0520 -0.1900 0.1257  12  DG  A OP2   
227 O  "O5'" . DG  A 12 ? 0.4635 0.5116 0.5126 -0.0412 -0.0539 -0.0073 12  DG  A "O5'" 
228 C  "C5'" . DG  A 12 ? 0.4492 0.4632 0.3712 0.0368  0.0022  -0.0467 12  DG  A "C5'" 
229 C  "C4'" . DG  A 12 ? 0.3963 0.4123 0.2692 0.0010  -0.0457 -0.0046 12  DG  A "C4'" 
230 O  "O4'" . DG  A 12 ? 0.3645 0.5193 0.3026 0.0173  -0.0742 -0.0004 12  DG  A "O4'" 
231 C  "C3'" . DG  A 12 ? 0.3760 0.3674 0.2884 0.0270  -0.0979 0.0190  12  DG  A "C3'" 
232 O  "O3'" . DG  A 12 ? 0.4330 0.4915 0.2918 0.0578  -0.1124 0.0547  12  DG  A "O3'" 
233 C  "C2'" . DG  A 12 ? 0.3723 0.4117 0.2344 0.0193  -0.0663 0.0662  12  DG  A "C2'" 
234 C  "C1'" . DG  A 12 ? 0.3757 0.4499 0.2290 -0.0093 -0.0686 0.0305  12  DG  A "C1'" 
235 N  N9    . DG  A 12 ? 0.3492 0.4551 0.2149 0.0031  -0.0348 0.0353  12  DG  A N9    
236 C  C8    . DG  A 12 ? 0.3836 0.4543 0.1830 -0.0215 0.0005  -0.0065 12  DG  A C8    
237 N  N7    . DG  A 12 ? 0.3929 0.4554 0.1994 0.0133  -0.0294 0.0471  12  DG  A N7    
238 C  C5    . DG  A 12 ? 0.3192 0.4611 0.1500 0.0205  -0.0146 0.0574  12  DG  A C5    
239 C  C6    . DG  A 12 ? 0.3719 0.4787 0.1801 -0.0082 -0.0641 0.0856  12  DG  A C6    
240 O  O6    . DG  A 12 ? 0.3973 0.4943 0.1639 0.0683  -0.0853 0.0570  12  DG  A O6    
241 N  N1    . DG  A 12 ? 0.3442 0.4817 0.2190 -0.0183 -0.0945 0.0596  12  DG  A N1    
242 C  C2    . DG  A 12 ? 0.3657 0.4473 0.2000 -0.0327 -0.0762 0.0352  12  DG  A C2    
243 N  N2    . DG  A 12 ? 0.3461 0.4731 0.1445 -0.0628 -0.0731 -0.0004 12  DG  A N2    
244 N  N3    . DG  A 12 ? 0.3324 0.4777 0.1528 -0.0094 -0.0561 0.0389  12  DG  A N3    
245 C  C4    . DG  A 12 ? 0.3639 0.4723 0.1507 0.0049  -0.0358 0.0609  12  DG  A C4    
246 O  "O5'" . DC  B 1  ? 0.7424 0.6444 0.4906 0.0710  -0.0746 0.0464  13  DC  B "O5'" 
247 C  "C5'" . DC  B 1  ? 0.5490 0.5611 0.2603 0.0067  0.0559  -0.0702 13  DC  B "C5'" 
248 C  "C4'" . DC  B 1  ? 0.5068 0.5244 0.1709 0.0185  -0.0309 0.0120  13  DC  B "C4'" 
249 O  "O4'" . DC  B 1  ? 0.4472 0.5230 0.1970 0.0558  -0.0853 0.0457  13  DC  B "O4'" 
250 C  "C3'" . DC  B 1  ? 0.5151 0.5739 0.3757 0.0002  0.0058  -0.0470 13  DC  B "C3'" 
251 O  "O3'" . DC  B 1  ? 0.6914 0.7199 0.3154 -0.0779 0.0805  -0.0975 13  DC  B "O3'" 
252 C  "C2'" . DC  B 1  ? 0.4685 0.5726 0.4086 -0.0122 -0.0307 -0.0582 13  DC  B "C2'" 
253 C  "C1'" . DC  B 1  ? 0.4628 0.5193 0.3705 0.0500  -0.0653 -0.0243 13  DC  B "C1'" 
254 N  N1    . DC  B 1  ? 0.4972 0.5183 0.3183 0.0323  -0.1131 -0.0561 13  DC  B N1    
255 C  C2    . DC  B 1  ? 0.4573 0.4796 0.3340 0.0504  -0.1190 -0.0401 13  DC  B C2    
256 O  O2    . DC  B 1  ? 0.3726 0.6229 0.2218 0.0340  -0.1248 -0.1036 13  DC  B O2    
257 N  N3    . DC  B 1  ? 0.4740 0.4920 0.3146 0.0245  -0.0956 -0.0870 13  DC  B N3    
258 C  C4    . DC  B 1  ? 0.5909 0.5682 0.3435 0.0122  -0.0779 -0.0424 13  DC  B C4    
259 N  N4    . DC  B 1  ? 0.5902 0.5583 0.2823 0.0235  -0.0285 -0.0646 13  DC  B N4    
260 C  C5    . DC  B 1  ? 0.6339 0.5684 0.3946 -0.0097 -0.0895 -0.0738 13  DC  B C5    
261 C  C6    . DC  B 1  ? 0.6134 0.5514 0.3709 0.0542  -0.0863 0.0057  13  DC  B C6    
262 P  P     . DG  B 2  ? 0.7931 0.8243 0.3702 -0.1585 0.1441  -0.1849 14  DG  B P     
263 O  OP1   . DG  B 2  ? 0.9684 0.8133 0.5415 -0.1251 0.1200  -0.1284 14  DG  B OP1   
264 O  OP2   . DG  B 2  ? 0.7927 0.9059 0.4222 -0.1663 0.0607  -0.1068 14  DG  B OP2   
265 O  "O5'" . DG  B 2  ? 0.6027 0.5757 0.3639 -0.1424 0.0792  -0.1573 14  DG  B "O5'" 
266 C  "C5'" . DG  B 2  ? 0.6073 0.4751 0.4716 -0.0180 0.0747  -0.0408 14  DG  B "C5'" 
267 C  "C4'" . DG  B 2  ? 0.4913 0.3790 0.3974 -0.0053 0.0409  0.0381  14  DG  B "C4'" 
268 O  "O4'" . DG  B 2  ? 0.3998 0.3861 0.3887 0.0166  0.0306  0.0449  14  DG  B "O4'" 
269 C  "C3'" . DG  B 2  ? 0.4806 0.4004 0.3702 -0.0231 0.0226  -0.0086 14  DG  B "C3'" 
270 O  "O3'" . DG  B 2  ? 0.4811 0.3531 0.3802 0.0084  0.0879  0.0347  14  DG  B "O3'" 
271 C  "C2'" . DG  B 2  ? 0.4487 0.3922 0.3368 -0.0315 0.0295  -0.0282 14  DG  B "C2'" 
272 C  "C1'" . DG  B 2  ? 0.4585 0.2904 0.3479 -0.0293 -0.0015 -0.0124 14  DG  B "C1'" 
273 N  N9    . DG  B 2  ? 0.3770 0.3395 0.2666 -0.0041 -0.0312 -0.0075 14  DG  B N9    
274 C  C8    . DG  B 2  ? 0.3703 0.3614 0.3100 -0.0135 -0.0736 -0.0015 14  DG  B C8    
275 N  N7    . DG  B 2  ? 0.3201 0.3661 0.2469 -0.0092 -0.0526 -0.0013 14  DG  B N7    
276 C  C5    . DG  B 2  ? 0.3196 0.3296 0.2371 0.0079  -0.0704 0.0284  14  DG  B C5    
277 C  C6    . DG  B 2  ? 0.3258 0.3230 0.2407 0.0118  -0.0712 0.0545  14  DG  B C6    
278 O  O6    . DG  B 2  ? 0.3538 0.3889 0.1978 0.0417  -0.0835 0.0601  14  DG  B O6    
279 N  N1    . DG  B 2  ? 0.2877 0.3015 0.2332 -0.0090 -0.0626 0.0825  14  DG  B N1    
280 C  C2    . DG  B 2  ? 0.3057 0.3003 0.2462 0.0266  -0.0466 0.0883  14  DG  B C2    
281 N  N2    . DG  B 2  ? 0.3526 0.3261 0.3130 0.0039  -0.0669 0.0593  14  DG  B N2    
282 N  N3    . DG  B 2  ? 0.3363 0.3223 0.2673 -0.0032 -0.0959 0.0735  14  DG  B N3    
283 C  C4    . DG  B 2  ? 0.3687 0.3318 0.2618 -0.0008 -0.0841 0.0424  14  DG  B C4    
284 P  P     . 5HC B 3  ? 0.4185 0.3848 0.3486 -0.0344 0.0316  0.0015  15  5HC B P     
285 O  OP1   . 5HC B 3  ? 0.5946 0.3489 0.4809 -0.0141 0.0825  0.0554  15  5HC B OP1   
286 O  OP2   . 5HC B 3  ? 0.4425 0.4539 0.4393 -0.0706 -0.0128 -0.0091 15  5HC B OP2   
287 O  "O5'" . 5HC B 3  ? 0.3707 0.3374 0.3461 -0.0005 0.0108  0.0465  15  5HC B "O5'" 
288 C  "C5'" . 5HC B 3  ? 0.3565 0.3737 0.3079 0.0329  0.0075  0.0407  15  5HC B "C5'" 
289 C  "C4'" . 5HC B 3  ? 0.3298 0.3729 0.2201 0.0146  -0.0366 0.0617  15  5HC B "C4'" 
290 O  "O4'" . 5HC B 3  ? 0.3634 0.3121 0.2101 0.0066  -0.0341 0.0348  15  5HC B "O4'" 
291 C  "C3'" . 5HC B 3  ? 0.3850 0.3431 0.2468 0.0123  -0.0235 0.0130  15  5HC B "C3'" 
292 O  "O3'" . 5HC B 3  ? 0.3801 0.4558 0.2315 0.0144  -0.0056 0.0472  15  5HC B "O3'" 
293 C  "C2'" . 5HC B 3  ? 0.3947 0.3594 0.2629 0.0169  -0.0133 0.0317  15  5HC B "C2'" 
294 C  "C1'" . 5HC B 3  ? 0.3772 0.3076 0.2125 0.0145  -0.0510 0.0391  15  5HC B "C1'" 
295 N  N1    . 5HC B 3  ? 0.3798 0.2606 0.1892 0.0105  -0.0347 0.0366  15  5HC B N1    
296 C  C2    . 5HC B 3  ? 0.3558 0.2655 0.1441 0.0033  -0.0105 0.0210  15  5HC B C2    
297 O  O2    . 5HC B 3  ? 0.3727 0.3285 0.2008 -0.0030 -0.0403 -0.0023 15  5HC B O2    
298 N  N3    . 5HC B 3  ? 0.3627 0.2927 0.1310 0.0024  -0.0192 -0.0162 15  5HC B N3    
299 C  C4    . 5HC B 3  ? 0.3623 0.3248 0.1851 -0.0117 -0.0469 0.0027  15  5HC B C4    
300 N  N4    . 5HC B 3  ? 0.3710 0.3499 0.1856 -0.0387 -0.0697 -0.0012 15  5HC B N4    
301 C  C5    . 5HC B 3  ? 0.3791 0.3386 0.2583 -0.0089 -0.0284 0.0277  15  5HC B C5    
302 C  C5M   . 5HC B 3  ? 0.4007 0.3703 0.3552 -0.0281 -0.0141 -0.0032 15  5HC B C5M   
303 O  O5    . 5HC B 3  ? 0.4176 0.4000 0.3465 -0.0149 -0.0357 0.0200  15  5HC B O5    
304 C  C6    . 5HC B 3  ? 0.4114 0.2996 0.2243 -0.0251 -0.0099 0.0180  15  5HC B C6    
305 P  P     . DG  B 4  ? 0.4203 0.4104 0.1892 0.0104  0.0152  0.0637  16  DG  B P     
306 O  OP1   . DG  B 4  ? 0.4918 0.4943 0.1771 -0.0103 0.0622  0.0909  16  DG  B OP1   
307 O  OP2   . DG  B 4  ? 0.3984 0.4548 0.2687 -0.0152 0.0144  0.0813  16  DG  B OP2   
308 O  "O5'" . DG  B 4  ? 0.3813 0.3893 0.1725 0.0376  0.0015  0.1001  16  DG  B "O5'" 
309 C  "C5'" . DG  B 4  ? 0.3437 0.3922 0.2671 0.0402  0.0231  0.0745  16  DG  B "C5'" 
310 C  "C4'" . DG  B 4  ? 0.3707 0.3911 0.1624 0.0387  -0.0469 0.0321  16  DG  B "C4'" 
311 O  "O4'" . DG  B 4  ? 0.3798 0.3518 0.1599 0.0509  -0.0261 0.0430  16  DG  B "O4'" 
312 C  "C3'" . DG  B 4  ? 0.3601 0.3830 0.1789 0.0356  -0.0446 0.0392  16  DG  B "C3'" 
313 O  "O3'" . DG  B 4  ? 0.4470 0.4205 0.1468 0.0201  -0.0500 -0.0013 16  DG  B "O3'" 
314 C  "C2'" . DG  B 4  ? 0.3670 0.3139 0.1760 0.0090  -0.0572 -0.0070 16  DG  B "C2'" 
315 C  "C1'" . DG  B 4  ? 0.3734 0.2912 0.1755 0.0223  -0.0535 0.0217  16  DG  B "C1'" 
316 N  N9    . DG  B 4  ? 0.3537 0.2996 0.1585 0.0212  -0.0424 0.0284  16  DG  B N9    
317 C  C8    . DG  B 4  ? 0.3517 0.3495 0.1620 -0.0044 -0.0261 0.0244  16  DG  B C8    
318 N  N7    . DG  B 4  ? 0.3361 0.3050 0.1800 0.0066  -0.0475 0.0483  16  DG  B N7    
319 C  C5    . DG  B 4  ? 0.3297 0.2770 0.1220 0.0246  -0.0370 0.0235  16  DG  B C5    
320 C  C6    . DG  B 4  ? 0.3121 0.2734 0.1246 0.0069  -0.0588 0.0193  16  DG  B C6    
321 O  O6    . DG  B 4  ? 0.2841 0.2835 0.1333 -0.0052 -0.0421 0.0106  16  DG  B O6    
322 N  N1    . DG  B 4  ? 0.3045 0.2906 0.1756 0.0040  -0.0428 0.0251  16  DG  B N1    
323 C  C2    . DG  B 4  ? 0.3102 0.2892 0.1349 0.0168  -0.0353 0.0294  16  DG  B C2    
324 N  N2    . DG  B 4  ? 0.3131 0.3034 0.2565 -0.0136 -0.0602 0.0191  16  DG  B N2    
325 N  N3    . DG  B 4  ? 0.3457 0.3019 0.1377 0.0174  -0.0301 0.0411  16  DG  B N3    
326 C  C4    . DG  B 4  ? 0.3465 0.2745 0.1655 0.0147  -0.0542 0.0270  16  DG  B C4    
327 P  P     . DA  B 5  ? 0.4635 0.4589 0.1564 0.0340  -0.0618 -0.0028 17  DA  B P     
328 O  OP1   . DA  B 5  ? 0.5194 0.5175 0.1355 0.1044  -0.1011 -0.0503 17  DA  B OP1   
329 O  OP2   . DA  B 5  ? 0.4470 0.5177 0.1287 0.0365  -0.1001 -0.0607 17  DA  B OP2   
330 O  "O5'" . DA  B 5  ? 0.3759 0.4285 0.1802 0.0343  -0.0524 -0.0118 17  DA  B "O5'" 
331 C  "C5'" . DA  B 5  ? 0.3867 0.3691 0.2391 0.0187  -0.0473 0.0254  17  DA  B "C5'" 
332 C  "C4'" . DA  B 5  ? 0.3287 0.3676 0.1943 0.0201  -0.1151 -0.0022 17  DA  B "C4'" 
333 O  "O4'" . DA  B 5  ? 0.3153 0.3403 0.2057 0.0063  -0.0916 -0.0411 17  DA  B "O4'" 
334 C  "C3'" . DA  B 5  ? 0.3934 0.3590 0.3077 0.0153  -0.1158 -0.0369 17  DA  B "C3'" 
335 O  "O3'" . DA  B 5  ? 0.4872 0.3731 0.2874 0.0014  -0.1874 0.0043  17  DA  B "O3'" 
336 C  "C2'" . DA  B 5  ? 0.3820 0.3340 0.2585 0.0112  -0.0853 -0.0413 17  DA  B "C2'" 
337 C  "C1'" . DA  B 5  ? 0.3178 0.2991 0.1999 0.0062  -0.0740 0.0095  17  DA  B "C1'" 
338 N  N9    . DA  B 5  ? 0.3242 0.3141 0.1633 0.0102  -0.0962 -0.0189 17  DA  B N9    
339 C  C8    . DA  B 5  ? 0.3183 0.2860 0.2059 0.0108  -0.0665 -0.0219 17  DA  B C8    
340 N  N7    . DA  B 5  ? 0.3510 0.2923 0.1496 0.0117  -0.0823 -0.0102 17  DA  B N7    
341 C  C5    . DA  B 5  ? 0.3292 0.3052 0.1445 0.0134  -0.0656 -0.0098 17  DA  B C5    
342 C  C6    . DA  B 5  ? 0.2979 0.2843 0.1237 0.0117  -0.0488 0.0201  17  DA  B C6    
343 N  N6    . DA  B 5  ? 0.3030 0.2926 0.1804 0.0107  -0.0458 0.0384  17  DA  B N6    
344 N  N1    . DA  B 5  ? 0.2898 0.3032 0.1118 -0.0019 -0.0511 0.0228  17  DA  B N1    
345 C  C2    . DA  B 5  ? 0.3182 0.2924 0.1382 -0.0134 -0.0620 -0.0121 17  DA  B C2    
346 N  N3    . DA  B 5  ? 0.3365 0.2844 0.1300 -0.0234 -0.0612 -0.0048 17  DA  B N3    
347 C  C4    . DA  B 5  ? 0.3248 0.2925 0.1111 0.0224  -0.0528 -0.0002 17  DA  B C4    
348 P  P     . DA  B 6  ? 0.6001 0.3701 0.3512 0.0096  -0.2422 -0.0415 18  DA  B P     
349 O  OP1   . DA  B 6  ? 0.5963 0.3942 0.4573 -0.0057 -0.2635 -0.0123 18  DA  B OP1   
350 O  OP2   . DA  B 6  ? 0.6442 0.3889 0.3892 0.0067  -0.1725 -0.0431 18  DA  B OP2   
351 O  "O5'" . DA  B 6  ? 0.4613 0.3867 0.3028 0.0264  -0.1544 -0.0297 18  DA  B "O5'" 
352 C  "C5'" . DA  B 6  ? 0.3612 0.3264 0.3179 0.0152  -0.1469 0.0304  18  DA  B "C5'" 
353 C  "C4'" . DA  B 6  ? 0.3439 0.3688 0.2662 0.0230  -0.1240 0.0000  18  DA  B "C4'" 
354 O  "O4'" . DA  B 6  ? 0.3604 0.3507 0.2623 0.0275  -0.0804 -0.0012 18  DA  B "O4'" 
355 C  "C3'" . DA  B 6  ? 0.3951 0.3488 0.3613 0.0200  -0.0819 0.0074  18  DA  B "C3'" 
356 O  "O3'" . DA  B 6  ? 0.4757 0.3736 0.4648 0.0002  -0.1313 0.0797  18  DA  B "O3'" 
357 C  "C2'" . DA  B 6  ? 0.4097 0.3291 0.3130 0.0024  -0.0722 -0.0176 18  DA  B "C2'" 
358 C  "C1'" . DA  B 6  ? 0.3527 0.3284 0.2943 0.0204  -0.0787 -0.0171 18  DA  B "C1'" 
359 N  N9    . DA  B 6  ? 0.3432 0.3327 0.1936 0.0317  -0.1058 0.0054  18  DA  B N9    
360 C  C8    . DA  B 6  ? 0.3341 0.3153 0.1924 0.0458  -0.0836 0.0006  18  DA  B C8    
361 N  N7    . DA  B 6  ? 0.3627 0.3584 0.1281 0.0063  -0.0838 -0.0273 18  DA  B N7    
362 C  C5    . DA  B 6  ? 0.2995 0.3195 0.1403 0.0445  -0.0946 -0.0072 18  DA  B C5    
363 C  C6    . DA  B 6  ? 0.3053 0.3105 0.1364 0.0205  -0.0511 -0.0001 18  DA  B C6    
364 N  N6    . DA  B 6  ? 0.2919 0.2826 0.2035 0.0017  -0.0524 -0.0113 18  DA  B N6    
365 N  N1    . DA  B 6  ? 0.2967 0.3050 0.1542 0.0198  -0.0831 -0.0022 18  DA  B N1    
366 C  C2    . DA  B 6  ? 0.3262 0.2938 0.2146 0.0295  -0.0378 0.0134  18  DA  B C2    
367 N  N3    . DA  B 6  ? 0.3222 0.3128 0.1547 0.0202  -0.0464 0.0283  18  DA  B N3    
368 C  C4    . DA  B 6  ? 0.3408 0.3295 0.1614 0.0221  -0.0757 -0.0098 18  DA  B C4    
369 P  P     . DT  B 7  ? 0.5248 0.3904 0.5086 0.0261  -0.1735 0.0172  19  DT  B P     
370 O  OP1   . DT  B 7  ? 0.6256 0.4483 0.6136 0.0020  -0.1988 0.1289  19  DT  B OP1   
371 O  OP2   . DT  B 7  ? 0.6234 0.3630 0.4863 0.0421  -0.1761 0.0266  19  DT  B OP2   
372 O  "O5'" . DT  B 7  ? 0.4375 0.3735 0.3855 0.0628  -0.1027 0.0194  19  DT  B "O5'" 
373 C  "C5'" . DT  B 7  ? 0.4133 0.3611 0.3912 0.0044  -0.0335 0.0241  19  DT  B "C5'" 
374 C  "C4'" . DT  B 7  ? 0.4210 0.3587 0.2700 0.0234  -0.0644 0.0539  19  DT  B "C4'" 
375 O  "O4'" . DT  B 7  ? 0.3947 0.3025 0.3284 0.0076  -0.0434 0.0142  19  DT  B "O4'" 
376 C  "C3'" . DT  B 7  ? 0.4037 0.3740 0.3156 0.0189  -0.0690 0.0295  19  DT  B "C3'" 
377 O  "O3'" . DT  B 7  ? 0.4372 0.5131 0.3342 0.0058  -0.0814 0.1205  19  DT  B "O3'" 
378 C  "C2'" . DT  B 7  ? 0.4128 0.3525 0.3016 0.0517  -0.0605 0.0441  19  DT  B "C2'" 
379 C  "C1'" . DT  B 7  ? 0.3879 0.3406 0.2631 0.0244  -0.0314 0.0386  19  DT  B "C1'" 
380 N  N1    . DT  B 7  ? 0.3990 0.3200 0.2335 0.0465  -0.0397 0.0300  19  DT  B N1    
381 C  C2    . DT  B 7  ? 0.3720 0.3153 0.2202 0.0536  -0.0086 0.0035  19  DT  B C2    
382 O  O2    . DT  B 7  ? 0.4003 0.3383 0.2276 0.0511  -0.0423 0.0468  19  DT  B O2    
383 N  N3    . DT  B 7  ? 0.3726 0.3046 0.1875 0.0249  -0.0455 -0.0149 19  DT  B N3    
384 C  C4    . DT  B 7  ? 0.3820 0.3394 0.1646 0.0061  -0.0186 -0.0107 19  DT  B C4    
385 O  O4    . DT  B 7  ? 0.3873 0.3522 0.1558 0.0431  -0.0523 0.0196  19  DT  B O4    
386 C  C5    . DT  B 7  ? 0.3734 0.3203 0.1676 0.0245  -0.0341 -0.0348 19  DT  B C5    
387 C  C7    . DT  B 7  ? 0.3159 0.2849 0.1844 0.0028  -0.0414 -0.0275 19  DT  B C7    
388 C  C6    . DT  B 7  ? 0.3569 0.3056 0.2525 -0.0176 -0.0342 0.0071  19  DT  B C6    
389 P  P     . DT  B 8  ? 0.5117 0.5344 0.3710 0.0289  -0.1306 0.1295  20  DT  B P     
390 O  OP1   . DT  B 8  ? 0.6071 0.6220 0.3890 0.0194  -0.0538 0.1415  20  DT  B OP1   
391 O  OP2   . DT  B 8  ? 0.6270 0.4472 0.4522 0.0746  -0.0762 0.1328  20  DT  B OP2   
392 O  "O5'" . DT  B 8  ? 0.4881 0.4405 0.3320 0.0719  -0.0890 0.1355  20  DT  B "O5'" 
393 C  "C5'" . DT  B 8  ? 0.4647 0.4670 0.3831 0.0398  -0.0505 0.0971  20  DT  B "C5'" 
394 C  "C4'" . DT  B 8  ? 0.4416 0.4365 0.2431 0.0637  -0.0476 0.0852  20  DT  B "C4'" 
395 O  "O4'" . DT  B 8  ? 0.3788 0.4286 0.2222 0.0571  -0.0350 0.0638  20  DT  B "O4'" 
396 C  "C3'" . DT  B 8  ? 0.4223 0.4139 0.2912 0.0418  -0.0290 0.0672  20  DT  B "C3'" 
397 O  "O3'" . DT  B 8  ? 0.4130 0.5572 0.3074 0.0270  -0.0383 0.0354  20  DT  B "O3'" 
398 C  "C2'" . DT  B 8  ? 0.3961 0.3807 0.2659 0.0542  -0.0592 0.0620  20  DT  B "C2'" 
399 C  "C1'" . DT  B 8  ? 0.3830 0.3678 0.1990 0.0499  -0.0283 0.0493  20  DT  B "C1'" 
400 N  N1    . DT  B 8  ? 0.3848 0.3661 0.1962 0.0679  -0.0475 0.0197  20  DT  B N1    
401 C  C2    . DT  B 8  ? 0.4053 0.3403 0.2308 0.0800  -0.0042 0.0042  20  DT  B C2    
402 O  O2    . DT  B 8  ? 0.4362 0.3999 0.2608 0.0429  -0.0045 0.0054  20  DT  B O2    
403 N  N3    . DT  B 8  ? 0.3926 0.3317 0.2351 0.0797  -0.0018 0.0258  20  DT  B N3    
404 C  C4    . DT  B 8  ? 0.4271 0.3319 0.2294 0.0691  0.0167  0.0041  20  DT  B C4    
405 O  O4    . DT  B 8  ? 0.4643 0.4293 0.2323 0.0776  -0.0187 0.0130  20  DT  B O4    
406 C  C5    . DT  B 8  ? 0.3999 0.3344 0.2672 0.0873  -0.0038 0.0397  20  DT  B C5    
407 C  C7    . DT  B 8  ? 0.4339 0.2875 0.3126 0.0764  0.0141  0.0325  20  DT  B C7    
408 C  C6    . DT  B 8  ? 0.3960 0.3207 0.2640 0.0489  -0.0071 0.0072  20  DT  B C6    
409 P  P     . DC  B 9  ? 0.4684 0.6287 0.3150 0.0438  -0.0814 0.0643  21  DC  B P     
410 O  OP1   . DC  B 9  ? 0.5154 0.7201 0.3169 0.0145  -0.1064 0.0767  21  DC  B OP1   
411 O  OP2   . DC  B 9  ? 0.5414 0.6102 0.4612 0.1028  -0.0683 0.1014  21  DC  B OP2   
412 O  "O5'" . DC  B 9  ? 0.4333 0.5660 0.2524 0.0765  -0.0867 0.0488  21  DC  B "O5'" 
413 C  "C5'" . DC  B 9  ? 0.4009 0.5549 0.1837 0.0631  -0.0052 0.0038  21  DC  B "C5'" 
414 C  "C4'" . DC  B 9  ? 0.3926 0.4711 0.1639 -0.0290 -0.0372 -0.0568 21  DC  B "C4'" 
415 O  "O4'" . DC  B 9  ? 0.4212 0.5353 0.1826 0.0116  -0.0709 -0.0356 21  DC  B "O4'" 
416 C  "C3'" . DC  B 9  ? 0.4316 0.5833 0.1815 0.0302  0.0142  0.0012  21  DC  B "C3'" 
417 O  "O3'" . DC  B 9  ? 0.4687 0.7238 0.1520 0.0101  -0.0215 -0.0468 21  DC  B "O3'" 
418 C  "C2'" . DC  B 9  ? 0.4624 0.5129 0.2028 -0.0038 0.0021  -0.0151 21  DC  B "C2'" 
419 C  "C1'" . DC  B 9  ? 0.4373 0.5048 0.2402 -0.0029 -0.0235 -0.0440 21  DC  B "C1'" 
420 N  N1    . DC  B 9  ? 0.3709 0.5022 0.2200 0.0397  -0.0418 -0.0044 21  DC  B N1    
421 C  C2    . DC  B 9  ? 0.4141 0.4873 0.1808 0.0630  -0.0100 -0.0414 21  DC  B C2    
422 O  O2    . DC  B 9  ? 0.3998 0.5405 0.0740 0.0464  -0.0559 0.0349  21  DC  B O2    
423 N  N3    . DC  B 9  ? 0.3730 0.4733 0.1973 0.0382  0.0031  -0.0432 21  DC  B N3    
424 C  C4    . DC  B 9  ? 0.3539 0.4470 0.1880 0.0420  -0.0271 -0.0412 21  DC  B C4    
425 N  N4    . DC  B 9  ? 0.3709 0.3949 0.1924 0.0230  -0.0352 -0.0303 21  DC  B N4    
426 C  C5    . DC  B 9  ? 0.3684 0.4170 0.2226 -0.0108 -0.0029 -0.0393 21  DC  B C5    
427 C  C6    . DC  B 9  ? 0.3700 0.4798 0.2214 0.0419  -0.0594 -0.0035 21  DC  B C6    
428 P  P     . DG  B 10 ? 0.4620 0.9125 0.1452 0.0251  -0.0079 0.0078  22  DG  B P     
429 O  OP1   . DG  B 10 ? 0.5593 0.9292 0.2008 -0.0194 -0.0453 -0.0166 22  DG  B OP1   
430 O  OP2   . DG  B 10 ? 0.4294 0.9083 0.1257 0.0168  -0.0660 0.0180  22  DG  B OP2   
431 O  "O5'" . DG  B 10 ? 0.5410 0.7616 0.0649 0.0469  -0.0404 0.0813  22  DG  B "O5'" 
432 C  "C5'" . DG  B 10 ? 0.4517 0.6570 0.1233 0.0354  -0.0513 -0.0059 22  DG  B "C5'" 
433 C  "C4'" . DG  B 10 ? 0.4561 0.5966 0.1434 0.0320  -0.0283 -0.0038 22  DG  B "C4'" 
434 O  "O4'" . DG  B 10 ? 0.4009 0.6547 0.1764 0.0798  -0.0440 -0.0219 22  DG  B "O4'" 
435 C  "C3'" . DG  B 10 ? 0.4464 0.6245 0.2469 0.0413  0.0345  -0.0037 22  DG  B "C3'" 
436 O  "O3'" . DG  B 10 ? 0.4310 0.7664 0.1906 0.0387  -0.0184 0.0342  22  DG  B "O3'" 
437 C  "C2'" . DG  B 10 ? 0.4176 0.5731 0.1631 0.0733  -0.0151 0.0622  22  DG  B "C2'" 
438 C  "C1'" . DG  B 10 ? 0.4182 0.5891 0.1406 0.0523  -0.0587 0.0049  22  DG  B "C1'" 
439 N  N9    . DG  B 10 ? 0.3994 0.5507 0.1220 0.0558  -0.0339 0.0174  22  DG  B N9    
440 C  C8    . DG  B 10 ? 0.4179 0.4895 0.2637 0.0690  -0.0297 0.0146  22  DG  B C8    
441 N  N7    . DG  B 10 ? 0.4528 0.4749 0.1159 0.0973  -0.0111 0.0284  22  DG  B N7    
442 C  C5    . DG  B 10 ? 0.4028 0.4726 0.1006 0.0789  -0.0191 0.0162  22  DG  B C5    
443 C  C6    . DG  B 10 ? 0.3391 0.4190 0.1435 0.0811  -0.0228 0.0114  22  DG  B C6    
444 O  O6    . DG  B 10 ? 0.3828 0.4346 0.1563 0.0622  -0.0235 -0.0150 22  DG  B O6    
445 N  N1    . DG  B 10 ? 0.3620 0.4081 0.1388 0.0926  -0.0089 0.0092  22  DG  B N1    
446 C  C2    . DG  B 10 ? 0.3751 0.3743 0.1016 0.0755  0.0138  0.0644  22  DG  B C2    
447 N  N2    . DG  B 10 ? 0.3513 0.3413 0.1593 0.0624  0.0056  0.0797  22  DG  B N2    
448 N  N3    . DG  B 10 ? 0.3778 0.4440 0.1356 0.0364  -0.0104 0.0150  22  DG  B N3    
449 C  C4    . DG  B 10 ? 0.3913 0.4644 0.1124 0.0846  -0.0042 0.0438  22  DG  B C4    
450 P  P     . DC  B 11 ? 0.4731 0.8517 0.1683 0.0670  -0.0273 0.0376  23  DC  B P     
451 O  OP1   . DC  B 11 ? 0.4969 0.8827 0.1836 0.0343  -0.0155 -0.0151 23  DC  B OP1   
452 O  OP2   . DC  B 11 ? 0.4446 0.8505 0.2113 0.1204  -0.0376 0.1104  23  DC  B OP2   
453 O  "O5'" . DC  B 11 ? 0.4609 0.6560 0.2132 -0.0019 -0.0076 0.0361  23  DC  B "O5'" 
454 C  "C5'" . DC  B 11 ? 0.4145 0.6013 0.1896 0.0118  -0.0728 -0.0192 23  DC  B "C5'" 
455 C  "C4'" . DC  B 11 ? 0.3959 0.4707 0.1875 0.0384  -0.0559 0.0232  23  DC  B "C4'" 
456 O  "O4'" . DC  B 11 ? 0.4273 0.4808 0.1015 0.0131  -0.0447 -0.0149 23  DC  B "O4'" 
457 C  "C3'" . DC  B 11 ? 0.3980 0.4737 0.1589 0.0239  -0.0656 0.0163  23  DC  B "C3'" 
458 O  "O3'" . DC  B 11 ? 0.4303 0.5260 0.2288 -0.0065 -0.0233 0.0200  23  DC  B "O3'" 
459 C  "C2'" . DC  B 11 ? 0.4117 0.4302 0.1406 0.0087  -0.0436 -0.0130 23  DC  B "C2'" 
460 C  "C1'" . DC  B 11 ? 0.3957 0.4475 0.1509 0.0152  -0.0731 -0.0477 23  DC  B "C1'" 
461 N  N1    . DC  B 11 ? 0.4213 0.4351 0.0824 0.0383  -0.0196 0.0296  23  DC  B N1    
462 C  C2    . DC  B 11 ? 0.4236 0.3997 0.1231 0.0473  -0.0392 0.0096  23  DC  B C2    
463 O  O2    . DC  B 11 ? 0.4651 0.4209 0.1259 0.0791  0.0242  0.0279  23  DC  B O2    
464 N  N3    . DC  B 11 ? 0.4105 0.4250 0.0642 0.0552  -0.0105 0.0481  23  DC  B N3    
465 C  C4    . DC  B 11 ? 0.3892 0.3827 0.0872 0.0597  -0.0232 0.0452  23  DC  B C4    
466 N  N4    . DC  B 11 ? 0.4232 0.4482 0.1276 -0.0015 -0.0103 0.0129  23  DC  B N4    
467 C  C5    . DC  B 11 ? 0.3991 0.4334 0.1709 0.0330  -0.0353 -0.0143 23  DC  B C5    
468 C  C6    . DC  B 11 ? 0.4135 0.4533 0.0769 0.0310  -0.0119 0.0316  23  DC  B C6    
469 P  P     . DG  B 12 ? 0.4645 0.5577 0.1367 0.0151  -0.0175 0.0125  24  DG  B P     
470 O  OP1   . DG  B 12 ? 0.4899 0.5660 0.2792 -0.0337 0.0095  -0.0851 24  DG  B OP1   
471 O  OP2   . DG  B 12 ? 0.4624 0.5818 0.1977 -0.0164 -0.0179 0.0732  24  DG  B OP2   
472 O  "O5'" . DG  B 12 ? 0.4501 0.4806 0.1484 0.0124  -0.0245 0.0031  24  DG  B "O5'" 
473 C  "C5'" . DG  B 12 ? 0.3606 0.3566 0.1708 -0.0301 -0.0054 -0.0304 24  DG  B "C5'" 
474 C  "C4'" . DG  B 12 ? 0.3369 0.3748 0.1260 -0.0065 -0.0004 -0.0063 24  DG  B "C4'" 
475 O  "O4'" . DG  B 12 ? 0.3721 0.3683 0.0853 -0.0330 -0.0111 0.0034  24  DG  B "O4'" 
476 C  "C3'" . DG  B 12 ? 0.3708 0.3497 0.1624 -0.0121 0.0276  0.0044  24  DG  B "C3'" 
477 O  "O3'" . DG  B 12 ? 0.4287 0.3799 0.1153 -0.0295 0.0139  0.0363  24  DG  B "O3'" 
478 C  "C2'" . DG  B 12 ? 0.3430 0.3205 0.2130 -0.0030 0.0558  0.0021  24  DG  B "C2'" 
479 C  "C1'" . DG  B 12 ? 0.3236 0.3368 0.1823 -0.0132 0.0293  -0.0039 24  DG  B "C1'" 
480 N  N9    . DG  B 12 ? 0.3768 0.3571 0.1486 0.0023  0.0321  -0.0025 24  DG  B N9    
481 C  C8    . DG  B 12 ? 0.3748 0.3827 0.1761 -0.0075 0.0030  -0.0117 24  DG  B C8    
482 N  N7    . DG  B 12 ? 0.3906 0.3764 0.1690 -0.0011 0.0098  -0.0142 24  DG  B N7    
483 C  C5    . DG  B 12 ? 0.3717 0.3350 0.1682 0.0096  0.0219  -0.0014 24  DG  B C5    
484 C  C6    . DG  B 12 ? 0.4140 0.3340 0.1940 -0.0021 0.0144  0.0123  24  DG  B C6    
485 O  O6    . DG  B 12 ? 0.3963 0.3729 0.1994 0.0264  0.0416  0.0413  24  DG  B O6    
486 N  N1    . DG  B 12 ? 0.3504 0.3189 0.1993 -0.0133 0.0375  0.0199  24  DG  B N1    
487 C  C2    . DG  B 12 ? 0.3521 0.3124 0.1953 0.0066  0.0147  0.0069  24  DG  B C2    
488 N  N2    . DG  B 12 ? 0.3722 0.3388 0.1955 -0.0315 0.0116  0.0122  24  DG  B N2    
489 N  N3    . DG  B 12 ? 0.3797 0.3427 0.1886 -0.0113 0.0355  0.0119  24  DG  B N3    
490 C  C4    . DG  B 12 ? 0.3682 0.3545 0.1748 0.0041  0.0387  0.0124  24  DG  B C4    
491 MG MG    . MG  C .  ? 0.2720 0.2962 0.0731 0.0718  0.0203  0.0664  101 MG  A MG    
492 O  O     . HOH D .  ? 0.4230 1.0428 0.3156 0.0714  -0.0196 -0.0250 201 HOH A O     
493 O  O     . HOH D .  ? 0.3142 0.3875 0.3726 -0.0370 -0.1115 0.0128  202 HOH A O     
494 O  O     . HOH D .  ? 0.8365 0.9217 0.3729 -0.0188 -0.1005 0.0501  203 HOH A O     
495 O  O     . HOH D .  ? 0.7381 0.7179 0.2393 0.1909  -0.1379 0.0042  204 HOH A O     
496 O  O     . HOH D .  ? 0.4730 0.3436 0.4127 -0.0471 -0.0021 0.0075  205 HOH A O     
497 O  O     . HOH D .  ? 0.7192 0.4559 0.2912 0.0705  0.0185  0.1497  206 HOH A O     
498 O  O     . HOH D .  ? 0.5538 0.4277 0.2938 0.0310  -0.0904 0.0555  207 HOH A O     
499 O  O     . HOH D .  ? 0.3839 0.3362 0.1692 0.0348  -0.0866 0.0377  208 HOH A O     
500 O  O     . HOH D .  ? 0.3820 0.3511 0.1924 -0.0156 -0.1648 0.0615  209 HOH A O     
501 O  O     . HOH D .  ? 0.4662 0.7562 0.3424 0.0618  0.0390  -0.0099 210 HOH A O     
502 O  O     . HOH D .  ? 0.4532 0.6161 0.2130 0.0720  0.0187  -0.0217 211 HOH A O     
503 O  O     . HOH D .  ? 0.4506 0.4993 0.1457 -0.0220 -0.1036 -0.0260 212 HOH A O     
504 O  O     . HOH D .  ? 0.4761 0.4222 0.4135 0.0222  -0.0184 0.0692  213 HOH A O     
505 O  O     . HOH D .  ? 0.6092 0.7081 0.2620 0.0102  0.0491  0.0829  214 HOH A O     
506 O  O     . HOH D .  ? 0.6298 0.5033 0.2308 -0.1243 0.0939  -0.0592 215 HOH A O     
507 O  O     . HOH D .  ? 0.6845 0.6343 1.2698 0.1951  0.1446  0.1933  216 HOH A O     
508 O  O     . HOH D .  ? 0.6282 1.0586 0.4769 0.0431  -0.1749 -0.0817 217 HOH A O     
509 O  O     . HOH D .  ? 0.7616 0.6260 0.7705 0.0104  0.0829  0.2615  218 HOH A O     
510 O  O     . HOH D .  ? 0.9239 0.9419 0.2777 0.0962  0.1438  0.2688  219 HOH A O     
511 O  O     . HOH D .  ? 0.6629 0.4718 0.3767 0.1044  -0.0043 0.2075  220 HOH A O     
512 O  O     . HOH D .  ? 0.5744 0.4081 0.2304 0.0498  -0.0745 -0.0658 221 HOH A O     
513 O  O     . HOH D .  ? 0.8316 0.5861 0.5342 -0.2146 -0.1639 0.2145  222 HOH A O     
514 O  O     . HOH D .  ? 0.8185 0.8945 0.5586 -0.1347 -0.0870 -0.2724 223 HOH A O     
515 O  O     . HOH D .  ? 0.7379 1.5920 0.0675 -0.3202 0.0605  0.1988  224 HOH A O     
516 O  O     . HOH D .  ? 0.6310 0.7823 0.2722 0.0471  -0.0265 0.1883  225 HOH A O     
517 O  O     . HOH D .  ? 0.5794 0.5354 0.4210 0.0618  0.1050  0.2222  226 HOH A O     
518 O  O     . HOH D .  ? 0.8782 3.4892 0.6990 -0.8294 -0.0649 -0.6335 227 HOH A O     
519 O  O     . HOH D .  ? 0.5846 0.5040 0.3795 0.0781  -0.2024 0.0333  228 HOH A O     
520 O  O     . HOH D .  ? 0.6729 0.3208 0.5722 -0.0800 0.0333  0.0872  229 HOH A O     
521 O  O     . HOH D .  ? 0.6408 0.6964 0.6144 -0.2871 -0.2208 0.2751  230 HOH A O     
522 O  O     . HOH D .  ? 0.5557 0.5052 0.6233 0.1503  -0.0745 -0.1435 231 HOH A O     
523 O  O     . HOH D .  ? 0.4792 0.4590 0.3063 0.0386  -0.0568 0.0909  232 HOH A O     
524 O  O     . HOH D .  ? 0.3829 0.4132 0.4055 -0.0121 -0.2038 -0.0172 233 HOH A O     
525 O  O     . HOH D .  ? 0.5282 0.6071 0.5564 0.0584  0.0461  -0.0258 234 HOH A O     
526 O  O     . HOH D .  ? 0.5878 0.5534 0.6894 0.1241  0.0112  0.0986  235 HOH A O     
527 O  O     . HOH D .  ? 0.5783 0.6757 0.2419 0.0942  0.0098  -0.0309 236 HOH A O     
528 O  O     . HOH D .  ? 0.5197 0.5068 0.3097 0.0469  -0.1580 -0.1149 237 HOH A O     
529 O  O     . HOH D .  ? 0.3691 0.7068 0.2208 0.0223  0.0089  0.0793  238 HOH A O     
530 O  O     . HOH D .  ? 0.4982 0.6716 0.2307 0.0935  -0.0009 0.1485  239 HOH A O     
531 O  O     . HOH D .  ? 0.4957 0.8206 0.3746 0.1230  -0.1512 -0.1858 240 HOH A O     
532 O  O     . HOH E .  ? 1.3778 0.5021 0.5120 -0.0138 -0.0074 0.0466  101 HOH B O     
533 O  O     . HOH E .  ? 0.4924 0.6735 0.4272 0.0711  -0.0041 0.3215  102 HOH B O     
534 O  O     . HOH E .  ? 0.3781 0.4170 0.1654 0.0431  -0.0746 0.0756  103 HOH B O     
535 O  O     . HOH E .  ? 0.5471 0.9725 0.3538 0.0075  -0.1297 0.2598  104 HOH B O     
536 O  O     . HOH E .  ? 0.3799 0.4325 0.2426 0.0283  -0.1160 0.0259  105 HOH B O     
537 O  O     . HOH E .  ? 0.6553 0.7212 0.2243 -0.0422 -0.0237 -0.0899 106 HOH B O     
538 O  O     . HOH E .  ? 0.4873 0.5102 0.3778 -0.0911 -0.0869 0.1265  107 HOH B O     
539 O  O     . HOH E .  ? 0.5216 0.4188 0.4286 -0.0855 0.0680  -0.0152 108 HOH B O     
540 O  O     . HOH E .  ? 0.4747 0.5401 0.2892 0.1386  -0.0825 -0.0102 109 HOH B O     
541 O  O     . HOH E .  ? 0.6480 0.3737 0.2829 -0.0696 -0.0046 0.0688  110 HOH B O     
542 O  O     . HOH E .  ? 0.4571 0.7563 0.2887 -0.0268 -0.0777 -0.0388 111 HOH B O     
543 O  O     . HOH E .  ? 0.5374 0.6031 0.2662 0.1143  -0.1439 -0.0168 112 HOH B O     
544 O  O     . HOH E .  ? 0.7396 0.4579 0.3881 0.0571  0.0614  -0.0104 113 HOH B O     
545 O  O     . HOH E .  ? 0.4023 0.5970 0.4856 0.0029  -0.2060 0.1122  114 HOH B O     
546 O  O     . HOH E .  ? 0.5916 0.7082 0.1977 0.1640  -0.0600 0.0647  115 HOH B O     
547 O  O     . HOH E .  ? 0.6283 0.6988 0.3691 0.1103  -0.1671 -0.1365 116 HOH B O     
548 O  O     . HOH E .  ? 0.5062 0.5853 0.2861 0.0235  -0.0642 0.0598  117 HOH B O     
549 O  O     . HOH E .  ? 0.6881 0.8612 0.2464 0.0445  -0.1106 0.0033  118 HOH B O     
550 O  O     . HOH E .  ? 0.5614 0.7076 0.3483 -0.0095 -0.1107 -0.0345 119 HOH B O     
551 O  O     . HOH E .  ? 1.2431 0.4449 0.0889 0.0167  -0.1746 0.0248  120 HOH B O     
552 O  O     . HOH E .  ? 0.6738 0.7134 0.2532 0.2127  -0.0966 0.1194  121 HOH B O     
553 O  O     . HOH E .  ? 0.8619 0.9508 0.2953 0.0541  -0.1736 0.2529  122 HOH B O     
554 O  O     . HOH E .  ? 0.9362 0.8594 0.5877 -0.1993 0.0116  0.0028  123 HOH B O     
555 O  O     . HOH E .  ? 0.7302 0.4612 0.4904 0.0680  -0.0734 -0.0094 124 HOH B O     
556 O  O     . HOH E .  ? 0.6861 0.6764 0.6336 0.1725  -0.0770 -0.1532 125 HOH B O     
557 O  O     . HOH E .  ? 0.5146 0.6377 0.3136 0.0597  -0.0887 0.1639  126 HOH B O     
558 O  O     . HOH E .  ? 0.8354 0.6224 0.2034 -0.2297 -0.2952 0.0293  127 HOH B O     
559 O  O     . HOH E .  ? 0.6713 0.4243 0.3307 -0.0056 -0.1039 -0.0265 128 HOH B O     
560 O  O     . HOH E .  ? 0.5240 0.6270 0.5008 0.0803  -0.1409 0.2174  129 HOH B O     
561 O  O     . HOH E .  ? 0.6218 0.5628 0.2810 0.0498  -0.2071 -0.1588 130 HOH B O     
562 O  O     . HOH E .  ? 0.5397 0.4024 0.3337 0.0658  -0.0099 -0.0436 131 HOH B O     
563 O  O     . HOH E .  ? 1.5779 1.0620 0.3918 0.6195  -0.1283 -0.0433 132 HOH B O     
564 O  O     . HOH E .  ? 0.3899 0.3110 0.3773 -0.0033 -0.1044 0.0801  133 HOH B O     
565 O  O     . HOH E .  ? 0.8774 0.9364 0.4071 0.1042  -0.0030 0.0801  134 HOH B O     
566 O  O     . HOH E .  ? 0.6780 0.4834 0.7452 0.0872  -0.2004 0.1179  135 HOH B O     
567 O  O     . HOH E .  ? 0.5701 0.4394 0.2281 0.0666  -0.0904 0.0870  136 HOH B O     
568 O  O     . HOH E .  ? 0.7392 0.8190 0.4242 0.1738  0.0795  0.1270  137 HOH B O     
569 O  O     . HOH E .  ? 0.6634 0.8753 0.3005 0.0762  0.0050  0.2901  138 HOH B O     
570 O  O     . HOH E .  ? 1.2484 0.9795 0.4567 0.0814  -0.2140 0.1204  139 HOH B O     
571 O  O     . HOH E .  ? 0.6089 0.5655 0.3380 0.0366  -0.1609 -0.0383 140 HOH B O     
572 O  O     . HOH E .  ? 0.6180 0.9067 0.2571 0.0624  0.0797  0.0157  141 HOH B O     
573 O  O     . HOH E .  ? 0.8062 0.4443 0.5246 0.0481  -0.2051 0.0837  142 HOH B O     
574 O  O     . HOH E .  ? 0.8126 0.5207 0.1767 0.2405  -0.0056 0.1002  143 HOH B O     
575 O  O     . HOH E .  ? 0.7544 0.5665 0.7229 0.1271  -0.1337 0.1270  144 HOH B O     
576 O  O     . HOH E .  ? 0.6953 0.4434 0.3518 0.1104  0.1031  0.1464  145 HOH B O     
# 
loop_
_pdbx_poly_seq_scheme.asym_id 
_pdbx_poly_seq_scheme.entity_id 
_pdbx_poly_seq_scheme.seq_id 
_pdbx_poly_seq_scheme.mon_id 
_pdbx_poly_seq_scheme.ndb_seq_num 
_pdbx_poly_seq_scheme.pdb_seq_num 
_pdbx_poly_seq_scheme.auth_seq_num 
_pdbx_poly_seq_scheme.pdb_mon_id 
_pdbx_poly_seq_scheme.auth_mon_id 
_pdbx_poly_seq_scheme.pdb_strand_id 
_pdbx_poly_seq_scheme.pdb_ins_code 
_pdbx_poly_seq_scheme.hetero 
A 1 1  DC  1  1  1  DC  DC  A . n 
A 1 2  DG  2  2  2  DG  DG  A . n 
A 1 3  5HC 3  3  3  5HC hmC A . n 
A 1 4  DG  4  4  4  DG  DG  A . n 
A 1 5  DA  5  5  5  DA  DA  A . n 
A 1 6  DA  6  6  6  DA  DA  A . n 
A 1 7  DT  7  7  7  DT  DT  A . n 
A 1 8  DT  8  8  8  DT  DT  A . n 
A 1 9  DC  9  9  9  DC  DC  A . n 
A 1 10 DG  10 10 10 DG  DG  A . n 
A 1 11 DC  11 11 11 DC  DC  A . n 
A 1 12 DG  12 12 12 DG  DG  A . n 
B 1 1  DC  1  13 13 DC  DC  B . n 
B 1 2  DG  2  14 14 DG  DG  B . n 
B 1 3  5HC 3  15 15 5HC hmC B . n 
B 1 4  DG  4  16 16 DG  DG  B . n 
B 1 5  DA  5  17 17 DA  DA  B . n 
B 1 6  DA  6  18 18 DA  DA  B . n 
B 1 7  DT  7  19 19 DT  DT  B . n 
B 1 8  DT  8  20 20 DT  DT  B . n 
B 1 9  DC  9  21 21 DC  DC  B . n 
B 1 10 DG  10 22 22 DG  DG  B . n 
B 1 11 DC  11 23 23 DC  DC  B . n 
B 1 12 DG  12 24 24 DG  DG  B . n 
# 
loop_
_pdbx_nonpoly_scheme.asym_id 
_pdbx_nonpoly_scheme.entity_id 
_pdbx_nonpoly_scheme.mon_id 
_pdbx_nonpoly_scheme.ndb_seq_num 
_pdbx_nonpoly_scheme.pdb_seq_num 
_pdbx_nonpoly_scheme.auth_seq_num 
_pdbx_nonpoly_scheme.pdb_mon_id 
_pdbx_nonpoly_scheme.auth_mon_id 
_pdbx_nonpoly_scheme.pdb_strand_id 
_pdbx_nonpoly_scheme.pdb_ins_code 
C 2 MG  1  101 1  MG  MG  A . 
D 3 HOH 1  201 41 HOH HOH A . 
D 3 HOH 2  202 12 HOH HOH A . 
D 3 HOH 3  203 54 HOH HOH A . 
D 3 HOH 4  204 79 HOH HOH A . 
D 3 HOH 5  205 9  HOH HOH A . 
D 3 HOH 6  206 15 HOH HOH A . 
D 3 HOH 7  207 61 HOH HOH A . 
D 3 HOH 8  208 2  HOH HOH A . 
D 3 HOH 9  209 1  HOH HOH A . 
D 3 HOH 10 210 80 HOH HOH A . 
D 3 HOH 11 211 3  HOH HOH A . 
D 3 HOH 12 212 7  HOH HOH A . 
D 3 HOH 13 213 37 HOH HOH A . 
D 3 HOH 14 214 18 HOH HOH A . 
D 3 HOH 15 215 10 HOH HOH A . 
D 3 HOH 16 216 33 HOH HOH A . 
D 3 HOH 17 217 86 HOH HOH A . 
D 3 HOH 18 218 68 HOH HOH A . 
D 3 HOH 19 219 51 HOH HOH A . 
D 3 HOH 20 220 34 HOH HOH A . 
D 3 HOH 21 221 8  HOH HOH A . 
D 3 HOH 22 222 56 HOH HOH A . 
D 3 HOH 23 223 73 HOH HOH A . 
D 3 HOH 24 224 67 HOH HOH A . 
D 3 HOH 25 225 81 HOH HOH A . 
D 3 HOH 26 226 82 HOH HOH A . 
D 3 HOH 27 227 87 HOH HOH A . 
D 3 HOH 28 228 40 HOH HOH A . 
D 3 HOH 29 229 58 HOH HOH A . 
D 3 HOH 30 230 84 HOH HOH A . 
D 3 HOH 31 231 52 HOH HOH A . 
D 3 HOH 32 232 27 HOH HOH A . 
D 3 HOH 33 233 22 HOH HOH A . 
D 3 HOH 34 234 85 HOH HOH A . 
D 3 HOH 35 235 76 HOH HOH A . 
D 3 HOH 36 236 29 HOH HOH A . 
D 3 HOH 37 237 26 HOH HOH A . 
D 3 HOH 38 238 6  HOH HOH A . 
D 3 HOH 39 239 35 HOH HOH A . 
D 3 HOH 40 240 70 HOH HOH A . 
E 3 HOH 1  101 39 HOH HOH B . 
E 3 HOH 2  102 14 HOH HOH B . 
E 3 HOH 3  103 5  HOH HOH B . 
E 3 HOH 4  104 65 HOH HOH B . 
E 3 HOH 5  105 4  HOH HOH B . 
E 3 HOH 6  106 48 HOH HOH B . 
E 3 HOH 7  107 24 HOH HOH B . 
E 3 HOH 8  108 49 HOH HOH B . 
E 3 HOH 9  109 11 HOH HOH B . 
E 3 HOH 10 110 28 HOH HOH B . 
E 3 HOH 11 111 23 HOH HOH B . 
E 3 HOH 12 112 72 HOH HOH B . 
E 3 HOH 13 113 36 HOH HOH B . 
E 3 HOH 14 114 21 HOH HOH B . 
E 3 HOH 15 115 57 HOH HOH B . 
E 3 HOH 16 116 43 HOH HOH B . 
E 3 HOH 17 117 42 HOH HOH B . 
E 3 HOH 18 118 44 HOH HOH B . 
E 3 HOH 19 119 25 HOH HOH B . 
E 3 HOH 20 120 69 HOH HOH B . 
E 3 HOH 21 121 53 HOH HOH B . 
E 3 HOH 22 122 75 HOH HOH B . 
E 3 HOH 23 123 47 HOH HOH B . 
E 3 HOH 24 124 59 HOH HOH B . 
E 3 HOH 25 125 66 HOH HOH B . 
E 3 HOH 26 126 55 HOH HOH B . 
E 3 HOH 27 127 38 HOH HOH B . 
E 3 HOH 28 128 13 HOH HOH B . 
E 3 HOH 29 129 31 HOH HOH B . 
E 3 HOH 30 130 50 HOH HOH B . 
E 3 HOH 31 131 20 HOH HOH B . 
E 3 HOH 32 132 83 HOH HOH B . 
E 3 HOH 33 133 17 HOH HOH B . 
E 3 HOH 34 134 60 HOH HOH B . 
E 3 HOH 35 135 30 HOH HOH B . 
E 3 HOH 36 136 32 HOH HOH B . 
E 3 HOH 37 137 78 HOH HOH B . 
E 3 HOH 38 138 63 HOH HOH B . 
E 3 HOH 39 139 64 HOH HOH B . 
E 3 HOH 40 140 77 HOH HOH B . 
E 3 HOH 41 141 88 HOH HOH B . 
E 3 HOH 42 142 45 HOH HOH B . 
E 3 HOH 43 143 16 HOH HOH B . 
E 3 HOH 44 144 46 HOH HOH B . 
E 3 HOH 45 145 19 HOH HOH B . 
# 
_pdbx_struct_assembly.id                   1 
_pdbx_struct_assembly.details              author_and_software_defined_assembly 
_pdbx_struct_assembly.method_details       PISA 
_pdbx_struct_assembly.oligomeric_details   dimeric 
_pdbx_struct_assembly.oligomeric_count     2 
# 
_pdbx_struct_assembly_gen.assembly_id       1 
_pdbx_struct_assembly_gen.oper_expression   1 
_pdbx_struct_assembly_gen.asym_id_list      A,B,C,D,E 
# 
loop_
_pdbx_struct_assembly_prop.biol_id 
_pdbx_struct_assembly_prop.type 
_pdbx_struct_assembly_prop.value 
_pdbx_struct_assembly_prop.details 
1 'ABSA (A^2)' 1200 ? 
1 MORE         -8   ? 
1 'SSA (A^2)'  4630 ? 
# 
_pdbx_struct_oper_list.id                   1 
_pdbx_struct_oper_list.type                 'identity operation' 
_pdbx_struct_oper_list.name                 1_555 
_pdbx_struct_oper_list.symmetry_operation   x,y,z 
_pdbx_struct_oper_list.matrix[1][1]         1.0000000000 
_pdbx_struct_oper_list.matrix[1][2]         0.0000000000 
_pdbx_struct_oper_list.matrix[1][3]         0.0000000000 
_pdbx_struct_oper_list.vector[1]            0.0000000000 
_pdbx_struct_oper_list.matrix[2][1]         0.0000000000 
_pdbx_struct_oper_list.matrix[2][2]         1.0000000000 
_pdbx_struct_oper_list.matrix[2][3]         0.0000000000 
_pdbx_struct_oper_list.vector[2]            0.0000000000 
_pdbx_struct_oper_list.matrix[3][1]         0.0000000000 
_pdbx_struct_oper_list.matrix[3][2]         0.0000000000 
_pdbx_struct_oper_list.matrix[3][3]         1.0000000000 
_pdbx_struct_oper_list.vector[3]            0.0000000000 
# 
loop_
_pdbx_struct_conn_angle.id 
_pdbx_struct_conn_angle.ptnr1_label_atom_id 
_pdbx_struct_conn_angle.ptnr1_label_alt_id 
_pdbx_struct_conn_angle.ptnr1_label_asym_id 
_pdbx_struct_conn_angle.ptnr1_label_comp_id 
_pdbx_struct_conn_angle.ptnr1_label_seq_id 
_pdbx_struct_conn_angle.ptnr1_auth_atom_id 
_pdbx_struct_conn_angle.ptnr1_auth_asym_id 
_pdbx_struct_conn_angle.ptnr1_auth_comp_id 
_pdbx_struct_conn_angle.ptnr1_auth_seq_id 
_pdbx_struct_conn_angle.ptnr1_PDB_ins_code 
_pdbx_struct_conn_angle.ptnr1_symmetry 
_pdbx_struct_conn_angle.ptnr2_label_atom_id 
_pdbx_struct_conn_angle.ptnr2_label_alt_id 
_pdbx_struct_conn_angle.ptnr2_label_asym_id 
_pdbx_struct_conn_angle.ptnr2_label_comp_id 
_pdbx_struct_conn_angle.ptnr2_label_seq_id 
_pdbx_struct_conn_angle.ptnr2_auth_atom_id 
_pdbx_struct_conn_angle.ptnr2_auth_asym_id 
_pdbx_struct_conn_angle.ptnr2_auth_comp_id 
_pdbx_struct_conn_angle.ptnr2_auth_seq_id 
_pdbx_struct_conn_angle.ptnr2_PDB_ins_code 
_pdbx_struct_conn_angle.ptnr2_symmetry 
_pdbx_struct_conn_angle.ptnr3_label_atom_id 
_pdbx_struct_conn_angle.ptnr3_label_alt_id 
_pdbx_struct_conn_angle.ptnr3_label_asym_id 
_pdbx_struct_conn_angle.ptnr3_label_comp_id 
_pdbx_struct_conn_angle.ptnr3_label_seq_id 
_pdbx_struct_conn_angle.ptnr3_auth_atom_id 
_pdbx_struct_conn_angle.ptnr3_auth_asym_id 
_pdbx_struct_conn_angle.ptnr3_auth_comp_id 
_pdbx_struct_conn_angle.ptnr3_auth_seq_id 
_pdbx_struct_conn_angle.ptnr3_PDB_ins_code 
_pdbx_struct_conn_angle.ptnr3_symmetry 
_pdbx_struct_conn_angle.value 
_pdbx_struct_conn_angle.value_esd 
1  O ? D HOH . ? A HOH 211 ? 1_555 MG ? C MG . ? A MG 101 ? 1_555 O ? D HOH . ? A HOH 215 ? 1_555 86.5  ? 
2  O ? D HOH . ? A HOH 211 ? 1_555 MG ? C MG . ? A MG 101 ? 1_555 O ? D HOH . ? A HOH 238 ? 1_555 92.2  ? 
3  O ? D HOH . ? A HOH 215 ? 1_555 MG ? C MG . ? A MG 101 ? 1_555 O ? D HOH . ? A HOH 238 ? 1_555 92.7  ? 
4  O ? D HOH . ? A HOH 211 ? 1_555 MG ? C MG . ? A MG 101 ? 1_555 O ? E HOH . ? B HOH 109 ? 1_555 84.7  ? 
5  O ? D HOH . ? A HOH 215 ? 1_555 MG ? C MG . ? A MG 101 ? 1_555 O ? E HOH . ? B HOH 109 ? 1_555 92.7  ? 
6  O ? D HOH . ? A HOH 238 ? 1_555 MG ? C MG . ? A MG 101 ? 1_555 O ? E HOH . ? B HOH 109 ? 1_555 173.6 ? 
7  O ? D HOH . ? A HOH 211 ? 1_555 MG ? C MG . ? A MG 101 ? 1_555 O ? E HOH . ? B HOH 143 ? 1_555 89.5  ? 
8  O ? D HOH . ? A HOH 215 ? 1_555 MG ? C MG . ? A MG 101 ? 1_555 O ? E HOH . ? B HOH 143 ? 1_555 176.0 ? 
9  O ? D HOH . ? A HOH 238 ? 1_555 MG ? C MG . ? A MG 101 ? 1_555 O ? E HOH . ? B HOH 143 ? 1_555 87.0  ? 
10 O ? E HOH . ? B HOH 109 ? 1_555 MG ? C MG . ? A MG 101 ? 1_555 O ? E HOH . ? B HOH 143 ? 1_555 87.4  ? 
11 O ? D HOH . ? A HOH 211 ? 1_555 MG ? C MG . ? A MG 101 ? 1_555 O ? E HOH . ? B HOH 145 ? 1_555 175.4 ? 
12 O ? D HOH . ? A HOH 215 ? 1_555 MG ? C MG . ? A MG 101 ? 1_555 O ? E HOH . ? B HOH 145 ? 1_555 92.8  ? 
13 O ? D HOH . ? A HOH 238 ? 1_555 MG ? C MG . ? A MG 101 ? 1_555 O ? E HOH . ? B HOH 145 ? 1_555 92.3  ? 
14 O ? E HOH . ? B HOH 109 ? 1_555 MG ? C MG . ? A MG 101 ? 1_555 O ? E HOH . ? B HOH 145 ? 1_555 90.8  ? 
15 O ? E HOH . ? B HOH 143 ? 1_555 MG ? C MG . ? A MG 101 ? 1_555 O ? E HOH . ? B HOH 145 ? 1_555 91.3  ? 
# 
loop_
_pdbx_audit_revision_history.ordinal 
_pdbx_audit_revision_history.data_content_type 
_pdbx_audit_revision_history.major_revision 
_pdbx_audit_revision_history.minor_revision 
_pdbx_audit_revision_history.revision_date 
1 'Structure model' 1 0 2016-07-20 
2 'Structure model' 1 1 2023-09-27 
# 
_pdbx_audit_revision_details.ordinal             1 
_pdbx_audit_revision_details.revision_ordinal    1 
_pdbx_audit_revision_details.data_content_type   'Structure model' 
_pdbx_audit_revision_details.provider            repository 
_pdbx_audit_revision_details.type                'Initial release' 
_pdbx_audit_revision_details.description         ? 
_pdbx_audit_revision_details.details             ? 
# 
loop_
_pdbx_audit_revision_group.ordinal 
_pdbx_audit_revision_group.revision_ordinal 
_pdbx_audit_revision_group.data_content_type 
_pdbx_audit_revision_group.group 
1 2 'Structure model' 'Data collection'        
2 2 'Structure model' 'Database references'    
3 2 'Structure model' 'Derived calculations'   
4 2 'Structure model' 'Refinement description' 
# 
loop_
_pdbx_audit_revision_category.ordinal 
_pdbx_audit_revision_category.revision_ordinal 
_pdbx_audit_revision_category.data_content_type 
_pdbx_audit_revision_category.category 
1 2 'Structure model' chem_comp_atom                
2 2 'Structure model' chem_comp_bond                
3 2 'Structure model' database_2                    
4 2 'Structure model' pdbx_initial_refinement_model 
5 2 'Structure model' pdbx_struct_oper_list         
6 2 'Structure model' struct_ncs_dom_lim            
# 
loop_
_pdbx_audit_revision_item.ordinal 
_pdbx_audit_revision_item.revision_ordinal 
_pdbx_audit_revision_item.data_content_type 
_pdbx_audit_revision_item.item 
1  2 'Structure model' '_database_2.pdbx_DOI'                      
2  2 'Structure model' '_database_2.pdbx_database_accession'       
3  2 'Structure model' '_pdbx_struct_oper_list.symmetry_operation' 
4  2 'Structure model' '_struct_ncs_dom_lim.beg_auth_comp_id'      
5  2 'Structure model' '_struct_ncs_dom_lim.beg_label_asym_id'     
6  2 'Structure model' '_struct_ncs_dom_lim.beg_label_comp_id'     
7  2 'Structure model' '_struct_ncs_dom_lim.beg_label_seq_id'      
8  2 'Structure model' '_struct_ncs_dom_lim.end_auth_comp_id'      
9  2 'Structure model' '_struct_ncs_dom_lim.end_label_asym_id'     
10 2 'Structure model' '_struct_ncs_dom_lim.end_label_comp_id'     
11 2 'Structure model' '_struct_ncs_dom_lim.end_label_seq_id'      
# 
loop_
_software.citation_id 
_software.classification 
_software.compiler_name 
_software.compiler_version 
_software.contact_author 
_software.contact_author_email 
_software.date 
_software.description 
_software.dependencies 
_software.hardware 
_software.language 
_software.location 
_software.mods 
_software.name 
_software.os 
_software.os_version 
_software.type 
_software.version 
_software.pdbx_ordinal 
? refinement       ? ? ? ? ? ? ? ? ? ? ? REFMAC   ? ? ? 5.7.0029 1 
? 'data reduction' ? ? ? ? ? ? ? ? ? ? ? HKL-2000 ? ? ? .        2 
? 'data scaling'   ? ? ? ? ? ? ? ? ? ? ? HKL-2000 ? ? ? .        3 
? phasing          ? ? ? ? ? ? ? ? ? ? ? PHASER   ? ? ? .        4 
# 
_pdbx_validate_rmsd_angle.id                         1 
_pdbx_validate_rmsd_angle.PDB_model_num              1 
_pdbx_validate_rmsd_angle.auth_atom_id_1             "C5'" 
_pdbx_validate_rmsd_angle.auth_asym_id_1             B 
_pdbx_validate_rmsd_angle.auth_comp_id_1             DC 
_pdbx_validate_rmsd_angle.auth_seq_id_1              13 
_pdbx_validate_rmsd_angle.PDB_ins_code_1             ? 
_pdbx_validate_rmsd_angle.label_alt_id_1             ? 
_pdbx_validate_rmsd_angle.auth_atom_id_2             "C4'" 
_pdbx_validate_rmsd_angle.auth_asym_id_2             B 
_pdbx_validate_rmsd_angle.auth_comp_id_2             DC 
_pdbx_validate_rmsd_angle.auth_seq_id_2              13 
_pdbx_validate_rmsd_angle.PDB_ins_code_2             ? 
_pdbx_validate_rmsd_angle.label_alt_id_2             ? 
_pdbx_validate_rmsd_angle.auth_atom_id_3             "O4'" 
_pdbx_validate_rmsd_angle.auth_asym_id_3             B 
_pdbx_validate_rmsd_angle.auth_comp_id_3             DC 
_pdbx_validate_rmsd_angle.auth_seq_id_3              13 
_pdbx_validate_rmsd_angle.PDB_ins_code_3             ? 
_pdbx_validate_rmsd_angle.label_alt_id_3             ? 
_pdbx_validate_rmsd_angle.angle_value                119.49 
_pdbx_validate_rmsd_angle.angle_target_value         109.80 
_pdbx_validate_rmsd_angle.angle_deviation            9.69 
_pdbx_validate_rmsd_angle.angle_standard_deviation   1.10 
_pdbx_validate_rmsd_angle.linker_flag                N 
# 
loop_
_chem_comp_atom.comp_id 
_chem_comp_atom.atom_id 
_chem_comp_atom.type_symbol 
_chem_comp_atom.pdbx_aromatic_flag 
_chem_comp_atom.pdbx_stereo_config 
_chem_comp_atom.pdbx_ordinal 
5HC P      P  N N 1   
5HC OP1    O  N N 2   
5HC OP2    O  N N 3   
5HC "O5'"  O  N N 4   
5HC "C5'"  C  N N 5   
5HC "C4'"  C  N R 6   
5HC "O4'"  O  N N 7   
5HC "C3'"  C  N S 8   
5HC "O3'"  O  N N 9   
5HC "C2'"  C  N N 10  
5HC "C1'"  C  N R 11  
5HC N1     N  N N 12  
5HC C2     C  N N 13  
5HC O2     O  N N 14  
5HC N3     N  N N 15  
5HC C4     C  N N 16  
5HC N4     N  N N 17  
5HC C5     C  N N 18  
5HC C5M    C  N N 19  
5HC O5     O  N N 20  
5HC C6     C  N N 21  
5HC OP3    O  N N 22  
5HC HOP2   H  N N 23  
5HC "H5'"  H  N N 24  
5HC "H5''" H  N N 25  
5HC H4     H  N N 26  
5HC "H3'"  H  N N 27  
5HC "HO3'" H  N N 28  
5HC "H2'"  H  N N 29  
5HC "H2''" H  N N 30  
5HC "H1'"  H  N N 31  
5HC HN41   H  N N 32  
5HC HN42   H  N N 33  
5HC H5M2   H  N N 34  
5HC H5M1   H  N N 35  
5HC HO5    H  N N 36  
5HC H6     H  N N 37  
5HC HOP3   H  N N 38  
DA  OP3    O  N N 39  
DA  P      P  N N 40  
DA  OP1    O  N N 41  
DA  OP2    O  N N 42  
DA  "O5'"  O  N N 43  
DA  "C5'"  C  N N 44  
DA  "C4'"  C  N R 45  
DA  "O4'"  O  N N 46  
DA  "C3'"  C  N S 47  
DA  "O3'"  O  N N 48  
DA  "C2'"  C  N N 49  
DA  "C1'"  C  N R 50  
DA  N9     N  Y N 51  
DA  C8     C  Y N 52  
DA  N7     N  Y N 53  
DA  C5     C  Y N 54  
DA  C6     C  Y N 55  
DA  N6     N  N N 56  
DA  N1     N  Y N 57  
DA  C2     C  Y N 58  
DA  N3     N  Y N 59  
DA  C4     C  Y N 60  
DA  HOP3   H  N N 61  
DA  HOP2   H  N N 62  
DA  "H5'"  H  N N 63  
DA  "H5''" H  N N 64  
DA  "H4'"  H  N N 65  
DA  "H3'"  H  N N 66  
DA  "HO3'" H  N N 67  
DA  "H2'"  H  N N 68  
DA  "H2''" H  N N 69  
DA  "H1'"  H  N N 70  
DA  H8     H  N N 71  
DA  H61    H  N N 72  
DA  H62    H  N N 73  
DA  H2     H  N N 74  
DC  OP3    O  N N 75  
DC  P      P  N N 76  
DC  OP1    O  N N 77  
DC  OP2    O  N N 78  
DC  "O5'"  O  N N 79  
DC  "C5'"  C  N N 80  
DC  "C4'"  C  N R 81  
DC  "O4'"  O  N N 82  
DC  "C3'"  C  N S 83  
DC  "O3'"  O  N N 84  
DC  "C2'"  C  N N 85  
DC  "C1'"  C  N R 86  
DC  N1     N  N N 87  
DC  C2     C  N N 88  
DC  O2     O  N N 89  
DC  N3     N  N N 90  
DC  C4     C  N N 91  
DC  N4     N  N N 92  
DC  C5     C  N N 93  
DC  C6     C  N N 94  
DC  HOP3   H  N N 95  
DC  HOP2   H  N N 96  
DC  "H5'"  H  N N 97  
DC  "H5''" H  N N 98  
DC  "H4'"  H  N N 99  
DC  "H3'"  H  N N 100 
DC  "HO3'" H  N N 101 
DC  "H2'"  H  N N 102 
DC  "H2''" H  N N 103 
DC  "H1'"  H  N N 104 
DC  H41    H  N N 105 
DC  H42    H  N N 106 
DC  H5     H  N N 107 
DC  H6     H  N N 108 
DG  OP3    O  N N 109 
DG  P      P  N N 110 
DG  OP1    O  N N 111 
DG  OP2    O  N N 112 
DG  "O5'"  O  N N 113 
DG  "C5'"  C  N N 114 
DG  "C4'"  C  N R 115 
DG  "O4'"  O  N N 116 
DG  "C3'"  C  N S 117 
DG  "O3'"  O  N N 118 
DG  "C2'"  C  N N 119 
DG  "C1'"  C  N R 120 
DG  N9     N  Y N 121 
DG  C8     C  Y N 122 
DG  N7     N  Y N 123 
DG  C5     C  Y N 124 
DG  C6     C  N N 125 
DG  O6     O  N N 126 
DG  N1     N  N N 127 
DG  C2     C  N N 128 
DG  N2     N  N N 129 
DG  N3     N  N N 130 
DG  C4     C  Y N 131 
DG  HOP3   H  N N 132 
DG  HOP2   H  N N 133 
DG  "H5'"  H  N N 134 
DG  "H5''" H  N N 135 
DG  "H4'"  H  N N 136 
DG  "H3'"  H  N N 137 
DG  "HO3'" H  N N 138 
DG  "H2'"  H  N N 139 
DG  "H2''" H  N N 140 
DG  "H1'"  H  N N 141 
DG  H8     H  N N 142 
DG  H1     H  N N 143 
DG  H21    H  N N 144 
DG  H22    H  N N 145 
DT  OP3    O  N N 146 
DT  P      P  N N 147 
DT  OP1    O  N N 148 
DT  OP2    O  N N 149 
DT  "O5'"  O  N N 150 
DT  "C5'"  C  N N 151 
DT  "C4'"  C  N R 152 
DT  "O4'"  O  N N 153 
DT  "C3'"  C  N S 154 
DT  "O3'"  O  N N 155 
DT  "C2'"  C  N N 156 
DT  "C1'"  C  N R 157 
DT  N1     N  N N 158 
DT  C2     C  N N 159 
DT  O2     O  N N 160 
DT  N3     N  N N 161 
DT  C4     C  N N 162 
DT  O4     O  N N 163 
DT  C5     C  N N 164 
DT  C7     C  N N 165 
DT  C6     C  N N 166 
DT  HOP3   H  N N 167 
DT  HOP2   H  N N 168 
DT  "H5'"  H  N N 169 
DT  "H5''" H  N N 170 
DT  "H4'"  H  N N 171 
DT  "H3'"  H  N N 172 
DT  "HO3'" H  N N 173 
DT  "H2'"  H  N N 174 
DT  "H2''" H  N N 175 
DT  "H1'"  H  N N 176 
DT  H3     H  N N 177 
DT  H71    H  N N 178 
DT  H72    H  N N 179 
DT  H73    H  N N 180 
DT  H6     H  N N 181 
HOH O      O  N N 182 
HOH H1     H  N N 183 
HOH H2     H  N N 184 
MG  MG     MG N N 185 
# 
loop_
_chem_comp_bond.comp_id 
_chem_comp_bond.atom_id_1 
_chem_comp_bond.atom_id_2 
_chem_comp_bond.value_order 
_chem_comp_bond.pdbx_aromatic_flag 
_chem_comp_bond.pdbx_stereo_config 
_chem_comp_bond.pdbx_ordinal 
5HC "O4'" "C4'"  sing N N 1   
5HC "O4'" "C1'"  sing N N 2   
5HC "C4'" "C5'"  sing N N 3   
5HC "C4'" "C3'"  sing N N 4   
5HC O2    C2     doub N N 5   
5HC "C1'" N1     sing N N 6   
5HC "C1'" "C2'"  sing N N 7   
5HC "C5'" "O5'"  sing N N 8   
5HC C2    N1     sing N N 9   
5HC C2    N3     sing N N 10  
5HC N1    C6     sing N N 11  
5HC N3    C4     doub N N 12  
5HC "O5'" P      sing N N 13  
5HC "C2'" "C3'"  sing N N 14  
5HC C6    C5     doub N N 15  
5HC "C3'" "O3'"  sing N N 16  
5HC P     OP1    doub N N 17  
5HC P     OP2    sing N N 18  
5HC C4    C5     sing N N 19  
5HC C4    N4     sing N N 20  
5HC C5    C5M    sing N N 21  
5HC C5M   O5     sing N N 22  
5HC P     OP3    sing N N 23  
5HC OP2   HOP2   sing N N 24  
5HC "C5'" "H5'"  sing N N 25  
5HC "C5'" "H5''" sing N N 26  
5HC "C4'" H4     sing N N 27  
5HC "C3'" "H3'"  sing N N 28  
5HC "O3'" "HO3'" sing N N 29  
5HC "C2'" "H2'"  sing N N 30  
5HC "C2'" "H2''" sing N N 31  
5HC "C1'" "H1'"  sing N N 32  
5HC N4    HN41   sing N N 33  
5HC N4    HN42   sing N N 34  
5HC C5M   H5M2   sing N N 35  
5HC C5M   H5M1   sing N N 36  
5HC O5    HO5    sing N N 37  
5HC C6    H6     sing N N 38  
5HC OP3   HOP3   sing N N 39  
DA  OP3   P      sing N N 40  
DA  OP3   HOP3   sing N N 41  
DA  P     OP1    doub N N 42  
DA  P     OP2    sing N N 43  
DA  P     "O5'"  sing N N 44  
DA  OP2   HOP2   sing N N 45  
DA  "O5'" "C5'"  sing N N 46  
DA  "C5'" "C4'"  sing N N 47  
DA  "C5'" "H5'"  sing N N 48  
DA  "C5'" "H5''" sing N N 49  
DA  "C4'" "O4'"  sing N N 50  
DA  "C4'" "C3'"  sing N N 51  
DA  "C4'" "H4'"  sing N N 52  
DA  "O4'" "C1'"  sing N N 53  
DA  "C3'" "O3'"  sing N N 54  
DA  "C3'" "C2'"  sing N N 55  
DA  "C3'" "H3'"  sing N N 56  
DA  "O3'" "HO3'" sing N N 57  
DA  "C2'" "C1'"  sing N N 58  
DA  "C2'" "H2'"  sing N N 59  
DA  "C2'" "H2''" sing N N 60  
DA  "C1'" N9     sing N N 61  
DA  "C1'" "H1'"  sing N N 62  
DA  N9    C8     sing Y N 63  
DA  N9    C4     sing Y N 64  
DA  C8    N7     doub Y N 65  
DA  C8    H8     sing N N 66  
DA  N7    C5     sing Y N 67  
DA  C5    C6     sing Y N 68  
DA  C5    C4     doub Y N 69  
DA  C6    N6     sing N N 70  
DA  C6    N1     doub Y N 71  
DA  N6    H61    sing N N 72  
DA  N6    H62    sing N N 73  
DA  N1    C2     sing Y N 74  
DA  C2    N3     doub Y N 75  
DA  C2    H2     sing N N 76  
DA  N3    C4     sing Y N 77  
DC  OP3   P      sing N N 78  
DC  OP3   HOP3   sing N N 79  
DC  P     OP1    doub N N 80  
DC  P     OP2    sing N N 81  
DC  P     "O5'"  sing N N 82  
DC  OP2   HOP2   sing N N 83  
DC  "O5'" "C5'"  sing N N 84  
DC  "C5'" "C4'"  sing N N 85  
DC  "C5'" "H5'"  sing N N 86  
DC  "C5'" "H5''" sing N N 87  
DC  "C4'" "O4'"  sing N N 88  
DC  "C4'" "C3'"  sing N N 89  
DC  "C4'" "H4'"  sing N N 90  
DC  "O4'" "C1'"  sing N N 91  
DC  "C3'" "O3'"  sing N N 92  
DC  "C3'" "C2'"  sing N N 93  
DC  "C3'" "H3'"  sing N N 94  
DC  "O3'" "HO3'" sing N N 95  
DC  "C2'" "C1'"  sing N N 96  
DC  "C2'" "H2'"  sing N N 97  
DC  "C2'" "H2''" sing N N 98  
DC  "C1'" N1     sing N N 99  
DC  "C1'" "H1'"  sing N N 100 
DC  N1    C2     sing N N 101 
DC  N1    C6     sing N N 102 
DC  C2    O2     doub N N 103 
DC  C2    N3     sing N N 104 
DC  N3    C4     doub N N 105 
DC  C4    N4     sing N N 106 
DC  C4    C5     sing N N 107 
DC  N4    H41    sing N N 108 
DC  N4    H42    sing N N 109 
DC  C5    C6     doub N N 110 
DC  C5    H5     sing N N 111 
DC  C6    H6     sing N N 112 
DG  OP3   P      sing N N 113 
DG  OP3   HOP3   sing N N 114 
DG  P     OP1    doub N N 115 
DG  P     OP2    sing N N 116 
DG  P     "O5'"  sing N N 117 
DG  OP2   HOP2   sing N N 118 
DG  "O5'" "C5'"  sing N N 119 
DG  "C5'" "C4'"  sing N N 120 
DG  "C5'" "H5'"  sing N N 121 
DG  "C5'" "H5''" sing N N 122 
DG  "C4'" "O4'"  sing N N 123 
DG  "C4'" "C3'"  sing N N 124 
DG  "C4'" "H4'"  sing N N 125 
DG  "O4'" "C1'"  sing N N 126 
DG  "C3'" "O3'"  sing N N 127 
DG  "C3'" "C2'"  sing N N 128 
DG  "C3'" "H3'"  sing N N 129 
DG  "O3'" "HO3'" sing N N 130 
DG  "C2'" "C1'"  sing N N 131 
DG  "C2'" "H2'"  sing N N 132 
DG  "C2'" "H2''" sing N N 133 
DG  "C1'" N9     sing N N 134 
DG  "C1'" "H1'"  sing N N 135 
DG  N9    C8     sing Y N 136 
DG  N9    C4     sing Y N 137 
DG  C8    N7     doub Y N 138 
DG  C8    H8     sing N N 139 
DG  N7    C5     sing Y N 140 
DG  C5    C6     sing N N 141 
DG  C5    C4     doub Y N 142 
DG  C6    O6     doub N N 143 
DG  C6    N1     sing N N 144 
DG  N1    C2     sing N N 145 
DG  N1    H1     sing N N 146 
DG  C2    N2     sing N N 147 
DG  C2    N3     doub N N 148 
DG  N2    H21    sing N N 149 
DG  N2    H22    sing N N 150 
DG  N3    C4     sing N N 151 
DT  OP3   P      sing N N 152 
DT  OP3   HOP3   sing N N 153 
DT  P     OP1    doub N N 154 
DT  P     OP2    sing N N 155 
DT  P     "O5'"  sing N N 156 
DT  OP2   HOP2   sing N N 157 
DT  "O5'" "C5'"  sing N N 158 
DT  "C5'" "C4'"  sing N N 159 
DT  "C5'" "H5'"  sing N N 160 
DT  "C5'" "H5''" sing N N 161 
DT  "C4'" "O4'"  sing N N 162 
DT  "C4'" "C3'"  sing N N 163 
DT  "C4'" "H4'"  sing N N 164 
DT  "O4'" "C1'"  sing N N 165 
DT  "C3'" "O3'"  sing N N 166 
DT  "C3'" "C2'"  sing N N 167 
DT  "C3'" "H3'"  sing N N 168 
DT  "O3'" "HO3'" sing N N 169 
DT  "C2'" "C1'"  sing N N 170 
DT  "C2'" "H2'"  sing N N 171 
DT  "C2'" "H2''" sing N N 172 
DT  "C1'" N1     sing N N 173 
DT  "C1'" "H1'"  sing N N 174 
DT  N1    C2     sing N N 175 
DT  N1    C6     sing N N 176 
DT  C2    O2     doub N N 177 
DT  C2    N3     sing N N 178 
DT  N3    C4     sing N N 179 
DT  N3    H3     sing N N 180 
DT  C4    O4     doub N N 181 
DT  C4    C5     sing N N 182 
DT  C5    C7     sing N N 183 
DT  C5    C6     doub N N 184 
DT  C7    H71    sing N N 185 
DT  C7    H72    sing N N 186 
DT  C7    H73    sing N N 187 
DT  C6    H6     sing N N 188 
HOH O     H1     sing N N 189 
HOH O     H2     sing N N 190 
# 
loop_
_ndb_struct_conf_na.entry_id 
_ndb_struct_conf_na.feature 
5CJY 'double helix'        
5CJY 'b-form double helix' 
# 
loop_
_ndb_struct_na_base_pair.model_number 
_ndb_struct_na_base_pair.i_label_asym_id 
_ndb_struct_na_base_pair.i_label_comp_id 
_ndb_struct_na_base_pair.i_label_seq_id 
_ndb_struct_na_base_pair.i_symmetry 
_ndb_struct_na_base_pair.j_label_asym_id 
_ndb_struct_na_base_pair.j_label_comp_id 
_ndb_struct_na_base_pair.j_label_seq_id 
_ndb_struct_na_base_pair.j_symmetry 
_ndb_struct_na_base_pair.shear 
_ndb_struct_na_base_pair.stretch 
_ndb_struct_na_base_pair.stagger 
_ndb_struct_na_base_pair.buckle 
_ndb_struct_na_base_pair.propeller 
_ndb_struct_na_base_pair.opening 
_ndb_struct_na_base_pair.pair_number 
_ndb_struct_na_base_pair.pair_name 
_ndb_struct_na_base_pair.i_auth_asym_id 
_ndb_struct_na_base_pair.i_auth_seq_id 
_ndb_struct_na_base_pair.i_PDB_ins_code 
_ndb_struct_na_base_pair.j_auth_asym_id 
_ndb_struct_na_base_pair.j_auth_seq_id 
_ndb_struct_na_base_pair.j_PDB_ins_code 
_ndb_struct_na_base_pair.hbond_type_28 
_ndb_struct_na_base_pair.hbond_type_12 
1 A DC  1  1_555 B DG  12 1_555 0.168  -0.142 0.167 1.120   -12.619 -1.294 1  A_DC1:DG24_B   A 1  ? B 24 ? 19 1 
1 A DG  2  1_555 B DC  11 1_555 -0.394 -0.266 0.480 2.893   -13.417 -3.015 2  A_DG2:DC23_B   A 2  ? B 23 ? 19 1 
1 A 5HC 3  1_555 B DG  10 1_555 0.212  -0.093 0.333 -7.470  -5.239  1.195  3  A_5HC3:DG22_B  A 3  ? B 22 ? 19 1 
1 A DG  4  1_555 B DC  9  1_555 -0.148 -0.099 0.137 13.577  -6.468  -0.112 4  A_DG4:DC21_B   A 4  ? B 21 ? 19 1 
1 A DA  5  1_555 B DT  8  1_555 0.022  -0.066 0.156 6.960   -17.519 4.458  5  A_DA5:DT20_B   A 5  ? B 20 ? 20 1 
1 A DA  6  1_555 B DT  7  1_555 0.015  -0.128 0.160 1.700   -17.976 4.075  6  A_DA6:DT19_B   A 6  ? B 19 ? 20 1 
1 A DT  7  1_555 B DA  6  1_555 -0.023 -0.082 0.135 -1.765  -16.565 4.027  7  A_DT7:DA18_B   A 7  ? B 18 ? 20 1 
1 A DT  8  1_555 B DA  5  1_555 -0.054 -0.146 0.045 -4.289  -15.503 3.078  8  A_DT8:DA17_B   A 8  ? B 17 ? 20 1 
1 A DC  9  1_555 B DG  4  1_555 0.267  -0.110 0.113 -15.080 -9.983  -1.522 9  A_DC9:DG16_B   A 9  ? B 16 ? 19 1 
1 A DG  10 1_555 B 5HC 3  1_555 -0.091 -0.118 0.347 7.363   -2.351  2.734  10 A_DG10:5HC15_B A 10 ? B 15 ? 19 1 
1 A DC  11 1_555 B DG  2  1_555 0.168  -0.206 0.486 -0.834  -17.553 -3.727 11 A_DC11:DG14_B  A 11 ? B 14 ? 19 1 
1 A DG  12 1_555 B DC  1  1_555 -0.108 -0.126 0.597 5.598   -7.163  -2.809 12 A_DG12:DC13_B  A 12 ? B 13 ? 19 1 
# 
loop_
_ndb_struct_na_base_pair_step.model_number 
_ndb_struct_na_base_pair_step.i_label_asym_id_1 
_ndb_struct_na_base_pair_step.i_label_comp_id_1 
_ndb_struct_na_base_pair_step.i_label_seq_id_1 
_ndb_struct_na_base_pair_step.i_symmetry_1 
_ndb_struct_na_base_pair_step.j_label_asym_id_1 
_ndb_struct_na_base_pair_step.j_label_comp_id_1 
_ndb_struct_na_base_pair_step.j_label_seq_id_1 
_ndb_struct_na_base_pair_step.j_symmetry_1 
_ndb_struct_na_base_pair_step.i_label_asym_id_2 
_ndb_struct_na_base_pair_step.i_label_comp_id_2 
_ndb_struct_na_base_pair_step.i_label_seq_id_2 
_ndb_struct_na_base_pair_step.i_symmetry_2 
_ndb_struct_na_base_pair_step.j_label_asym_id_2 
_ndb_struct_na_base_pair_step.j_label_comp_id_2 
_ndb_struct_na_base_pair_step.j_label_seq_id_2 
_ndb_struct_na_base_pair_step.j_symmetry_2 
_ndb_struct_na_base_pair_step.shift 
_ndb_struct_na_base_pair_step.slide 
_ndb_struct_na_base_pair_step.rise 
_ndb_struct_na_base_pair_step.tilt 
_ndb_struct_na_base_pair_step.roll 
_ndb_struct_na_base_pair_step.twist 
_ndb_struct_na_base_pair_step.x_displacement 
_ndb_struct_na_base_pair_step.y_displacement 
_ndb_struct_na_base_pair_step.helical_rise 
_ndb_struct_na_base_pair_step.inclination 
_ndb_struct_na_base_pair_step.tip 
_ndb_struct_na_base_pair_step.helical_twist 
_ndb_struct_na_base_pair_step.step_number 
_ndb_struct_na_base_pair_step.step_name 
_ndb_struct_na_base_pair_step.i_auth_asym_id_1 
_ndb_struct_na_base_pair_step.i_auth_seq_id_1 
_ndb_struct_na_base_pair_step.i_PDB_ins_code_1 
_ndb_struct_na_base_pair_step.j_auth_asym_id_1 
_ndb_struct_na_base_pair_step.j_auth_seq_id_1 
_ndb_struct_na_base_pair_step.j_PDB_ins_code_1 
_ndb_struct_na_base_pair_step.i_auth_asym_id_2 
_ndb_struct_na_base_pair_step.i_auth_seq_id_2 
_ndb_struct_na_base_pair_step.i_PDB_ins_code_2 
_ndb_struct_na_base_pair_step.j_auth_asym_id_2 
_ndb_struct_na_base_pair_step.j_auth_seq_id_2 
_ndb_struct_na_base_pair_step.j_PDB_ins_code_2 
1 A DC  1  1_555 B DG  12 1_555 A DG  2  1_555 B DC  11 1_555 -0.481 0.010  3.260 -5.338 1.107   35.356 -0.145 0.007  3.295 1.810 
8.725  35.761 1  AA_DC1DG2:DC23DG24_BB    A 1  ? B 24 ? A 2  ? B 23 ? 
1 A DG  2  1_555 B DC  11 1_555 A 5HC 3  1_555 B DG  10 1_555 0.844  0.244  3.644 2.939  -7.231  41.740 1.158  -0.833 3.604 
-10.043 -4.082 42.432 2  AA_DG25HC3:DG22DC23_BB   A 2  ? B 23 ? A 3  ? B 22 ? 
1 A 5HC 3  1_555 B DG  10 1_555 A DG  4  1_555 B DC  9  1_555 -0.567 0.429  2.888 2.383  9.872   26.381 -1.191 1.662  2.802 20.682 
-4.992 28.235 3  AA_5HC3DG4:DC21DG22_BB   A 3  ? B 22 ? A 4  ? B 21 ? 
1 A DG  4  1_555 B DC  9  1_555 A DA  5  1_555 B DT  8  1_555 -0.191 -0.304 3.407 -1.621 2.333   36.759 -0.809 0.074  3.387 3.693 
2.566  36.865 4  AA_DG4DA5:DT20DC21_BB    A 4  ? B 21 ? A 5  ? B 20 ? 
1 A DA  5  1_555 B DT  8  1_555 A DA  6  1_555 B DT  7  1_555 -0.036 -0.371 3.301 -1.169 -1.172  36.755 -0.426 -0.103 3.311 -1.858 
1.853  36.791 5  AA_DA5DA6:DT19DT20_BB    A 5  ? B 20 ? A 6  ? B 19 ? 
1 A DA  6  1_555 B DT  7  1_555 A DT  7  1_555 B DA  6  1_555 0.009  -0.598 3.278 0.191  -2.344  33.088 -0.650 0.016  3.312 -4.109 
-0.334 33.169 6  AA_DA6DT7:DA18DT19_BB    A 6  ? B 19 ? A 7  ? B 18 ? 
1 A DT  7  1_555 B DA  6  1_555 A DT  8  1_555 B DA  5  1_555 -0.064 -0.385 3.242 1.306  -1.484  35.381 -0.416 0.295  3.251 -2.440 
-2.147 35.434 7  AA_DT7DT8:DA17DA18_BB    A 7  ? B 18 ? A 8  ? B 17 ? 
1 A DT  8  1_555 B DA  5  1_555 A DC  9  1_555 B DG  4  1_555 -0.165 -0.258 3.463 -0.122 -2.557  41.722 -0.077 0.218  3.472 -3.586 
0.172  41.797 8  AA_DT8DC9:DG16DA17_BB    A 8  ? B 17 ? A 9  ? B 16 ? 
1 A DC  9  1_555 B DG  4  1_555 A DG  10 1_555 B 5HC 3  1_555 0.713  0.543  2.898 -3.135 1.220   26.626 0.895  -2.246 2.819 2.635 
6.772  26.834 9  AA_DC9DG10:5HC15DG16_BB  A 9  ? B 16 ? A 10 ? B 15 ? 
1 A DG  10 1_555 B 5HC 3  1_555 A DC  11 1_555 B DG  2  1_555 -1.215 0.407  3.589 -2.816 -10.119 41.963 1.641  1.348  3.475 
-13.870 3.860  43.200 10 AA_DG10DC11:DG145HC15_BB A 10 ? B 15 ? A 11 ? B 14 ? 
1 A DC  11 1_555 B DG  2  1_555 A DG  12 1_555 B DC  1  1_555 0.540  0.275  3.164 2.365  1.317   34.667 0.265  -0.552 3.200 2.205 
-3.961 34.770 11 AA_DC11DG12:DC13DG14_BB  A 11 ? B 14 ? A 12 ? B 13 ? 
# 
loop_
_pdbx_entity_nonpoly.entity_id 
_pdbx_entity_nonpoly.name 
_pdbx_entity_nonpoly.comp_id 
2 'MAGNESIUM ION' MG  
3 water           HOH 
# 
_pdbx_initial_refinement_model.id               1 
_pdbx_initial_refinement_model.entity_id_list   ? 
_pdbx_initial_refinement_model.type             'experimental model' 
_pdbx_initial_refinement_model.source_name      PDB 
_pdbx_initial_refinement_model.accession_code   1BNA 
_pdbx_initial_refinement_model.details          ? 
# 
